data_4CEH
#
_entry.id   4CEH
#
_cell.length_a   77.373
_cell.length_b   96.766
_cell.length_c   109.693
_cell.angle_alpha   104.38
_cell.angle_beta   96.11
_cell.angle_gamma   90.03
#
_symmetry.space_group_name_H-M   'P 1'
#
loop_
_entity.id
_entity.type
_entity.pdbx_description
1 polymer 'ATP-DEPENDENT HELICASE/NUCLEASE SUBUNIT A'
2 polymer 'ATP-DEPENDENT HELICASE/DEOXYRIBONUCLEASE SUBUNIT B'
3 polymer DNA
4 non-polymer 'IRON/SULFUR CLUSTER'
#
loop_
_entity_poly.entity_id
_entity_poly.type
_entity_poly.pdbx_seq_one_letter_code
_entity_poly.pdbx_strand_id
1 'polypeptide(L)'
;MNIPKPADSTWTDDQWNAIVSTGQDILVAAAAGSGKTAVLVERMIRKITAEENPIDVDRLLVVTFTNASAAEMKHRIAEA
LEKELVQRPGSLHIRRQLSLLNRASISTLHSFCLQVLKKYYYLIDLDPGFRIADQTEGELIGDEVLDELFEDEYAKGEKA
FFELVDRYTTDRHDLDLQFLVKQVYEYSRSHPNPEAWLESFVHLYDVSEKSAIEELPFYQYVKEDIAMVLNGAKEKLLRA
LELTKAPGGPAPRADNFLDDLAQIDELIQHQDDFSELYKRVPAVSFKRAKAVKGDEFDPALLDEATDLRNGAKKLLEKLK
TDYFTRSPEQHLKSLAEMKPVIETLVQLVISYGKRFEAAKQEKSIIDFSDLEHYCLAILTAENDKGEREPSEAARFYQEQ
FHEVLVDEYQDTNLVQESILQLVTSGPEETGNLFMVGDVKQSIYRFRLAEPLLFLSKYKRFTESGEGTGRKIDLNKNFRS
RADILDSTNFLFKQLMGGKIGEVDYDEQAELKLGAAYPDNDETETELLLIDNAEDTDASEEAEELETVQFEAKAIAKEIR
KLISSPFKVYDGKKKTHRNIQYRDIVILLRSMPWAPQIMEELRAQGIPVYANLTSGYFEAVEVAVALSVLKVIDNPYQDI
PLASVLRSPIVGADENELSLIRLENKKAPYYEAMKDYLAAGDRSDELYQKLNTFYGHLQKWRAFSKNHSVSELIWEVYRD
TKYMDYVGGMPGGKQRQANLRVLYDRARQYESTAFRGLFRFLRFIERMQERGDDLGTARGLSEQEDVVRLMTIHSSKGLE
FPVVFVAGLGRNFNMMDLNKSYLLDKELGFGTKYIHPQLRISYPTLPLIAMKKKMRRELLSEELRVLYVALTRAKEKLFL
IGSCKDHQKQLAKWQASASQTDWLLPEFDRYQARTYLDFIGPALARHRDLGDLAGVPAHADISGHPARFAVQMIHSYDLL
DDDLEERMEEKSERLEAIRRGEPVPGSFAFDEKAREQLSWTYPHQEVTQIRTKQSVSEIKRKREYEDEYSGRAPVKPADG
SILYRRPAFMMKKGLTAAEKGTAMHTVMQHIPLSHVPSIEEAEQTVHRLYEKELLTEEQKDAIDIEEIVQFFHTEIGGQL
IGAKWKDREIPFSLALPAKEIYPDAHEADEPLLVQGIIDCLYETEDGLYLLAYKSDRIEGKFQHGFEGAAPILKKRYETQ
IQLYTKAVEQIAKTKVKGCALYFFDGGHILTL
;
A
2 'polypeptide(L)'
;MGAEFLVGRSGSGKTKLIINSIQDELRRAPFGKPIIFLVPDQMTFLMEYELAKTPDMGGMIRAQVFSFSRLAWRVLQHTG
GMSRPFLTSTGVQMLLRKLIEEHKQEFKVYQKASDKSGFTAQVERMLTEFKRYCLEPEDIRRMAESGTASEYRGERVLSE
KLHDLSILYQQMEKSLADQYLHSEDYLTLLAEHIPLAEDIKGAHIYVDGFYQFTPQEFRVLEQLMVHAEHITFSLTADKP
SYEREPHELELFRMTGKTYYRLHQKAKELNLDITYKELSGTERHTKTPELAHLEAQYEARPAIPYAEKQEALTVMQAANR
RAELEGIAREIHALVREKGYRYKDVAILARQPEDYKDMVKEVFADYEIPYFIDGKASMLNHPLIEFIRSSLDVLKGNWRY
EAVFRCVKTELLFPLNEPKAKVREQVDQLENYCIAYGIKGDRWTKGDRFQYRRFVSLDDDFAQTDQEIEMENMLNDTRDW
IVPPLFQLQKRMKKAKTVQEKAEALYRYLEETDVPLKLDQERQRAEDDGRIIEAQQHQQAWDAVIQLLEEFVEMMGDDEI
SLDLFQQMIEAGAESLTFSLIPPALDQVFVGNMDLSRMYGTSCTFVLGANDGVLPARPDENGVLSDDDREWLKTIGVELS
SGGRERLLDEHFLIYMAFSSPSDRLYVSYPIADAEGKTLLPSMIVKRLEELFPHHKERLLTNEPEQVSDEEQLMYVVNKS
VAQSFTASQLRLWTREYDISDVWWSTYNVLMSEQDRLQSKKLFSSLFFRNEVKQLERSVSRQLYGERIQGSVSRMETFNA
CPFSHFASHGLHLKERQFFKLEAPDIGQLFHSSLKLISDRLRDEKLDWRDLTKEQCELFSYDAVERLAPKLQKEILLSSN
RHYYVKEKLQKIVTRVSGILSEHAKASGFVPIGLELGFGGKGPLPPLTFQLKNGCTMELVGRIDRVDKAESSKGLLLRIV
AYKSSDKGLDLAEVYYGLALQMLTYLDLSITHSADWLGMRATPAGVLYFHIHDPMIQSNLPLGLDEIEQEIFKKFKMKGL
LLGDQEVVRLMDTTLQEGRSNIINAGLKKDGSLRSDSAAVGEKEFDLLTKHVRRTFQEAGEQITDGRVSIEPYKMKNKTP
CTYCAFKSVCQFDESLEENEYRPLKAEKDKTILEWIKKEADGNEHS
;
B
3 'polydeoxyribonucleotide'
;(DT)(DT)(DT)(DT)(DT)(DT)(DT)(DC)(DT)(DA)(DA)(DT)(DG)(DC)(DG)(DA)(DG)(DC)(DA)(DC)
(DT)(DG)(DC)(DT)(DA)(DT)(DT)(DC)(DC)(DC)(DT)(DA)(DG)(DC)(DA)(DG)(DT)(DG)(DC)(DT)
(DC)(DG)(DC)(DA)(DT)(DT)(DA)(DG)(DA)(DT)(DT)(DT)(DT)(DG)(DT)(DT)(DT)(DT)(DT)(DT)
(DA)(DG)(DC)(DG)(DG)
;
X
#
loop_
_chem_comp.id
_chem_comp.type
_chem_comp.name
_chem_comp.formula
DA DNA linking 2'-DEOXYADENOSINE-5'-MONOPHOSPHATE 'C10 H14 N5 O6 P'
DC DNA linking 2'-DEOXYCYTIDINE-5'-MONOPHOSPHATE 'C9 H14 N3 O7 P'
DG DNA linking 2'-DEOXYGUANOSINE-5'-MONOPHOSPHATE 'C10 H14 N5 O7 P'
DT DNA linking THYMIDINE-5'-MONOPHOSPHATE 'C10 H15 N2 O8 P'
SF4 non-polymer 'IRON/SULFUR CLUSTER' 'Fe4 S4'
#
# COMPACT_ATOMS: atom_id res chain seq x y z
N LYS A 5 8.70 -38.98 30.89
CA LYS A 5 9.64 -39.05 32.00
C LYS A 5 9.46 -37.86 32.95
N PRO A 6 9.40 -38.12 34.26
CA PRO A 6 9.25 -37.06 35.26
C PRO A 6 10.58 -36.53 35.78
N ALA A 7 10.67 -35.22 35.95
CA ALA A 7 11.85 -34.56 36.51
C ALA A 7 11.46 -33.18 37.03
N ASP A 8 12.35 -32.57 37.80
CA ASP A 8 12.05 -31.28 38.42
C ASP A 8 13.08 -30.20 38.10
N SER A 9 12.59 -29.06 37.61
CA SER A 9 13.45 -27.92 37.30
C SER A 9 12.62 -26.66 37.13
N THR A 10 12.18 -26.10 38.25
CA THR A 10 11.44 -24.83 38.32
C THR A 10 10.12 -24.76 37.52
N TRP A 11 9.76 -25.84 36.84
CA TRP A 11 8.49 -25.89 36.12
C TRP A 11 7.38 -26.36 37.04
N THR A 12 6.14 -26.06 36.67
CA THR A 12 4.99 -26.63 37.36
C THR A 12 4.68 -27.98 36.72
N ASP A 13 3.86 -28.77 37.39
CA ASP A 13 3.48 -30.09 36.88
C ASP A 13 2.73 -29.98 35.57
N ASP A 14 1.87 -28.97 35.47
CA ASP A 14 1.11 -28.72 34.25
C ASP A 14 2.02 -28.29 33.11
N GLN A 15 2.90 -27.33 33.39
CA GLN A 15 3.88 -26.90 32.41
C GLN A 15 4.74 -28.08 31.98
N TRP A 16 5.12 -28.89 32.97
CA TRP A 16 5.92 -30.09 32.71
C TRP A 16 5.20 -31.03 31.75
N ASN A 17 3.91 -31.20 31.96
CA ASN A 17 3.09 -32.01 31.06
C ASN A 17 3.09 -31.45 29.65
N ALA A 18 3.02 -30.13 29.55
CA ALA A 18 2.98 -29.46 28.25
C ALA A 18 4.31 -29.58 27.51
N ILE A 19 5.36 -29.85 28.25
CA ILE A 19 6.70 -29.93 27.68
C ILE A 19 7.04 -31.34 27.18
N VAL A 20 6.73 -32.35 28.01
CA VAL A 20 7.24 -33.70 27.80
C VAL A 20 6.25 -34.63 27.08
N SER A 21 4.96 -34.39 27.26
CA SER A 21 3.92 -35.28 26.75
C SER A 21 4.02 -35.49 25.24
N THR A 22 3.98 -36.75 24.81
CA THR A 22 4.08 -37.09 23.40
C THR A 22 3.27 -38.35 23.07
N GLY A 23 2.69 -38.38 21.87
CA GLY A 23 1.99 -39.56 21.40
C GLY A 23 0.60 -39.29 20.86
N GLN A 24 0.08 -38.10 21.15
CA GLN A 24 -1.27 -37.73 20.73
C GLN A 24 -1.40 -36.22 20.58
N ASP A 25 -2.53 -35.79 20.00
CA ASP A 25 -2.82 -34.37 19.89
C ASP A 25 -2.98 -33.75 21.28
N ILE A 26 -2.27 -32.68 21.54
CA ILE A 26 -2.30 -32.05 22.86
C ILE A 26 -2.84 -30.63 22.80
N LEU A 27 -3.83 -30.33 23.64
CA LEU A 27 -4.37 -28.99 23.74
C LEU A 27 -3.98 -28.37 25.07
N VAL A 28 -3.25 -27.25 25.01
CA VAL A 28 -2.81 -26.59 26.23
C VAL A 28 -3.57 -25.29 26.46
N ALA A 29 -4.40 -25.28 27.49
CA ALA A 29 -5.15 -24.07 27.85
C ALA A 29 -4.29 -23.15 28.71
N ALA A 30 -3.44 -22.36 28.06
CA ALA A 30 -2.57 -21.43 28.75
C ALA A 30 -3.31 -20.15 29.12
N ALA A 31 -3.41 -19.88 30.41
CA ALA A 31 -4.09 -18.68 30.90
C ALA A 31 -3.23 -17.46 30.68
N ALA A 32 -3.79 -16.28 30.96
CA ALA A 32 -3.03 -15.04 30.83
C ALA A 32 -1.97 -14.96 31.92
N GLY A 33 -0.71 -14.75 31.51
CA GLY A 33 0.38 -14.66 32.45
C GLY A 33 1.14 -15.97 32.58
N SER A 34 0.59 -17.03 31.97
CA SER A 34 1.27 -18.32 31.97
C SER A 34 2.43 -18.30 30.98
N GLY A 35 3.48 -19.04 31.28
CA GLY A 35 4.66 -19.09 30.43
C GLY A 35 4.49 -19.98 29.23
N LYS A 36 3.49 -19.68 28.41
CA LYS A 36 3.19 -20.48 27.21
C LYS A 36 4.36 -20.50 26.25
N THR A 37 5.00 -19.34 26.07
CA THR A 37 6.14 -19.23 25.16
C THR A 37 7.33 -20.02 25.67
N ALA A 38 7.65 -19.84 26.95
CA ALA A 38 8.77 -20.53 27.58
C ALA A 38 8.59 -22.04 27.55
N VAL A 39 7.37 -22.49 27.79
CA VAL A 39 7.04 -23.91 27.74
C VAL A 39 7.20 -24.44 26.31
N LEU A 40 6.66 -23.70 25.36
CA LEU A 40 6.72 -24.08 23.96
C LEU A 40 8.17 -24.19 23.49
N VAL A 41 8.98 -23.20 23.87
CA VAL A 41 10.40 -23.19 23.54
C VAL A 41 11.11 -24.41 24.12
N GLU A 42 10.97 -24.59 25.43
CA GLU A 42 11.61 -25.71 26.12
C GLU A 42 11.24 -27.06 25.51
N ARG A 43 9.96 -27.20 25.14
CA ARG A 43 9.47 -28.43 24.53
C ARG A 43 10.20 -28.71 23.23
N MET A 44 10.40 -27.65 22.44
CA MET A 44 11.12 -27.76 21.19
C MET A 44 12.60 -28.05 21.41
N ILE A 45 13.18 -27.36 22.38
CA ILE A 45 14.60 -27.52 22.68
C ILE A 45 14.95 -28.97 23.01
N ARG A 46 14.10 -29.61 23.81
CA ARG A 46 14.33 -30.99 24.21
C ARG A 46 14.36 -31.94 23.01
N LYS A 47 13.41 -31.76 22.09
CA LYS A 47 13.37 -32.55 20.88
C LYS A 47 14.58 -32.25 20.00
N ILE A 48 14.99 -30.99 19.97
CA ILE A 48 16.11 -30.54 19.16
C ILE A 48 17.44 -30.90 19.82
N THR A 49 17.53 -30.69 21.14
CA THR A 49 18.76 -30.96 21.87
C THR A 49 18.62 -32.15 22.82
N ALA A 50 18.33 -33.32 22.26
CA ALA A 50 18.26 -34.55 23.04
C ALA A 50 19.55 -35.36 22.86
N GLU A 51 19.74 -36.35 23.71
CA GLU A 51 20.96 -37.16 23.66
C GLU A 51 20.71 -38.53 23.01
N GLU A 52 19.51 -39.06 23.22
CA GLU A 52 19.20 -40.42 22.77
C GLU A 52 18.96 -40.50 21.27
N ASN A 53 18.08 -39.66 20.75
CA ASN A 53 17.74 -39.67 19.33
C ASN A 53 17.13 -38.34 18.92
N PRO A 54 17.98 -37.30 18.80
CA PRO A 54 17.51 -35.94 18.52
C PRO A 54 16.97 -35.77 17.12
N ILE A 55 16.10 -34.78 16.92
CA ILE A 55 15.55 -34.47 15.62
C ILE A 55 15.97 -33.07 15.17
N ASP A 56 16.11 -32.89 13.87
CA ASP A 56 16.44 -31.58 13.32
C ASP A 56 15.28 -30.60 13.48
N VAL A 57 15.59 -29.31 13.45
CA VAL A 57 14.58 -28.26 13.60
C VAL A 57 13.64 -28.20 12.40
N ASP A 58 14.17 -28.46 11.20
CA ASP A 58 13.39 -28.38 9.98
C ASP A 58 12.41 -29.55 9.85
N ARG A 59 12.33 -30.37 10.89
CA ARG A 59 11.37 -31.47 10.95
C ARG A 59 10.19 -31.07 11.82
N LEU A 60 10.09 -29.78 12.14
CA LEU A 60 9.00 -29.26 12.94
C LEU A 60 8.25 -28.16 12.20
N LEU A 61 7.07 -27.81 12.70
CA LEU A 61 6.27 -26.76 12.08
C LEU A 61 5.61 -25.89 13.15
N VAL A 62 6.09 -24.66 13.29
CA VAL A 62 5.56 -23.74 14.29
C VAL A 62 4.70 -22.66 13.64
N VAL A 63 3.43 -22.63 13.98
CA VAL A 63 2.49 -21.65 13.42
C VAL A 63 2.12 -20.59 14.45
N THR A 64 2.37 -19.34 14.12
CA THR A 64 2.07 -18.24 15.03
C THR A 64 1.02 -17.30 14.45
N PHE A 65 0.51 -16.41 15.30
CA PHE A 65 -0.47 -15.41 14.88
C PHE A 65 0.22 -14.26 14.18
N THR A 66 1.21 -13.68 14.85
CA THR A 66 1.97 -12.57 14.29
C THR A 66 3.41 -12.98 14.00
N ASN A 67 4.09 -12.19 13.17
CA ASN A 67 5.49 -12.45 12.85
C ASN A 67 6.40 -12.13 14.04
N ALA A 68 5.90 -11.29 14.95
CA ALA A 68 6.64 -10.94 16.16
C ALA A 68 6.87 -12.18 17.02
N SER A 69 5.83 -13.02 17.11
CA SER A 69 5.90 -14.22 17.92
C SER A 69 6.81 -15.28 17.30
N ALA A 70 6.83 -15.34 15.97
CA ALA A 70 7.69 -16.28 15.26
C ALA A 70 9.15 -15.87 15.41
N ALA A 71 9.41 -14.56 15.29
CA ALA A 71 10.76 -14.04 15.45
C ALA A 71 11.25 -14.23 16.88
N GLU A 72 10.36 -13.97 17.83
CA GLU A 72 10.68 -14.17 19.25
C GLU A 72 10.94 -15.63 19.52
N MET A 73 10.15 -16.50 18.90
CA MET A 73 10.35 -17.94 19.03
C MET A 73 11.74 -18.33 18.54
N LYS A 74 12.13 -17.81 17.38
CA LYS A 74 13.42 -18.08 16.77
C LYS A 74 14.59 -17.67 17.66
N HIS A 75 14.46 -16.52 18.32
CA HIS A 75 15.55 -15.97 19.12
C HIS A 75 15.70 -16.67 20.47
N ARG A 76 14.58 -17.06 21.06
CA ARG A 76 14.61 -17.75 22.34
C ARG A 76 15.14 -19.17 22.16
N ILE A 77 14.77 -19.78 21.04
CA ILE A 77 15.31 -21.07 20.65
C ILE A 77 16.81 -20.94 20.42
N ALA A 78 17.21 -19.85 19.77
CA ALA A 78 18.61 -19.59 19.49
C ALA A 78 19.40 -19.44 20.78
N GLU A 79 18.85 -18.73 21.75
CA GLU A 79 19.51 -18.54 23.03
C GLU A 79 19.68 -19.86 23.77
N ALA A 80 18.66 -20.71 23.68
CA ALA A 80 18.71 -22.02 24.32
C ALA A 80 19.75 -22.91 23.64
N LEU A 81 19.82 -22.83 22.31
CA LEU A 81 20.83 -23.56 21.56
C LEU A 81 22.22 -23.07 21.93
N GLU A 82 22.33 -21.78 22.24
CA GLU A 82 23.60 -21.19 22.68
C GLU A 82 24.02 -21.75 24.03
N LYS A 83 23.06 -21.86 24.94
CA LYS A 83 23.31 -22.41 26.27
C LYS A 83 23.77 -23.85 26.18
N GLU A 84 23.04 -24.63 25.37
CA GLU A 84 23.38 -26.03 25.16
C GLU A 84 24.77 -26.15 24.55
N LEU A 85 25.09 -25.23 23.65
CA LEU A 85 26.40 -25.23 22.99
C LEU A 85 27.51 -24.90 23.98
N VAL A 86 27.19 -24.14 25.02
CA VAL A 86 28.15 -23.86 26.08
C VAL A 86 28.43 -25.12 26.88
N GLN A 87 27.38 -25.91 27.10
CA GLN A 87 27.49 -27.14 27.88
C GLN A 87 28.09 -28.29 27.07
N ARG A 88 27.76 -28.36 25.78
CA ARG A 88 28.37 -29.35 24.91
C ARG A 88 28.89 -28.70 23.62
N PRO A 89 30.09 -28.08 23.72
CA PRO A 89 30.71 -27.36 22.60
C PRO A 89 31.07 -28.26 21.41
N GLY A 90 31.44 -29.51 21.68
CA GLY A 90 31.93 -30.40 20.64
C GLY A 90 30.89 -30.89 19.65
N SER A 91 29.65 -31.03 20.10
CA SER A 91 28.58 -31.61 19.30
C SER A 91 28.37 -30.92 17.96
N LEU A 92 28.39 -31.71 16.88
CA LEU A 92 28.13 -31.20 15.54
C LEU A 92 26.65 -30.93 15.34
N HIS A 93 25.82 -31.75 15.97
CA HIS A 93 24.37 -31.65 15.83
C HIS A 93 23.85 -30.32 16.37
N ILE A 94 24.20 -30.01 17.62
CA ILE A 94 23.73 -28.80 18.27
C ILE A 94 24.20 -27.54 17.55
N ARG A 95 25.43 -27.59 17.03
CA ARG A 95 25.94 -26.49 16.22
C ARG A 95 25.15 -26.37 14.92
N ARG A 96 24.77 -27.51 14.36
CA ARG A 96 24.12 -27.55 13.06
C ARG A 96 22.70 -27.03 13.13
N GLN A 97 22.07 -27.17 14.29
CA GLN A 97 20.71 -26.71 14.50
C GLN A 97 20.64 -25.19 14.51
N LEU A 98 21.71 -24.57 15.00
CA LEU A 98 21.82 -23.11 15.01
C LEU A 98 21.91 -22.58 13.58
N SER A 99 22.53 -23.35 12.70
CA SER A 99 22.63 -22.98 11.30
C SER A 99 21.31 -23.24 10.57
N LEU A 100 20.61 -24.28 11.01
CA LEU A 100 19.35 -24.67 10.39
C LEU A 100 18.19 -23.74 10.78
N LEU A 101 18.34 -23.07 11.92
CA LEU A 101 17.25 -22.28 12.50
C LEU A 101 16.80 -21.14 11.59
N ASN A 102 17.71 -20.67 10.74
CA ASN A 102 17.36 -19.65 9.77
C ASN A 102 16.45 -20.22 8.68
N ARG A 103 16.60 -21.51 8.42
CA ARG A 103 15.80 -22.18 7.40
C ARG A 103 14.62 -22.92 8.04
N ALA A 104 14.48 -22.78 9.35
CA ALA A 104 13.42 -23.47 10.08
C ALA A 104 12.04 -23.03 9.62
N SER A 105 11.05 -23.89 9.86
CA SER A 105 9.69 -23.60 9.44
C SER A 105 8.89 -22.90 10.54
N ILE A 106 9.50 -21.90 11.17
CA ILE A 106 8.78 -21.07 12.13
C ILE A 106 8.17 -19.88 11.41
N SER A 107 6.93 -20.03 10.97
CA SER A 107 6.27 -19.00 10.17
C SER A 107 4.88 -18.68 10.70
N THR A 108 4.16 -17.85 9.96
CA THR A 108 2.72 -17.74 10.16
C THR A 108 2.07 -18.75 9.23
N LEU A 109 0.79 -19.01 9.39
CA LEU A 109 0.12 -19.99 8.56
C LEU A 109 0.09 -19.50 7.11
N HIS A 110 -0.08 -18.19 6.96
CA HIS A 110 -0.09 -17.56 5.65
C HIS A 110 1.25 -17.71 4.95
N SER A 111 2.32 -17.53 5.71
CA SER A 111 3.66 -17.67 5.17
C SER A 111 3.95 -19.10 4.73
N PHE A 112 3.50 -20.06 5.54
CA PHE A 112 3.66 -21.48 5.21
C PHE A 112 2.88 -21.82 3.95
N CYS A 113 1.67 -21.29 3.85
CA CYS A 113 0.83 -21.48 2.66
C CYS A 113 1.50 -20.91 1.43
N LEU A 114 2.18 -19.78 1.60
CA LEU A 114 2.92 -19.16 0.51
C LEU A 114 4.02 -20.10 0.03
N GLN A 115 4.73 -20.69 0.99
CA GLN A 115 5.80 -21.65 0.68
C GLN A 115 5.26 -22.82 -0.12
N VAL A 116 4.07 -23.29 0.27
CA VAL A 116 3.42 -24.40 -0.42
C VAL A 116 3.05 -24.00 -1.85
N LEU A 117 2.51 -22.80 -2.01
CA LEU A 117 2.15 -22.29 -3.33
C LEU A 117 3.37 -22.21 -4.23
N LYS A 118 4.44 -21.63 -3.71
CA LYS A 118 5.69 -21.47 -4.45
C LYS A 118 6.28 -22.82 -4.86
N LYS A 119 6.07 -23.83 -4.03
CA LYS A 119 6.61 -25.16 -4.28
C LYS A 119 5.71 -25.99 -5.20
N TYR A 120 4.40 -25.92 -4.98
CA TYR A 120 3.46 -26.73 -5.74
C TYR A 120 2.50 -25.90 -6.59
N TYR A 121 3.02 -24.86 -7.24
CA TYR A 121 2.23 -24.02 -8.13
C TYR A 121 1.60 -24.80 -9.28
N TYR A 122 2.25 -25.89 -9.67
CA TYR A 122 1.86 -26.63 -10.88
C TYR A 122 0.66 -27.54 -10.66
N LEU A 123 0.34 -27.81 -9.41
CA LEU A 123 -0.79 -28.68 -9.09
C LEU A 123 -2.12 -28.00 -9.41
N ILE A 124 -2.19 -26.70 -9.16
CA ILE A 124 -3.39 -25.93 -9.47
C ILE A 124 -3.10 -24.93 -10.58
N ASP A 125 -4.13 -24.21 -11.02
CA ASP A 125 -3.94 -23.21 -12.07
C ASP A 125 -3.36 -21.92 -11.48
N LEU A 126 -2.03 -21.90 -11.31
CA LEU A 126 -1.35 -20.77 -10.70
C LEU A 126 -0.01 -20.50 -11.37
N ASP A 127 0.37 -19.22 -11.45
CA ASP A 127 1.66 -18.83 -11.99
C ASP A 127 2.73 -18.90 -10.90
N PRO A 128 3.90 -19.46 -11.24
CA PRO A 128 4.98 -19.63 -10.26
C PRO A 128 5.53 -18.29 -9.76
N GLY A 129 5.38 -17.24 -10.55
CA GLY A 129 5.86 -15.92 -10.17
C GLY A 129 4.73 -15.01 -9.72
N PHE A 130 3.71 -15.60 -9.11
CA PHE A 130 2.55 -14.85 -8.64
C PHE A 130 2.93 -13.81 -7.60
N ARG A 131 2.09 -12.79 -7.47
CA ARG A 131 2.31 -11.73 -6.49
C ARG A 131 1.07 -11.54 -5.62
N ILE A 132 1.27 -11.53 -4.30
CA ILE A 132 0.18 -11.27 -3.38
C ILE A 132 -0.19 -9.80 -3.43
N ALA A 133 -1.42 -9.51 -3.88
CA ALA A 133 -1.82 -8.14 -4.14
C ALA A 133 -2.12 -7.34 -2.89
N ASP A 134 -2.01 -6.02 -3.01
CA ASP A 134 -2.44 -5.11 -1.97
C ASP A 134 -3.93 -5.31 -1.71
N GLN A 135 -4.38 -5.00 -0.50
CA GLN A 135 -5.80 -5.11 -0.17
C GLN A 135 -6.62 -4.16 -1.03
N THR A 136 -6.09 -2.96 -1.24
CA THR A 136 -6.76 -1.95 -2.06
C THR A 136 -6.72 -2.34 -3.52
N GLU A 137 -5.59 -2.89 -3.96
CA GLU A 137 -5.45 -3.33 -5.33
C GLU A 137 -6.46 -4.42 -5.69
N GLY A 138 -6.56 -5.44 -4.84
CA GLY A 138 -7.48 -6.54 -5.07
C GLY A 138 -8.92 -6.08 -5.02
N GLU A 139 -9.22 -5.20 -4.07
CA GLU A 139 -10.57 -4.69 -3.90
C GLU A 139 -11.01 -3.83 -5.08
N LEU A 140 -10.05 -3.15 -5.70
CA LEU A 140 -10.34 -2.37 -6.90
C LEU A 140 -10.61 -3.30 -8.08
N ILE A 141 -9.94 -4.44 -8.10
CA ILE A 141 -10.18 -5.46 -9.11
C ILE A 141 -11.56 -6.05 -8.92
N GLY A 142 -11.90 -6.31 -7.65
CA GLY A 142 -13.20 -6.83 -7.30
C GLY A 142 -14.31 -5.86 -7.65
N ASP A 143 -14.07 -4.58 -7.40
CA ASP A 143 -15.05 -3.54 -7.73
C ASP A 143 -15.33 -3.52 -9.22
N GLU A 144 -14.26 -3.67 -10.01
CA GLU A 144 -14.36 -3.64 -11.47
C GLU A 144 -15.16 -4.80 -12.03
N VAL A 145 -14.83 -6.01 -11.57
CA VAL A 145 -15.50 -7.20 -12.06
C VAL A 145 -16.95 -7.24 -11.58
N LEU A 146 -17.23 -6.54 -10.49
CA LEU A 146 -18.59 -6.43 -9.99
C LEU A 146 -19.42 -5.59 -10.93
N ASP A 147 -18.85 -4.44 -11.33
CA ASP A 147 -19.50 -3.54 -12.25
C ASP A 147 -19.74 -4.18 -13.61
N GLU A 148 -18.78 -5.00 -14.03
CA GLU A 148 -18.88 -5.69 -15.31
C GLU A 148 -19.93 -6.78 -15.25
N LEU A 149 -19.96 -7.50 -14.14
CA LEU A 149 -20.93 -8.56 -13.93
C LEU A 149 -22.35 -8.00 -13.87
N PHE A 150 -22.53 -6.95 -13.08
CA PHE A 150 -23.82 -6.29 -12.95
C PHE A 150 -24.31 -5.78 -14.30
N GLU A 151 -23.42 -5.15 -15.06
CA GLU A 151 -23.74 -4.62 -16.38
C GLU A 151 -24.18 -5.72 -17.34
N ASP A 152 -23.55 -6.88 -17.22
CA ASP A 152 -23.89 -8.03 -18.04
C ASP A 152 -25.26 -8.58 -17.66
N GLU A 153 -25.54 -8.58 -16.36
CA GLU A 153 -26.82 -9.09 -15.87
C GLU A 153 -27.96 -8.16 -16.25
N TYR A 154 -27.72 -6.85 -16.16
CA TYR A 154 -28.69 -5.86 -16.60
C TYR A 154 -28.94 -6.03 -18.10
N ALA A 155 -27.90 -6.41 -18.83
CA ALA A 155 -27.99 -6.58 -20.28
C ALA A 155 -28.86 -7.77 -20.67
N LYS A 156 -28.68 -8.88 -19.96
CA LYS A 156 -29.50 -10.07 -20.19
C LYS A 156 -30.94 -9.77 -19.82
N GLY A 157 -31.11 -9.10 -18.68
CA GLY A 157 -32.41 -8.64 -18.23
C GLY A 157 -33.35 -9.73 -17.75
N GLU A 158 -32.80 -10.74 -17.08
CA GLU A 158 -33.62 -11.81 -16.53
C GLU A 158 -34.51 -11.32 -15.39
N LYS A 159 -35.71 -11.89 -15.29
CA LYS A 159 -36.69 -11.46 -14.29
C LYS A 159 -36.17 -11.69 -12.86
N ALA A 160 -35.57 -12.85 -12.63
CA ALA A 160 -35.04 -13.20 -11.32
C ALA A 160 -34.04 -12.16 -10.81
N PHE A 161 -33.21 -11.64 -11.71
CA PHE A 161 -32.19 -10.67 -11.35
C PHE A 161 -32.84 -9.37 -10.87
N PHE A 162 -33.73 -8.84 -11.69
CA PHE A 162 -34.47 -7.63 -11.34
C PHE A 162 -35.23 -7.79 -10.02
N GLU A 163 -35.78 -8.99 -9.81
CA GLU A 163 -36.47 -9.30 -8.56
C GLU A 163 -35.53 -9.16 -7.38
N LEU A 164 -34.29 -9.62 -7.55
CA LEU A 164 -33.28 -9.49 -6.51
C LEU A 164 -32.92 -8.03 -6.27
N VAL A 165 -32.68 -7.31 -7.37
CA VAL A 165 -32.29 -5.90 -7.31
C VAL A 165 -33.34 -5.05 -6.63
N ASP A 166 -34.59 -5.20 -7.04
CA ASP A 166 -35.68 -4.41 -6.49
C ASP A 166 -35.84 -4.55 -4.98
N ARG A 167 -35.35 -5.66 -4.43
CA ARG A 167 -35.53 -5.96 -3.01
C ARG A 167 -34.38 -5.46 -2.16
N TYR A 168 -33.15 -5.58 -2.68
CA TYR A 168 -31.95 -5.26 -1.90
C TYR A 168 -31.24 -4.01 -2.38
N THR A 169 -31.98 -3.08 -2.97
CA THR A 169 -31.43 -1.78 -3.34
C THR A 169 -32.38 -0.68 -2.89
N THR A 170 -31.89 0.55 -2.91
CA THR A 170 -32.72 1.71 -2.62
C THR A 170 -33.56 2.03 -3.87
N ASP A 171 -34.25 3.17 -3.85
CA ASP A 171 -35.08 3.54 -4.98
C ASP A 171 -34.33 4.37 -6.03
N ARG A 172 -33.04 4.61 -5.79
CA ARG A 172 -32.28 5.50 -6.64
C ARG A 172 -31.05 4.85 -7.25
N HIS A 173 -30.49 3.86 -6.56
CA HIS A 173 -29.29 3.18 -7.04
C HIS A 173 -29.24 1.73 -6.59
N ASP A 174 -28.21 1.01 -7.02
CA ASP A 174 -28.09 -0.41 -6.70
C ASP A 174 -26.80 -0.74 -5.98
N LEU A 175 -26.26 0.22 -5.24
CA LEU A 175 -25.00 0.01 -4.54
C LEU A 175 -25.13 -1.07 -3.48
N ASP A 176 -26.17 -0.94 -2.66
CA ASP A 176 -26.38 -1.82 -1.51
C ASP A 176 -26.39 -3.30 -1.90
N LEU A 177 -26.84 -3.58 -3.12
CA LEU A 177 -26.82 -4.95 -3.62
C LEU A 177 -25.38 -5.43 -3.84
N GLN A 178 -24.57 -4.58 -4.46
CA GLN A 178 -23.20 -4.95 -4.74
C GLN A 178 -22.39 -5.07 -3.45
N PHE A 179 -22.78 -4.32 -2.43
CA PHE A 179 -22.16 -4.45 -1.12
C PHE A 179 -22.56 -5.77 -0.50
N LEU A 180 -23.80 -6.17 -0.78
CA LEU A 180 -24.32 -7.45 -0.30
C LEU A 180 -23.59 -8.61 -0.96
N VAL A 181 -23.35 -8.48 -2.27
CA VAL A 181 -22.61 -9.49 -3.01
C VAL A 181 -21.22 -9.66 -2.43
N LYS A 182 -20.53 -8.54 -2.22
CA LYS A 182 -19.20 -8.55 -1.64
C LYS A 182 -19.18 -9.21 -0.27
N GLN A 183 -20.15 -8.83 0.56
CA GLN A 183 -20.26 -9.38 1.91
C GLN A 183 -20.47 -10.89 1.93
N VAL A 184 -21.41 -11.36 1.12
CA VAL A 184 -21.71 -12.79 1.06
C VAL A 184 -20.50 -13.57 0.57
N TYR A 185 -19.84 -13.04 -0.47
CA TYR A 185 -18.64 -13.67 -1.01
C TYR A 185 -17.54 -13.80 0.03
N GLU A 186 -17.23 -12.69 0.70
CA GLU A 186 -16.24 -12.68 1.76
C GLU A 186 -16.58 -13.67 2.86
N TYR A 187 -17.83 -13.66 3.28
CA TYR A 187 -18.29 -14.54 4.35
C TYR A 187 -18.23 -16.00 3.91
N SER A 188 -18.35 -16.23 2.60
CA SER A 188 -18.28 -17.58 2.06
C SER A 188 -16.84 -18.07 1.98
N ARG A 189 -15.90 -17.13 1.99
CA ARG A 189 -14.49 -17.46 1.85
C ARG A 189 -13.91 -17.99 3.15
N SER A 190 -14.71 -17.96 4.20
CA SER A 190 -14.27 -18.45 5.51
C SER A 190 -14.66 -19.90 5.73
N HIS A 191 -15.17 -20.56 4.69
CA HIS A 191 -15.45 -21.98 4.76
C HIS A 191 -14.56 -22.74 3.78
N PRO A 192 -14.06 -23.91 4.20
CA PRO A 192 -13.22 -24.78 3.36
C PRO A 192 -13.87 -25.16 2.03
N ASN A 193 -15.18 -24.94 1.91
CA ASN A 193 -15.86 -25.12 0.63
C ASN A 193 -16.90 -24.03 0.42
N PRO A 194 -16.47 -22.85 -0.07
CA PRO A 194 -17.33 -21.69 -0.26
C PRO A 194 -18.56 -21.95 -1.13
N GLU A 195 -18.40 -22.65 -2.23
CA GLU A 195 -19.52 -22.92 -3.13
C GLU A 195 -20.60 -23.79 -2.48
N ALA A 196 -20.18 -24.82 -1.77
CA ALA A 196 -21.11 -25.71 -1.09
C ALA A 196 -21.88 -24.95 -0.02
N TRP A 197 -21.16 -24.11 0.73
CA TRP A 197 -21.77 -23.33 1.78
C TRP A 197 -22.77 -22.31 1.23
N LEU A 198 -22.49 -21.82 0.01
CA LEU A 198 -23.38 -20.90 -0.66
C LEU A 198 -24.61 -21.63 -1.19
N GLU A 199 -24.41 -22.86 -1.62
CA GLU A 199 -25.49 -23.66 -2.17
C GLU A 199 -26.31 -24.33 -1.07
N SER A 200 -25.92 -24.08 0.17
CA SER A 200 -26.68 -24.57 1.32
C SER A 200 -27.59 -23.48 1.86
N PHE A 201 -27.62 -22.34 1.15
CA PHE A 201 -28.47 -21.22 1.54
C PHE A 201 -29.95 -21.56 1.38
N VAL A 202 -30.27 -22.29 0.31
CA VAL A 202 -31.65 -22.56 -0.06
C VAL A 202 -32.35 -23.56 0.85
N HIS A 203 -31.57 -24.32 1.60
CA HIS A 203 -32.11 -25.32 2.51
C HIS A 203 -32.84 -24.66 3.67
N LEU A 204 -32.44 -23.44 4.01
CA LEU A 204 -33.08 -22.70 5.09
C LEU A 204 -34.46 -22.21 4.65
N TYR A 205 -34.61 -21.98 3.35
CA TYR A 205 -35.84 -21.42 2.80
C TYR A 205 -36.71 -22.49 2.14
N ASP A 206 -36.23 -23.72 2.17
CA ASP A 206 -36.95 -24.84 1.59
C ASP A 206 -37.95 -25.41 2.59
N VAL A 207 -38.99 -24.64 2.88
CA VAL A 207 -40.01 -25.07 3.82
C VAL A 207 -41.41 -24.97 3.22
N SER A 208 -42.38 -25.52 3.92
CA SER A 208 -43.78 -25.44 3.50
C SER A 208 -44.67 -25.19 4.71
N GLU A 209 -45.97 -25.26 4.50
CA GLU A 209 -46.90 -25.09 5.61
C GLU A 209 -46.84 -26.31 6.53
N LYS A 210 -46.55 -27.47 5.93
CA LYS A 210 -46.54 -28.74 6.65
C LYS A 210 -45.24 -28.98 7.42
N SER A 211 -44.43 -27.93 7.56
CA SER A 211 -43.14 -28.05 8.22
C SER A 211 -43.23 -27.66 9.70
N ALA A 212 -42.58 -28.44 10.56
CA ALA A 212 -42.55 -28.16 11.98
C ALA A 212 -41.49 -27.14 12.32
N ILE A 213 -41.92 -25.99 12.82
CA ILE A 213 -41.01 -24.90 13.21
C ILE A 213 -39.97 -25.38 14.20
N GLU A 214 -40.41 -26.15 15.20
CA GLU A 214 -39.54 -26.60 16.28
C GLU A 214 -38.51 -27.64 15.84
N GLU A 215 -38.61 -28.09 14.59
CA GLU A 215 -37.71 -29.12 14.10
C GLU A 215 -36.59 -28.54 13.24
N LEU A 216 -36.73 -27.26 12.88
CA LEU A 216 -35.75 -26.58 12.05
C LEU A 216 -34.58 -26.07 12.89
N PRO A 217 -33.37 -26.07 12.29
CA PRO A 217 -32.13 -25.68 12.97
C PRO A 217 -32.17 -24.32 13.68
N PHE A 218 -32.56 -23.28 12.96
CA PHE A 218 -32.52 -21.91 13.48
C PHE A 218 -33.43 -21.70 14.68
N TYR A 219 -34.39 -22.61 14.85
CA TYR A 219 -35.34 -22.50 15.94
C TYR A 219 -34.66 -22.72 17.30
N GLN A 220 -33.49 -23.37 17.26
CA GLN A 220 -32.70 -23.60 18.47
C GLN A 220 -32.49 -22.30 19.22
N TYR A 221 -32.33 -21.21 18.48
CA TYR A 221 -32.11 -19.89 19.04
C TYR A 221 -33.43 -19.16 19.30
N VAL A 222 -34.46 -19.53 18.54
CA VAL A 222 -35.81 -18.99 18.77
C VAL A 222 -36.36 -19.55 20.07
N LYS A 223 -36.09 -20.82 20.32
CA LYS A 223 -36.53 -21.50 21.54
C LYS A 223 -35.97 -20.85 22.80
N GLU A 224 -34.64 -20.84 22.92
CA GLU A 224 -33.95 -20.32 24.10
C GLU A 224 -34.29 -18.86 24.38
N ASP A 225 -34.49 -18.10 23.32
CA ASP A 225 -34.79 -16.67 23.46
C ASP A 225 -36.10 -16.47 24.21
N ILE A 226 -37.10 -17.27 23.86
CA ILE A 226 -38.40 -17.25 24.53
C ILE A 226 -38.28 -17.74 25.97
N ALA A 227 -37.57 -18.86 26.13
CA ALA A 227 -37.35 -19.45 27.45
C ALA A 227 -36.64 -18.44 28.36
N MET A 228 -35.84 -17.58 27.73
CA MET A 228 -35.07 -16.54 28.43
C MET A 228 -35.94 -15.36 28.88
N VAL A 229 -36.59 -14.69 27.93
CA VAL A 229 -37.45 -13.54 28.22
C VAL A 229 -38.63 -13.87 29.16
N LEU A 230 -39.16 -15.09 29.06
CA LEU A 230 -40.28 -15.48 29.90
C LEU A 230 -39.78 -15.66 31.33
N ASN A 231 -38.62 -16.30 31.44
CA ASN A 231 -37.95 -16.46 32.72
C ASN A 231 -37.44 -15.12 33.23
N GLY A 232 -37.27 -14.18 32.31
CA GLY A 232 -36.88 -12.82 32.66
C GLY A 232 -38.09 -12.01 33.06
N ALA A 233 -39.27 -12.46 32.67
CA ALA A 233 -40.51 -11.79 33.04
C ALA A 233 -41.06 -12.35 34.35
N LYS A 234 -40.72 -13.61 34.62
CA LYS A 234 -41.16 -14.25 35.87
C LYS A 234 -40.41 -13.66 37.06
N GLU A 235 -39.08 -13.71 36.98
CA GLU A 235 -38.21 -13.17 38.01
C GLU A 235 -38.48 -11.70 38.29
N LYS A 236 -38.75 -10.96 37.23
CA LYS A 236 -39.00 -9.52 37.32
C LYS A 236 -40.30 -9.27 38.07
N LEU A 237 -41.16 -10.28 38.08
CA LEU A 237 -42.45 -10.20 38.76
C LEU A 237 -42.36 -10.84 40.14
N LEU A 238 -41.43 -11.78 40.31
CA LEU A 238 -41.20 -12.39 41.61
C LEU A 238 -40.64 -11.34 42.56
N ARG A 239 -39.78 -10.48 42.01
CA ARG A 239 -39.17 -9.42 42.79
C ARG A 239 -40.21 -8.39 43.17
N ALA A 240 -41.26 -8.28 42.36
CA ALA A 240 -42.40 -7.43 42.68
C ALA A 240 -43.23 -8.05 43.81
N LEU A 241 -43.44 -9.37 43.74
CA LEU A 241 -44.14 -10.10 44.79
C LEU A 241 -43.39 -10.03 46.13
N GLU A 242 -42.07 -10.16 46.07
CA GLU A 242 -41.25 -10.04 47.29
C GLU A 242 -41.36 -8.62 47.84
N LEU A 243 -41.48 -7.65 46.94
CA LEU A 243 -41.61 -6.25 47.30
C LEU A 243 -42.97 -5.96 47.94
N THR A 244 -43.89 -6.90 47.83
CA THR A 244 -45.20 -6.77 48.49
C THR A 244 -45.09 -7.20 49.95
N LYS A 245 -44.05 -7.99 50.24
CA LYS A 245 -43.82 -8.50 51.59
C LYS A 245 -43.09 -7.48 52.45
N ALA A 246 -42.45 -6.51 51.80
CA ALA A 246 -41.77 -5.42 52.49
C ALA A 246 -42.76 -4.57 53.26
N PRO A 247 -42.35 -4.03 54.42
CA PRO A 247 -43.22 -3.22 55.26
C PRO A 247 -43.79 -2.00 54.53
N GLY A 248 -42.94 -1.28 53.80
CA GLY A 248 -43.38 -0.14 53.03
C GLY A 248 -43.97 -0.56 51.70
N GLY A 249 -43.81 -1.82 51.36
CA GLY A 249 -44.28 -2.35 50.08
C GLY A 249 -45.79 -2.51 50.02
N PRO A 250 -46.36 -2.39 48.81
CA PRO A 250 -47.79 -2.51 48.57
C PRO A 250 -48.27 -3.96 48.60
N ALA A 251 -49.20 -4.25 49.51
CA ALA A 251 -49.75 -5.60 49.67
C ALA A 251 -50.91 -5.93 48.71
N PRO A 252 -51.86 -5.00 48.49
CA PRO A 252 -52.97 -5.37 47.61
C PRO A 252 -52.59 -5.70 46.16
N ARG A 253 -51.65 -4.93 45.59
CA ARG A 253 -51.27 -5.08 44.19
C ARG A 253 -50.69 -6.45 43.87
N ALA A 254 -50.37 -7.22 44.91
CA ALA A 254 -49.84 -8.57 44.75
C ALA A 254 -50.84 -9.47 44.04
N ASP A 255 -52.12 -9.16 44.19
CA ASP A 255 -53.21 -9.86 43.50
C ASP A 255 -53.02 -9.81 41.99
N ASN A 256 -52.80 -8.61 41.48
CA ASN A 256 -52.49 -8.38 40.07
C ASN A 256 -51.23 -9.14 39.65
N PHE A 257 -50.21 -9.07 40.50
CA PHE A 257 -48.95 -9.79 40.29
C PHE A 257 -49.19 -11.30 40.27
N LEU A 258 -49.98 -11.76 41.24
CA LEU A 258 -50.31 -13.17 41.36
C LEU A 258 -51.12 -13.65 40.16
N ASP A 259 -51.75 -12.71 39.46
CA ASP A 259 -52.46 -13.01 38.22
C ASP A 259 -51.49 -13.04 37.03
N ASP A 260 -50.72 -11.97 36.87
CA ASP A 260 -49.73 -11.86 35.80
C ASP A 260 -48.74 -13.02 35.81
N LEU A 261 -48.26 -13.38 36.99
CA LEU A 261 -47.32 -14.48 37.15
C LEU A 261 -47.93 -15.78 36.66
N ALA A 262 -49.19 -16.01 37.04
CA ALA A 262 -49.95 -17.18 36.62
C ALA A 262 -50.08 -17.27 35.10
N GLN A 263 -50.16 -16.11 34.45
CA GLN A 263 -50.26 -16.04 32.99
C GLN A 263 -48.93 -16.39 32.32
N ILE A 264 -47.85 -15.83 32.86
CA ILE A 264 -46.51 -16.08 32.35
C ILE A 264 -46.12 -17.55 32.52
N ASP A 265 -46.48 -18.13 33.66
CA ASP A 265 -46.19 -19.54 33.92
C ASP A 265 -46.92 -20.43 32.92
N GLU A 266 -48.15 -20.02 32.59
CA GLU A 266 -48.95 -20.70 31.58
C GLU A 266 -48.22 -20.74 30.24
N LEU A 267 -47.53 -19.66 29.92
CA LEU A 267 -46.73 -19.57 28.69
C LEU A 267 -45.50 -20.46 28.77
N ILE A 268 -44.87 -20.47 29.95
CA ILE A 268 -43.67 -21.27 30.19
C ILE A 268 -43.98 -22.75 30.04
N GLN A 269 -45.20 -23.14 30.36
CA GLN A 269 -45.63 -24.53 30.23
C GLN A 269 -45.58 -24.99 28.77
N HIS A 270 -45.85 -24.07 27.85
CA HIS A 270 -45.91 -24.38 26.43
C HIS A 270 -44.76 -23.80 25.63
N GLN A 271 -43.62 -23.60 26.27
CA GLN A 271 -42.46 -22.99 25.62
C GLN A 271 -41.97 -23.77 24.41
N ASP A 272 -42.10 -25.09 24.47
CA ASP A 272 -41.64 -25.95 23.40
C ASP A 272 -42.63 -25.98 22.23
N ASP A 273 -43.85 -25.51 22.48
CA ASP A 273 -44.86 -25.49 21.44
C ASP A 273 -45.05 -24.08 20.89
N PHE A 274 -44.41 -23.82 19.75
CA PHE A 274 -44.47 -22.52 19.11
C PHE A 274 -45.89 -22.21 18.63
N SER A 275 -46.58 -23.23 18.13
CA SER A 275 -47.94 -23.08 17.62
C SER A 275 -48.90 -22.68 18.75
N GLU A 276 -48.68 -23.23 19.93
CA GLU A 276 -49.51 -22.91 21.08
C GLU A 276 -49.20 -21.51 21.61
N LEU A 277 -47.92 -21.14 21.55
CA LEU A 277 -47.48 -19.82 22.00
C LEU A 277 -48.09 -18.72 21.14
N TYR A 278 -48.32 -19.02 19.87
CA TYR A 278 -48.97 -18.05 18.98
C TYR A 278 -50.40 -17.79 19.42
N LYS A 279 -51.01 -18.81 20.03
CA LYS A 279 -52.39 -18.71 20.48
C LYS A 279 -52.50 -18.08 21.87
N ARG A 280 -51.44 -18.18 22.66
CA ARG A 280 -51.50 -17.81 24.06
C ARG A 280 -50.89 -16.44 24.36
N VAL A 281 -49.70 -16.19 23.83
CA VAL A 281 -48.96 -14.95 24.10
C VAL A 281 -49.71 -13.68 23.69
N PRO A 282 -50.30 -13.64 22.48
CA PRO A 282 -51.02 -12.40 22.15
C PRO A 282 -52.29 -12.20 22.96
N ALA A 283 -52.75 -13.24 23.66
CA ALA A 283 -53.99 -13.18 24.43
C ALA A 283 -53.74 -12.72 25.86
N VAL A 284 -52.46 -12.63 26.24
CA VAL A 284 -52.10 -12.25 27.60
C VAL A 284 -52.26 -10.76 27.83
N SER A 285 -53.03 -10.40 28.87
CA SER A 285 -53.20 -9.01 29.26
C SER A 285 -53.00 -8.87 30.76
N PHE A 286 -52.40 -7.75 31.18
CA PHE A 286 -52.21 -7.49 32.59
C PHE A 286 -53.34 -6.61 33.12
N LYS A 287 -54.06 -7.12 34.10
CA LYS A 287 -55.19 -6.42 34.69
C LYS A 287 -54.79 -5.04 35.21
N ARG A 288 -55.75 -4.12 35.23
CA ARG A 288 -55.51 -2.78 35.74
C ARG A 288 -54.93 -2.81 37.15
N ALA A 289 -53.82 -2.10 37.34
CA ALA A 289 -53.12 -2.11 38.61
C ALA A 289 -53.99 -1.57 39.75
N LYS A 290 -54.17 -2.39 40.77
CA LYS A 290 -54.96 -2.00 41.93
C LYS A 290 -54.25 -0.90 42.70
N ALA A 291 -54.80 0.32 42.60
CA ALA A 291 -54.21 1.48 43.26
C ALA A 291 -54.19 1.31 44.78
N VAL A 292 -53.05 1.63 45.37
CA VAL A 292 -52.88 1.52 46.82
C VAL A 292 -52.87 2.90 47.48
N LYS A 293 -53.94 3.22 48.19
CA LYS A 293 -54.08 4.52 48.83
C LYS A 293 -53.71 4.46 50.31
N GLY A 294 -52.88 5.40 50.75
CA GLY A 294 -52.48 5.46 52.14
C GLY A 294 -51.04 5.93 52.30
N ASP A 295 -50.72 6.46 53.48
CA ASP A 295 -49.37 6.94 53.77
C ASP A 295 -48.60 5.86 54.53
N GLU A 296 -49.22 4.70 54.69
CA GLU A 296 -48.57 3.56 55.33
C GLU A 296 -47.66 2.83 54.36
N PHE A 297 -47.76 3.20 53.08
CA PHE A 297 -46.94 2.59 52.03
C PHE A 297 -45.64 3.35 51.86
N ASP A 298 -45.02 3.20 50.69
CA ASP A 298 -43.77 3.88 50.38
C ASP A 298 -43.73 4.25 48.90
N PRO A 299 -43.85 5.56 48.61
CA PRO A 299 -43.90 6.11 47.25
C PRO A 299 -42.79 5.60 46.33
N ALA A 300 -41.59 5.43 46.87
CA ALA A 300 -40.46 4.92 46.09
C ALA A 300 -40.68 3.48 45.68
N LEU A 301 -40.95 2.62 46.65
CA LEU A 301 -41.17 1.21 46.40
C LEU A 301 -42.48 1.00 45.63
N LEU A 302 -43.48 1.82 45.94
CA LEU A 302 -44.77 1.76 45.27
C LEU A 302 -44.61 2.00 43.77
N ASP A 303 -43.83 3.01 43.43
CA ASP A 303 -43.60 3.40 42.04
C ASP A 303 -42.56 2.51 41.38
N GLU A 304 -41.85 1.72 42.19
CA GLU A 304 -40.83 0.83 41.68
C GLU A 304 -41.43 -0.50 41.24
N ALA A 305 -42.40 -0.98 42.00
CA ALA A 305 -43.08 -2.23 41.66
C ALA A 305 -43.79 -2.10 40.33
N THR A 306 -44.36 -0.93 40.08
CA THR A 306 -45.04 -0.65 38.82
C THR A 306 -44.06 -0.68 37.65
N ASP A 307 -42.83 -0.22 37.91
CA ASP A 307 -41.78 -0.22 36.90
C ASP A 307 -41.40 -1.65 36.53
N LEU A 308 -41.35 -2.52 37.53
CA LEU A 308 -41.02 -3.93 37.32
C LEU A 308 -42.09 -4.63 36.51
N ARG A 309 -43.34 -4.37 36.86
CA ARG A 309 -44.48 -4.97 36.18
C ARG A 309 -44.53 -4.48 34.73
N ASN A 310 -44.25 -3.20 34.53
CA ASN A 310 -44.19 -2.64 33.19
C ASN A 310 -42.99 -3.20 32.42
N GLY A 311 -41.98 -3.63 33.17
CA GLY A 311 -40.84 -4.31 32.57
C GLY A 311 -41.27 -5.64 31.98
N ALA A 312 -42.14 -6.34 32.70
CA ALA A 312 -42.69 -7.60 32.21
C ALA A 312 -43.59 -7.35 31.01
N LYS A 313 -44.33 -6.25 31.06
CA LYS A 313 -45.17 -5.83 29.95
C LYS A 313 -44.32 -5.59 28.71
N LYS A 314 -43.22 -4.88 28.89
CA LYS A 314 -42.30 -4.55 27.80
C LYS A 314 -41.74 -5.81 27.17
N LEU A 315 -41.26 -6.73 28.02
CA LEU A 315 -40.68 -7.99 27.56
C LEU A 315 -41.68 -8.83 26.76
N LEU A 316 -42.90 -8.91 27.27
CA LEU A 316 -43.95 -9.70 26.63
C LEU A 316 -44.35 -9.11 25.29
N GLU A 317 -44.52 -7.79 25.25
CA GLU A 317 -44.90 -7.12 24.02
C GLU A 317 -43.78 -7.27 22.99
N LYS A 318 -42.55 -7.25 23.49
CA LYS A 318 -41.38 -7.45 22.64
C LYS A 318 -41.39 -8.86 22.06
N LEU A 319 -41.75 -9.82 22.89
CA LEU A 319 -41.83 -11.21 22.47
C LEU A 319 -42.92 -11.42 21.42
N LYS A 320 -44.04 -10.72 21.61
CA LYS A 320 -45.17 -10.83 20.69
C LYS A 320 -44.85 -10.24 19.33
N THR A 321 -44.20 -9.07 19.34
CA THR A 321 -43.84 -8.40 18.09
C THR A 321 -42.68 -9.10 17.40
N ASP A 322 -41.94 -9.90 18.15
CA ASP A 322 -40.81 -10.63 17.59
C ASP A 322 -41.28 -11.89 16.86
N TYR A 323 -42.28 -12.58 17.41
CA TYR A 323 -42.66 -13.87 16.89
C TYR A 323 -44.15 -14.04 16.61
N PHE A 324 -44.98 -13.47 17.46
CA PHE A 324 -46.42 -13.79 17.43
C PHE A 324 -47.31 -12.65 16.96
N THR A 325 -46.96 -12.06 15.82
CA THR A 325 -47.83 -11.09 15.17
C THR A 325 -48.38 -11.69 13.90
N ARG A 326 -47.87 -12.86 13.54
CA ARG A 326 -48.37 -13.64 12.42
C ARG A 326 -48.29 -15.11 12.77
N SER A 327 -49.19 -15.91 12.20
CA SER A 327 -49.24 -17.34 12.46
C SER A 327 -47.98 -18.05 11.97
N PRO A 328 -47.62 -19.16 12.64
CA PRO A 328 -46.46 -19.97 12.21
C PRO A 328 -46.60 -20.43 10.76
N GLU A 329 -47.83 -20.62 10.30
CA GLU A 329 -48.08 -20.98 8.91
C GLU A 329 -47.75 -19.81 7.98
N GLN A 330 -48.16 -18.61 8.38
CA GLN A 330 -47.85 -17.41 7.61
C GLN A 330 -46.34 -17.13 7.60
N HIS A 331 -45.68 -17.43 8.72
CA HIS A 331 -44.23 -17.31 8.80
C HIS A 331 -43.57 -18.23 7.79
N LEU A 332 -44.01 -19.49 7.75
CA LEU A 332 -43.46 -20.48 6.84
C LEU A 332 -43.70 -20.11 5.38
N LYS A 333 -44.87 -19.56 5.09
CA LYS A 333 -45.22 -19.13 3.74
C LYS A 333 -44.31 -17.97 3.31
N SER A 334 -44.09 -17.03 4.22
CA SER A 334 -43.22 -15.88 3.94
C SER A 334 -41.80 -16.35 3.66
N LEU A 335 -41.34 -17.30 4.48
CA LEU A 335 -40.00 -17.85 4.33
C LEU A 335 -39.85 -18.63 3.04
N ALA A 336 -40.95 -19.23 2.59
CA ALA A 336 -40.95 -20.04 1.37
C ALA A 336 -40.98 -19.17 0.12
N GLU A 337 -41.57 -17.98 0.24
CA GLU A 337 -41.67 -17.05 -0.87
C GLU A 337 -40.32 -16.42 -1.21
N MET A 338 -39.41 -16.43 -0.24
CA MET A 338 -38.13 -15.76 -0.40
C MET A 338 -37.07 -16.63 -1.05
N LYS A 339 -37.39 -17.92 -1.21
CA LYS A 339 -36.42 -18.90 -1.72
C LYS A 339 -35.86 -18.59 -3.12
N PRO A 340 -36.71 -18.25 -4.11
CA PRO A 340 -36.13 -18.01 -5.43
C PRO A 340 -35.12 -16.85 -5.41
N VAL A 341 -35.44 -15.80 -4.66
CA VAL A 341 -34.55 -14.64 -4.54
C VAL A 341 -33.21 -15.07 -3.96
N ILE A 342 -33.24 -16.03 -3.04
CA ILE A 342 -32.02 -16.56 -2.45
C ILE A 342 -31.20 -17.34 -3.47
N GLU A 343 -31.90 -18.10 -4.31
CA GLU A 343 -31.24 -18.87 -5.37
C GLU A 343 -30.51 -17.96 -6.35
N THR A 344 -31.21 -16.90 -6.77
CA THR A 344 -30.64 -15.90 -7.66
C THR A 344 -29.42 -15.24 -7.04
N LEU A 345 -29.53 -14.90 -5.75
CA LEU A 345 -28.44 -14.26 -5.03
C LEU A 345 -27.20 -15.13 -5.00
N VAL A 346 -27.39 -16.41 -4.69
CA VAL A 346 -26.28 -17.36 -4.61
C VAL A 346 -25.56 -17.50 -5.94
N GLN A 347 -26.33 -17.71 -7.01
CA GLN A 347 -25.78 -17.84 -8.35
C GLN A 347 -25.04 -16.58 -8.79
N LEU A 348 -25.55 -15.43 -8.35
CA LEU A 348 -24.92 -14.16 -8.67
C LEU A 348 -23.57 -14.06 -7.95
N VAL A 349 -23.56 -14.42 -6.67
CA VAL A 349 -22.33 -14.39 -5.87
C VAL A 349 -21.29 -15.36 -6.43
N ILE A 350 -21.74 -16.54 -6.81
CA ILE A 350 -20.85 -17.54 -7.40
C ILE A 350 -20.25 -17.01 -8.71
N SER A 351 -21.06 -16.30 -9.48
CA SER A 351 -20.60 -15.71 -10.73
C SER A 351 -19.52 -14.67 -10.45
N TYR A 352 -19.73 -13.87 -9.43
CA TYR A 352 -18.76 -12.86 -9.04
C TYR A 352 -17.45 -13.51 -8.60
N GLY A 353 -17.56 -14.63 -7.90
CA GLY A 353 -16.40 -15.34 -7.42
C GLY A 353 -15.54 -15.86 -8.57
N LYS A 354 -16.18 -16.48 -9.55
CA LYS A 354 -15.48 -17.04 -10.70
C LYS A 354 -14.86 -15.95 -11.54
N ARG A 355 -15.60 -14.85 -11.70
CA ARG A 355 -15.12 -13.69 -12.44
C ARG A 355 -13.93 -13.04 -11.74
N PHE A 356 -13.97 -13.03 -10.41
CA PHE A 356 -12.93 -12.41 -9.61
C PHE A 356 -11.64 -13.23 -9.65
N GLU A 357 -11.78 -14.56 -9.62
CA GLU A 357 -10.62 -15.45 -9.66
C GLU A 357 -9.98 -15.41 -11.03
N ALA A 358 -10.81 -15.40 -12.06
CA ALA A 358 -10.33 -15.29 -13.44
C ALA A 358 -9.57 -13.99 -13.64
N ALA A 359 -10.11 -12.90 -13.09
CA ALA A 359 -9.50 -11.59 -13.20
C ALA A 359 -8.16 -11.55 -12.49
N LYS A 360 -8.10 -12.18 -11.32
CA LYS A 360 -6.87 -12.23 -10.52
C LYS A 360 -5.80 -13.07 -11.20
N GLN A 361 -6.22 -14.16 -11.84
CA GLN A 361 -5.30 -15.03 -12.55
C GLN A 361 -4.74 -14.35 -13.78
N GLU A 362 -5.53 -13.45 -14.35
CA GLU A 362 -5.16 -12.73 -15.56
C GLU A 362 -3.93 -11.86 -15.30
N LYS A 363 -3.81 -11.39 -14.06
CA LYS A 363 -2.70 -10.52 -13.68
C LYS A 363 -1.72 -11.21 -12.74
N SER A 364 -1.79 -12.54 -12.70
CA SER A 364 -0.94 -13.34 -11.82
C SER A 364 -1.00 -12.82 -10.38
N ILE A 365 -2.19 -12.81 -9.82
CA ILE A 365 -2.47 -12.16 -8.55
C ILE A 365 -3.29 -13.06 -7.62
N ILE A 366 -2.96 -13.08 -6.34
CA ILE A 366 -3.77 -13.79 -5.35
C ILE A 366 -4.10 -12.89 -4.16
N ASP A 367 -5.15 -13.25 -3.43
CA ASP A 367 -5.53 -12.55 -2.20
C ASP A 367 -4.85 -13.21 -1.01
N PHE A 368 -5.21 -12.75 0.18
CA PHE A 368 -4.81 -13.43 1.41
C PHE A 368 -5.73 -14.62 1.64
N SER A 369 -6.95 -14.52 1.13
CA SER A 369 -7.88 -15.64 1.16
C SER A 369 -7.41 -16.72 0.19
N ASP A 370 -6.96 -16.30 -0.99
CA ASP A 370 -6.43 -17.22 -1.98
C ASP A 370 -5.21 -17.96 -1.44
N LEU A 371 -4.48 -17.30 -0.55
CA LEU A 371 -3.30 -17.88 0.07
C LEU A 371 -3.65 -19.16 0.84
N GLU A 372 -4.81 -19.15 1.47
CA GLU A 372 -5.29 -20.31 2.23
C GLU A 372 -5.94 -21.35 1.34
N HIS A 373 -6.74 -20.87 0.39
CA HIS A 373 -7.59 -21.75 -0.41
C HIS A 373 -6.82 -22.48 -1.50
N TYR A 374 -5.89 -21.78 -2.13
CA TYR A 374 -5.03 -22.40 -3.13
C TYR A 374 -4.11 -23.42 -2.47
N CYS A 375 -3.67 -23.12 -1.26
CA CYS A 375 -2.85 -24.04 -0.50
C CYS A 375 -3.62 -25.29 -0.16
N LEU A 376 -4.87 -25.11 0.27
CA LEU A 376 -5.75 -26.21 0.62
C LEU A 376 -6.08 -27.06 -0.61
N ALA A 377 -6.27 -26.39 -1.75
CA ALA A 377 -6.52 -27.09 -3.00
C ALA A 377 -5.34 -27.97 -3.36
N ILE A 378 -4.14 -27.47 -3.06
CA ILE A 378 -2.89 -28.21 -3.32
C ILE A 378 -2.81 -29.46 -2.46
N LEU A 379 -3.05 -29.28 -1.16
CA LEU A 379 -2.93 -30.37 -0.18
C LEU A 379 -3.94 -31.49 -0.41
N THR A 380 -5.07 -31.17 -1.03
CA THR A 380 -6.09 -32.17 -1.31
C THR A 380 -5.89 -32.76 -2.71
N PRO A 390 -5.81 -36.48 1.30
CA PRO A 390 -4.50 -35.84 1.24
C PRO A 390 -3.74 -36.21 -0.02
N SER A 391 -3.17 -35.21 -0.69
CA SER A 391 -2.45 -35.43 -1.94
C SER A 391 -0.99 -35.78 -1.68
N GLU A 392 -0.20 -35.88 -2.75
CA GLU A 392 1.21 -36.18 -2.66
C GLU A 392 1.97 -35.13 -1.85
N ALA A 393 1.61 -33.87 -2.07
CA ALA A 393 2.20 -32.77 -1.32
C ALA A 393 1.91 -32.95 0.17
N ALA A 394 0.65 -33.23 0.48
CA ALA A 394 0.21 -33.43 1.86
C ALA A 394 1.00 -34.55 2.55
N ARG A 395 1.22 -35.64 1.82
CA ARG A 395 1.96 -36.78 2.36
C ARG A 395 3.43 -36.42 2.57
N PHE A 396 3.96 -35.56 1.72
CA PHE A 396 5.34 -35.10 1.87
C PHE A 396 5.51 -34.25 3.11
N TYR A 397 4.57 -33.33 3.32
CA TYR A 397 4.62 -32.45 4.47
C TYR A 397 4.37 -33.21 5.77
N GLN A 398 3.54 -34.25 5.70
CA GLN A 398 3.32 -35.12 6.84
C GLN A 398 4.60 -35.86 7.18
N GLU A 399 5.26 -36.37 6.14
CA GLU A 399 6.55 -37.03 6.27
C GLU A 399 7.59 -36.11 6.90
N GLN A 400 7.67 -34.87 6.40
CA GLN A 400 8.66 -33.91 6.87
C GLN A 400 8.48 -33.51 8.32
N PHE A 401 7.27 -33.06 8.67
CA PHE A 401 7.02 -32.56 10.01
C PHE A 401 6.72 -33.69 10.99
N HIS A 402 7.54 -33.79 12.03
CA HIS A 402 7.33 -34.78 13.08
C HIS A 402 6.30 -34.28 14.08
N GLU A 403 6.13 -32.95 14.13
CA GLU A 403 5.19 -32.33 15.05
C GLU A 403 4.80 -30.94 14.54
N VAL A 404 3.57 -30.53 14.82
CA VAL A 404 3.07 -29.23 14.39
C VAL A 404 2.60 -28.41 15.58
N LEU A 405 3.26 -27.28 15.82
CA LEU A 405 2.92 -26.42 16.95
C LEU A 405 2.11 -25.22 16.50
N VAL A 406 0.96 -25.01 17.12
CA VAL A 406 0.08 -23.90 16.76
C VAL A 406 -0.24 -23.02 17.96
N ASP A 407 0.08 -21.74 17.85
CA ASP A 407 -0.17 -20.79 18.94
C ASP A 407 -1.42 -19.96 18.64
N GLU A 408 -2.03 -19.43 19.69
CA GLU A 408 -3.28 -18.68 19.58
C GLU A 408 -4.33 -19.46 18.80
N TYR A 409 -4.56 -20.70 19.24
CA TYR A 409 -5.41 -21.64 18.52
C TYR A 409 -6.88 -21.24 18.58
N GLN A 410 -7.24 -20.43 19.57
CA GLN A 410 -8.62 -19.99 19.75
C GLN A 410 -9.06 -19.00 18.68
N ASP A 411 -8.13 -18.58 17.84
CA ASP A 411 -8.43 -17.64 16.76
C ASP A 411 -8.22 -18.26 15.40
N THR A 412 -8.27 -19.59 15.35
CA THR A 412 -8.13 -20.32 14.10
C THR A 412 -9.47 -20.43 13.40
N ASN A 413 -9.48 -20.23 12.09
CA ASN A 413 -10.71 -20.40 11.33
C ASN A 413 -10.80 -21.79 10.72
N LEU A 414 -11.88 -22.05 9.99
CA LEU A 414 -12.17 -23.38 9.49
C LEU A 414 -11.25 -23.81 8.34
N VAL A 415 -10.84 -22.85 7.53
CA VAL A 415 -9.94 -23.15 6.42
C VAL A 415 -8.54 -23.46 6.96
N GLN A 416 -8.12 -22.65 7.92
CA GLN A 416 -6.83 -22.85 8.57
C GLN A 416 -6.78 -24.20 9.27
N GLU A 417 -7.90 -24.58 9.88
CA GLU A 417 -8.02 -25.87 10.57
C GLU A 417 -7.95 -27.03 9.60
N SER A 418 -8.62 -26.89 8.45
CA SER A 418 -8.61 -27.92 7.43
C SER A 418 -7.24 -28.07 6.79
N ILE A 419 -6.40 -27.07 6.97
CA ILE A 419 -5.00 -27.14 6.52
C ILE A 419 -4.14 -27.79 7.60
N LEU A 420 -4.39 -27.43 8.85
CA LEU A 420 -3.64 -27.98 9.98
C LEU A 420 -3.87 -29.48 10.13
N GLN A 421 -5.14 -29.88 10.09
CA GLN A 421 -5.49 -31.30 10.24
C GLN A 421 -4.96 -32.11 9.05
N LEU A 422 -4.70 -31.41 7.94
CA LEU A 422 -4.24 -32.06 6.72
C LEU A 422 -2.73 -32.26 6.71
N VAL A 423 -1.99 -31.30 7.27
CA VAL A 423 -0.54 -31.38 7.28
C VAL A 423 -0.03 -32.21 8.45
N THR A 424 -0.87 -32.39 9.46
CA THR A 424 -0.54 -33.25 10.59
C THR A 424 -0.73 -34.70 10.19
N SER A 425 0.17 -35.56 10.66
CA SER A 425 0.12 -36.97 10.32
C SER A 425 -0.52 -37.80 11.42
N GLY A 426 -1.45 -38.67 11.04
CA GLY A 426 -2.11 -39.56 11.98
C GLY A 426 -3.43 -39.02 12.52
N PRO A 427 -4.34 -39.92 12.90
CA PRO A 427 -5.64 -39.58 13.49
C PRO A 427 -5.49 -38.85 14.83
N GLU A 428 -6.60 -38.31 15.33
CA GLU A 428 -6.58 -37.49 16.55
C GLU A 428 -6.06 -38.24 17.77
N GLU A 429 -6.28 -39.56 17.79
CA GLU A 429 -5.86 -40.39 18.92
C GLU A 429 -4.34 -40.50 19.02
N THR A 430 -3.67 -40.45 17.88
CA THR A 430 -2.22 -40.59 17.85
C THR A 430 -1.56 -39.52 16.98
N GLY A 431 -2.23 -38.37 16.87
CA GLY A 431 -1.73 -37.29 16.05
C GLY A 431 -0.54 -36.57 16.67
N ASN A 432 0.00 -35.61 15.93
CA ASN A 432 1.15 -34.83 16.42
C ASN A 432 0.82 -33.36 16.55
N LEU A 433 -0.45 -33.01 16.37
CA LEU A 433 -0.88 -31.62 16.45
C LEU A 433 -0.85 -31.10 17.89
N PHE A 434 0.11 -30.23 18.17
CA PHE A 434 0.23 -29.59 19.47
C PHE A 434 -0.29 -28.16 19.37
N MET A 435 -1.25 -27.81 20.20
CA MET A 435 -1.93 -26.52 20.10
C MET A 435 -2.16 -25.88 21.46
N VAL A 436 -1.91 -24.58 21.53
CA VAL A 436 -2.01 -23.83 22.78
C VAL A 436 -2.78 -22.53 22.55
N GLY A 437 -3.61 -22.15 23.52
CA GLY A 437 -4.35 -20.91 23.43
C GLY A 437 -5.26 -20.71 24.63
N ASP A 438 -6.29 -19.89 24.45
CA ASP A 438 -7.25 -19.63 25.52
C ASP A 438 -8.52 -18.96 24.98
N VAL A 439 -9.66 -19.64 25.14
CA VAL A 439 -10.95 -19.12 24.66
C VAL A 439 -11.28 -17.80 25.32
N LYS A 440 -10.98 -17.70 26.61
CA LYS A 440 -11.24 -16.48 27.38
C LYS A 440 -10.55 -15.26 26.77
N GLN A 441 -9.59 -15.50 25.89
CA GLN A 441 -8.87 -14.42 25.22
C GLN A 441 -9.11 -14.39 23.73
N SER A 442 -10.20 -15.01 23.28
CA SER A 442 -10.55 -15.00 21.87
C SER A 442 -11.37 -13.77 21.52
N ILE A 443 -10.71 -12.74 21.01
CA ILE A 443 -11.36 -11.47 20.74
C ILE A 443 -11.48 -11.16 19.25
N TYR A 444 -11.30 -12.18 18.41
CA TYR A 444 -11.39 -11.99 16.97
C TYR A 444 -12.43 -12.89 16.32
N ARG A 445 -13.71 -12.55 16.46
CA ARG A 445 -14.77 -13.30 15.82
C ARG A 445 -15.24 -12.57 14.57
N PHE A 446 -15.03 -11.26 14.56
CA PHE A 446 -15.42 -10.43 13.42
C PHE A 446 -14.54 -10.73 12.21
N ARG A 447 -13.37 -11.29 12.47
CA ARG A 447 -12.48 -11.73 11.41
C ARG A 447 -12.84 -13.16 11.03
N LEU A 448 -13.97 -13.62 11.57
CA LEU A 448 -14.52 -14.95 11.29
C LEU A 448 -13.57 -16.07 11.70
N ALA A 449 -13.10 -16.00 12.94
CA ALA A 449 -12.34 -17.10 13.54
C ALA A 449 -13.24 -17.84 14.51
N GLU A 450 -12.97 -19.12 14.71
CA GLU A 450 -13.85 -19.96 15.52
C GLU A 450 -13.17 -20.47 16.79
N PRO A 451 -13.51 -19.87 17.93
CA PRO A 451 -13.04 -20.35 19.24
C PRO A 451 -13.77 -21.62 19.67
N LEU A 452 -14.90 -21.91 19.03
CA LEU A 452 -15.63 -23.15 19.28
C LEU A 452 -14.80 -24.35 18.83
N LEU A 453 -13.95 -24.11 17.83
CA LEU A 453 -13.02 -25.12 17.36
C LEU A 453 -12.08 -25.56 18.49
N PHE A 454 -11.69 -24.60 19.32
CA PHE A 454 -10.86 -24.86 20.49
C PHE A 454 -11.67 -25.55 21.58
N LEU A 455 -12.83 -24.99 21.89
CA LEU A 455 -13.64 -25.44 23.00
C LEU A 455 -14.19 -26.85 22.80
N SER A 456 -14.51 -27.19 21.55
CA SER A 456 -15.01 -28.51 21.23
C SER A 456 -13.93 -29.56 21.51
N LYS A 457 -12.69 -29.22 21.18
CA LYS A 457 -11.58 -30.12 21.44
C LYS A 457 -11.21 -30.15 22.92
N TYR A 458 -11.58 -29.09 23.64
CA TYR A 458 -11.35 -29.03 25.08
C TYR A 458 -12.24 -30.08 25.75
N LYS A 459 -13.53 -30.06 25.43
CA LYS A 459 -14.47 -31.00 26.00
C LYS A 459 -14.24 -32.41 25.48
N ARG A 460 -13.76 -32.52 24.25
CA ARG A 460 -13.54 -33.82 23.63
C ARG A 460 -12.35 -34.54 24.24
N PHE A 461 -11.42 -33.78 24.80
CA PHE A 461 -10.19 -34.35 25.34
C PHE A 461 -10.30 -34.61 26.84
N THR A 462 -9.36 -35.40 27.36
CA THR A 462 -9.29 -35.70 28.79
C THR A 462 -7.96 -35.20 29.36
N GLU A 463 -7.90 -35.12 30.69
CA GLU A 463 -6.67 -34.68 31.36
C GLU A 463 -5.57 -35.72 31.22
N SER A 464 -5.96 -36.93 30.86
CA SER A 464 -5.00 -37.99 30.56
C SER A 464 -4.99 -38.25 29.06
N GLY A 465 -4.07 -39.10 28.60
CA GLY A 465 -3.93 -39.38 27.19
C GLY A 465 -4.49 -40.74 26.80
N GLU A 466 -5.42 -41.24 27.61
CA GLU A 466 -5.99 -42.57 27.39
C GLU A 466 -6.91 -42.61 26.18
N GLY A 467 -6.39 -43.08 25.06
CA GLY A 467 -7.19 -43.30 23.86
C GLY A 467 -7.79 -42.04 23.26
N THR A 468 -7.26 -40.89 23.62
CA THR A 468 -7.75 -39.62 23.11
C THR A 468 -6.67 -38.54 23.19
N GLY A 469 -7.04 -37.31 22.85
CA GLY A 469 -6.12 -36.20 22.93
C GLY A 469 -5.94 -35.71 24.36
N ARG A 470 -4.77 -35.15 24.65
CA ARG A 470 -4.50 -34.61 25.98
C ARG A 470 -4.89 -33.15 26.09
N LYS A 471 -5.51 -32.80 27.22
CA LYS A 471 -5.73 -31.40 27.54
C LYS A 471 -4.90 -31.04 28.78
N ILE A 472 -4.26 -29.89 28.73
CA ILE A 472 -3.42 -29.45 29.85
C ILE A 472 -3.76 -28.01 30.22
N ASP A 473 -3.99 -27.78 31.52
CA ASP A 473 -4.43 -26.48 31.99
C ASP A 473 -3.33 -25.75 32.77
N LEU A 474 -2.93 -24.59 32.27
CA LEU A 474 -1.94 -23.78 32.97
C LEU A 474 -2.65 -22.64 33.70
N ASN A 475 -2.61 -22.67 35.02
CA ASN A 475 -3.37 -21.73 35.84
C ASN A 475 -2.52 -20.65 36.50
N LYS A 476 -1.28 -20.97 36.83
CA LYS A 476 -0.43 -20.04 37.55
C LYS A 476 -0.04 -18.83 36.72
N ASN A 477 -0.28 -17.64 37.28
CA ASN A 477 0.09 -16.39 36.65
C ASN A 477 1.37 -15.84 37.27
N PHE A 478 2.48 -15.97 36.56
CA PHE A 478 3.79 -15.60 37.08
C PHE A 478 4.11 -14.12 36.97
N ARG A 479 3.27 -13.37 36.25
CA ARG A 479 3.65 -12.01 35.85
C ARG A 479 2.77 -10.90 36.43
N SER A 480 1.73 -11.25 37.16
CA SER A 480 0.84 -10.23 37.70
C SER A 480 0.58 -10.40 39.20
N ARG A 481 0.26 -9.29 39.86
CA ARG A 481 0.05 -9.25 41.30
C ARG A 481 -1.25 -9.96 41.70
N ALA A 482 -1.34 -10.33 42.97
CA ALA A 482 -2.51 -11.02 43.51
C ALA A 482 -3.80 -10.20 43.37
N ASP A 483 -3.69 -8.89 43.57
CA ASP A 483 -4.84 -8.00 43.48
C ASP A 483 -5.47 -8.00 42.09
N ILE A 484 -4.64 -8.10 41.07
CA ILE A 484 -5.12 -8.11 39.70
C ILE A 484 -5.88 -9.40 39.41
N LEU A 485 -5.27 -10.52 39.80
CA LEU A 485 -5.87 -11.83 39.56
C LEU A 485 -7.16 -12.01 40.37
N ASP A 486 -7.16 -11.49 41.59
CA ASP A 486 -8.34 -11.57 42.44
C ASP A 486 -9.48 -10.74 41.88
N SER A 487 -9.17 -9.52 41.44
CA SER A 487 -10.17 -8.65 40.83
C SER A 487 -10.78 -9.28 39.58
N THR A 488 -9.91 -9.81 38.73
CA THR A 488 -10.32 -10.44 37.48
C THR A 488 -11.21 -11.66 37.74
N ASN A 489 -10.72 -12.57 38.58
CA ASN A 489 -11.47 -13.77 38.93
C ASN A 489 -12.81 -13.44 39.56
N PHE A 490 -12.82 -12.46 40.46
CA PHE A 490 -14.04 -12.02 41.14
C PHE A 490 -15.08 -11.53 40.13
N LEU A 491 -14.66 -10.68 39.20
CA LEU A 491 -15.57 -10.08 38.24
C LEU A 491 -16.09 -11.08 37.22
N PHE A 492 -15.21 -11.89 36.66
CA PHE A 492 -15.57 -12.81 35.60
C PHE A 492 -16.11 -14.13 36.14
N LYS A 493 -16.25 -14.21 37.46
CA LYS A 493 -16.90 -15.35 38.09
C LYS A 493 -18.42 -15.12 38.05
N GLN A 494 -18.79 -13.85 37.98
CA GLN A 494 -20.20 -13.46 37.95
C GLN A 494 -20.63 -13.01 36.56
N LEU A 495 -19.72 -13.07 35.60
CA LEU A 495 -20.01 -12.57 34.26
C LEU A 495 -19.90 -13.63 33.18
N MET A 496 -18.75 -14.28 33.10
CA MET A 496 -18.53 -15.34 32.12
C MET A 496 -19.22 -16.63 32.55
N GLY A 497 -19.97 -17.22 31.62
CA GLY A 497 -20.68 -18.46 31.89
C GLY A 497 -22.03 -18.47 31.23
N GLY A 498 -22.45 -19.64 30.76
CA GLY A 498 -23.74 -19.79 30.12
C GLY A 498 -23.69 -19.42 28.65
N LYS A 499 -24.61 -18.55 28.24
CA LYS A 499 -24.69 -18.13 26.83
C LYS A 499 -23.96 -16.82 26.59
N ILE A 500 -23.58 -16.14 27.67
CA ILE A 500 -22.92 -14.85 27.55
C ILE A 500 -21.41 -15.00 27.64
N GLY A 501 -20.96 -16.10 28.23
CA GLY A 501 -19.54 -16.35 28.38
C GLY A 501 -19.08 -17.52 27.52
N GLU A 502 -20.02 -18.40 27.21
CA GLU A 502 -19.77 -19.61 26.42
C GLU A 502 -18.81 -20.60 27.10
N VAL A 503 -18.27 -20.20 28.24
CA VAL A 503 -17.36 -21.05 29.02
C VAL A 503 -17.62 -20.86 30.51
N ASP A 504 -17.79 -21.97 31.22
CA ASP A 504 -17.99 -21.91 32.66
C ASP A 504 -16.75 -21.38 33.35
N TYR A 505 -16.93 -20.37 34.19
CA TYR A 505 -15.82 -19.80 34.94
C TYR A 505 -15.68 -20.45 36.31
N ASP A 506 -14.89 -21.51 36.36
CA ASP A 506 -14.70 -22.29 37.58
C ASP A 506 -13.23 -22.40 37.94
N GLU A 507 -12.92 -23.26 38.92
CA GLU A 507 -11.54 -23.58 39.23
C GLU A 507 -10.96 -24.32 38.03
N GLN A 508 -9.64 -24.34 37.93
CA GLN A 508 -8.89 -24.88 36.79
C GLN A 508 -9.04 -23.96 35.56
N ALA A 509 -9.86 -22.93 35.71
CA ALA A 509 -10.00 -21.89 34.71
C ALA A 509 -9.65 -20.53 35.32
N GLU A 510 -9.80 -20.43 36.63
CA GLU A 510 -9.45 -19.21 37.35
C GLU A 510 -7.94 -18.98 37.36
N LEU A 511 -7.55 -17.71 37.46
CA LEU A 511 -6.14 -17.36 37.54
C LEU A 511 -5.61 -17.64 38.94
N LYS A 512 -4.44 -18.27 39.01
CA LYS A 512 -3.80 -18.58 40.29
C LYS A 512 -2.49 -17.82 40.45
N LEU A 513 -2.26 -17.33 41.66
CA LEU A 513 -1.07 -16.52 41.94
C LEU A 513 0.21 -17.35 41.86
N GLY A 514 1.22 -16.80 41.19
CA GLY A 514 2.50 -17.46 41.06
C GLY A 514 3.63 -16.44 41.03
N ALA A 515 3.28 -15.18 41.29
CA ALA A 515 4.25 -14.10 41.26
C ALA A 515 4.59 -13.62 42.67
N ALA A 516 5.87 -13.71 43.02
CA ALA A 516 6.36 -13.25 44.31
C ALA A 516 6.42 -11.73 44.34
N TYR A 517 5.58 -11.11 45.16
CA TYR A 517 5.45 -9.67 45.20
C TYR A 517 5.51 -9.08 46.60
N PRO A 518 6.36 -8.06 46.79
CA PRO A 518 6.28 -7.23 47.99
C PRO A 518 5.01 -6.40 47.95
N ASP A 519 4.14 -6.57 48.94
CA ASP A 519 2.81 -5.95 48.91
C ASP A 519 2.86 -4.42 48.95
N ASN A 520 1.98 -3.80 48.19
CA ASN A 520 1.80 -2.36 48.21
C ASN A 520 0.37 -2.01 48.58
N ASP A 521 0.17 -0.82 49.15
CA ASP A 521 -1.12 -0.43 49.66
C ASP A 521 -2.01 0.23 48.60
N GLU A 522 -1.39 0.74 47.55
CA GLU A 522 -2.12 1.47 46.52
C GLU A 522 -2.44 0.63 45.29
N THR A 523 -2.29 -0.69 45.40
CA THR A 523 -2.48 -1.59 44.26
C THR A 523 -3.92 -2.01 44.06
N GLU A 524 -4.81 -1.50 44.89
CA GLU A 524 -6.22 -1.86 44.81
C GLU A 524 -6.88 -1.29 43.54
N THR A 525 -7.73 -2.11 42.92
CA THR A 525 -8.44 -1.73 41.70
C THR A 525 -9.33 -0.52 41.95
N GLU A 526 -9.17 0.51 41.13
CA GLU A 526 -9.93 1.75 41.30
C GLU A 526 -11.02 1.93 40.25
N LEU A 527 -12.16 2.46 40.68
CA LEU A 527 -13.25 2.76 39.76
C LEU A 527 -13.70 4.21 39.89
N LEU A 528 -13.61 4.94 38.78
CA LEU A 528 -13.93 6.37 38.75
C LEU A 528 -15.19 6.65 37.94
N LEU A 529 -16.30 6.88 38.64
CA LEU A 529 -17.58 7.16 38.00
C LEU A 529 -17.87 8.66 37.93
N ILE A 530 -18.10 9.17 36.73
CA ILE A 530 -18.26 10.60 36.51
C ILE A 530 -19.71 11.00 36.24
N ASP A 531 -20.17 12.00 36.99
CA ASP A 531 -21.52 12.54 36.82
C ASP A 531 -21.52 13.66 35.79
N ASN A 532 -22.71 14.06 35.36
CA ASN A 532 -22.85 15.17 34.41
C ASN A 532 -24.05 16.04 34.73
N GLU A 546 -17.80 17.66 26.09
CA GLU A 546 -17.56 16.25 25.84
C GLU A 546 -17.39 15.45 27.13
N THR A 547 -17.88 14.22 27.12
CA THR A 547 -17.68 13.33 28.26
C THR A 547 -16.23 12.86 28.30
N VAL A 548 -15.62 12.76 27.12
CA VAL A 548 -14.23 12.31 27.01
C VAL A 548 -13.28 13.34 27.60
N GLN A 549 -13.71 14.60 27.62
CA GLN A 549 -12.94 15.67 28.22
C GLN A 549 -12.82 15.46 29.72
N PHE A 550 -13.96 15.36 30.41
CA PHE A 550 -13.97 15.05 31.83
C PHE A 550 -13.21 13.77 32.09
N GLU A 551 -13.47 12.77 31.26
CA GLU A 551 -12.82 11.46 31.37
C GLU A 551 -11.30 11.61 31.39
N ALA A 552 -10.75 12.17 30.31
CA ALA A 552 -9.31 12.31 30.16
C ALA A 552 -8.70 13.18 31.25
N LYS A 553 -9.47 14.13 31.76
CA LYS A 553 -9.00 15.01 32.83
C LYS A 553 -8.88 14.26 34.14
N ALA A 554 -9.82 13.35 34.39
CA ALA A 554 -9.77 12.50 35.57
C ALA A 554 -8.59 11.54 35.46
N ILE A 555 -8.41 10.98 34.26
CA ILE A 555 -7.28 10.10 33.98
C ILE A 555 -5.97 10.84 34.24
N ALA A 556 -5.90 12.07 33.74
CA ALA A 556 -4.70 12.90 33.90
C ALA A 556 -4.38 13.18 35.37
N LYS A 557 -5.43 13.38 36.16
CA LYS A 557 -5.25 13.69 37.58
C LYS A 557 -4.66 12.50 38.34
N GLU A 558 -5.19 11.32 38.05
CA GLU A 558 -4.73 10.08 38.67
C GLU A 558 -3.30 9.74 38.24
N ILE A 559 -3.00 9.98 36.96
CA ILE A 559 -1.67 9.75 36.44
C ILE A 559 -0.69 10.71 37.11
N ARG A 560 -1.08 11.98 37.18
CA ARG A 560 -0.24 13.00 37.79
C ARG A 560 0.00 12.71 39.26
N LYS A 561 -1.01 12.16 39.93
CA LYS A 561 -0.88 11.80 41.34
C LYS A 561 0.04 10.59 41.51
N LEU A 562 0.02 9.71 40.51
CA LEU A 562 0.83 8.50 40.54
C LEU A 562 2.30 8.82 40.25
N ILE A 563 2.52 9.88 39.48
CA ILE A 563 3.86 10.30 39.13
C ILE A 563 4.46 11.21 40.20
N SER A 564 3.68 12.20 40.63
CA SER A 564 4.13 13.17 41.63
C SER A 564 4.56 12.50 42.93
N SER A 565 3.65 11.71 43.51
CA SER A 565 4.00 10.88 44.64
C SER A 565 4.59 9.58 44.12
N PRO A 566 5.86 9.31 44.46
CA PRO A 566 6.65 8.18 43.94
C PRO A 566 5.95 6.82 44.05
N PHE A 567 5.51 6.29 42.91
CA PHE A 567 4.96 4.95 42.83
C PHE A 567 6.08 3.98 42.46
N LYS A 568 6.24 2.92 43.25
CA LYS A 568 7.34 2.00 43.05
C LYS A 568 6.93 0.78 42.21
N VAL A 569 7.58 0.62 41.07
CA VAL A 569 7.35 -0.54 40.20
C VAL A 569 8.40 -1.61 40.50
N TYR A 570 7.95 -2.85 40.70
CA TYR A 570 8.87 -3.92 41.10
C TYR A 570 9.41 -4.69 39.89
N ASP A 571 10.73 -4.79 39.81
CA ASP A 571 11.37 -5.58 38.77
C ASP A 571 11.56 -7.01 39.26
N GLY A 572 10.65 -7.89 38.85
CA GLY A 572 10.64 -9.26 39.32
C GLY A 572 11.92 -10.03 39.07
N LYS A 573 12.65 -9.66 38.02
CA LYS A 573 13.86 -10.39 37.64
C LYS A 573 15.06 -10.01 38.51
N LYS A 574 15.16 -8.72 38.85
CA LYS A 574 16.29 -8.22 39.63
C LYS A 574 15.90 -7.73 41.02
N LYS A 575 14.61 -7.83 41.34
CA LYS A 575 14.11 -7.56 42.68
C LYS A 575 14.41 -6.16 43.21
N THR A 576 14.30 -5.16 42.33
CA THR A 576 14.56 -3.78 42.75
C THR A 576 13.43 -2.83 42.35
N HIS A 577 13.04 -1.97 43.28
CA HIS A 577 11.98 -0.98 43.02
C HIS A 577 12.53 0.23 42.29
N ARG A 578 11.79 0.69 41.29
CA ARG A 578 12.13 1.91 40.57
C ARG A 578 10.91 2.83 40.46
N ASN A 579 11.14 4.13 40.57
CA ASN A 579 10.06 5.10 40.43
C ASN A 579 9.41 5.01 39.07
N ILE A 580 8.08 5.05 39.07
CA ILE A 580 7.30 4.80 37.85
C ILE A 580 7.58 5.84 36.76
N GLN A 581 7.77 5.36 35.53
CA GLN A 581 7.97 6.24 34.40
C GLN A 581 6.66 6.41 33.64
N TYR A 582 6.68 7.20 32.59
CA TYR A 582 5.51 7.35 31.73
C TYR A 582 5.36 6.11 30.86
N ARG A 583 6.46 5.36 30.73
CA ARG A 583 6.49 4.11 29.98
C ARG A 583 5.59 3.05 30.61
N ASP A 584 5.44 3.10 31.93
CA ASP A 584 4.70 2.09 32.67
C ASP A 584 3.21 2.39 32.78
N ILE A 585 2.76 3.44 32.11
CA ILE A 585 1.36 3.83 32.14
C ILE A 585 0.74 3.73 30.75
N VAL A 586 -0.33 2.94 30.64
CA VAL A 586 -1.00 2.71 29.37
C VAL A 586 -2.51 2.86 29.48
N ILE A 587 -3.09 3.66 28.59
CA ILE A 587 -4.53 3.81 28.51
C ILE A 587 -5.11 2.91 27.44
N LEU A 588 -6.00 2.00 27.83
CA LEU A 588 -6.63 1.08 26.89
C LEU A 588 -8.05 1.51 26.56
N LEU A 589 -8.35 1.56 25.26
CA LEU A 589 -9.70 1.91 24.80
C LEU A 589 -10.29 0.80 23.94
N ARG A 590 -11.61 0.69 23.96
CA ARG A 590 -12.30 -0.27 23.09
C ARG A 590 -12.24 0.20 21.65
N SER A 591 -12.30 1.52 21.47
CA SER A 591 -12.26 2.12 20.15
C SER A 591 -11.29 3.30 20.13
N MET A 592 -10.89 3.72 18.94
CA MET A 592 -9.95 4.83 18.76
C MET A 592 -10.51 6.22 18.39
N PRO A 593 -11.83 6.35 18.14
CA PRO A 593 -12.24 7.75 17.94
C PRO A 593 -12.09 8.64 19.17
N TRP A 594 -11.94 8.05 20.36
CA TRP A 594 -11.79 8.81 21.59
C TRP A 594 -10.34 9.22 21.83
N ALA A 595 -9.43 8.55 21.12
CA ALA A 595 -7.99 8.75 21.31
C ALA A 595 -7.47 10.19 21.09
N PRO A 596 -7.90 10.87 20.00
CA PRO A 596 -7.34 12.20 19.79
C PRO A 596 -7.59 13.17 20.94
N GLN A 597 -8.82 13.27 21.41
CA GLN A 597 -9.17 14.19 22.49
C GLN A 597 -8.40 13.87 23.77
N ILE A 598 -8.26 12.58 24.08
CA ILE A 598 -7.51 12.16 25.25
C ILE A 598 -6.06 12.55 25.11
N MET A 599 -5.53 12.40 23.90
CA MET A 599 -4.14 12.79 23.62
C MET A 599 -3.95 14.28 23.81
N GLU A 600 -4.91 15.06 23.33
CA GLU A 600 -4.82 16.53 23.43
C GLU A 600 -4.86 16.99 24.87
N GLU A 601 -5.78 16.44 25.65
CA GLU A 601 -5.95 16.83 27.04
C GLU A 601 -4.73 16.45 27.89
N LEU A 602 -4.23 15.24 27.67
CA LEU A 602 -3.07 14.76 28.42
C LEU A 602 -1.79 15.50 28.03
N ARG A 603 -1.67 15.83 26.74
CA ARG A 603 -0.55 16.63 26.29
C ARG A 603 -0.61 18.03 26.88
N ALA A 604 -1.83 18.50 27.13
CA ALA A 604 -2.04 19.81 27.74
C ALA A 604 -1.69 19.78 29.22
N GLN A 605 -1.98 18.65 29.87
CA GLN A 605 -1.71 18.49 31.29
C GLN A 605 -0.21 18.31 31.57
N GLY A 606 0.54 17.97 30.53
CA GLY A 606 1.97 17.76 30.67
C GLY A 606 2.33 16.29 30.68
N ILE A 607 1.46 15.47 30.07
CA ILE A 607 1.66 14.04 30.02
C ILE A 607 2.02 13.59 28.61
N PRO A 608 3.23 13.03 28.44
CA PRO A 608 3.72 12.53 27.15
C PRO A 608 2.87 11.37 26.65
N VAL A 609 2.29 11.51 25.46
CA VAL A 609 1.37 10.49 24.92
C VAL A 609 1.72 10.08 23.49
N TYR A 610 1.72 8.77 23.26
CA TYR A 610 1.87 8.24 21.91
C TYR A 610 0.74 7.26 21.59
N ALA A 611 0.27 7.30 20.33
CA ALA A 611 -0.79 6.42 19.88
C ALA A 611 -0.70 6.19 18.38
N ASN A 612 -0.96 4.96 17.95
CA ASN A 612 -0.91 4.61 16.53
C ASN A 612 -2.29 4.65 15.88
N LEU A 613 -2.36 5.25 14.69
CA LEU A 613 -3.62 5.36 13.97
C LEU A 613 -3.64 4.51 12.71
N THR A 614 -4.77 3.85 12.47
CA THR A 614 -4.93 3.00 11.29
C THR A 614 -5.69 3.72 10.18
N SER A 615 -6.00 5.00 10.42
CA SER A 615 -6.72 5.81 9.45
C SER A 615 -6.54 7.30 9.73
N GLY A 616 -7.06 8.14 8.83
CA GLY A 616 -6.95 9.58 8.96
C GLY A 616 -5.70 10.15 8.31
N TYR A 617 -5.15 9.42 7.36
CA TYR A 617 -3.94 9.85 6.67
C TYR A 617 -4.23 10.87 5.59
N PHE A 618 -5.43 10.81 5.02
CA PHE A 618 -5.81 11.66 3.91
C PHE A 618 -6.58 12.89 4.36
N GLU A 619 -6.67 13.09 5.67
CA GLU A 619 -7.28 14.30 6.22
C GLU A 619 -6.19 15.19 6.82
N ALA A 620 -4.96 14.69 6.80
CA ALA A 620 -3.81 15.50 7.17
C ALA A 620 -3.58 16.56 6.11
N VAL A 621 -3.35 17.80 6.54
CA VAL A 621 -3.22 18.92 5.62
C VAL A 621 -2.00 18.78 4.70
N GLU A 622 -0.89 18.33 5.26
CA GLU A 622 0.34 18.18 4.48
C GLU A 622 0.18 17.15 3.37
N VAL A 623 -0.58 16.10 3.64
CA VAL A 623 -0.82 15.07 2.66
C VAL A 623 -1.74 15.60 1.56
N ALA A 624 -2.73 16.40 1.97
CA ALA A 624 -3.66 17.03 1.04
C ALA A 624 -2.93 17.98 0.10
N VAL A 625 -2.02 18.76 0.67
CA VAL A 625 -1.25 19.73 -0.12
C VAL A 625 -0.31 19.03 -1.10
N ALA A 626 0.41 18.04 -0.60
CA ALA A 626 1.34 17.28 -1.43
C ALA A 626 0.61 16.54 -2.55
N LEU A 627 -0.56 15.98 -2.24
CA LEU A 627 -1.39 15.34 -3.26
C LEU A 627 -1.89 16.35 -4.27
N SER A 628 -2.22 17.55 -3.78
CA SER A 628 -2.66 18.63 -4.65
C SER A 628 -1.58 19.00 -5.65
N VAL A 629 -0.34 19.00 -5.18
CA VAL A 629 0.80 19.28 -6.05
C VAL A 629 0.90 18.24 -7.16
N LEU A 630 0.81 16.97 -6.78
CA LEU A 630 0.84 15.87 -7.74
C LEU A 630 -0.30 15.97 -8.75
N LYS A 631 -1.45 16.45 -8.28
CA LYS A 631 -2.61 16.61 -9.15
C LYS A 631 -2.38 17.70 -10.19
N VAL A 632 -1.81 18.82 -9.75
CA VAL A 632 -1.51 19.93 -10.65
C VAL A 632 -0.45 19.53 -11.69
N ILE A 633 0.51 18.72 -11.26
CA ILE A 633 1.53 18.20 -12.14
C ILE A 633 0.91 17.23 -13.16
N ASP A 634 -0.14 16.54 -12.74
CA ASP A 634 -0.85 15.65 -13.64
C ASP A 634 -1.70 16.45 -14.63
N ASN A 635 -2.60 17.25 -14.09
CA ASN A 635 -3.47 18.10 -14.91
C ASN A 635 -3.73 19.44 -14.22
N PRO A 636 -3.06 20.49 -14.69
CA PRO A 636 -3.12 21.84 -14.09
C PRO A 636 -4.52 22.44 -14.09
N TYR A 637 -5.37 21.98 -15.00
CA TYR A 637 -6.71 22.54 -15.12
C TYR A 637 -7.67 21.97 -14.08
N GLN A 638 -7.23 22.03 -12.82
CA GLN A 638 -8.05 21.67 -11.68
C GLN A 638 -7.93 22.79 -10.64
N ASP A 639 -8.98 23.60 -10.54
CA ASP A 639 -8.94 24.85 -9.77
C ASP A 639 -8.67 24.66 -8.30
N ILE A 640 -9.19 23.58 -7.73
CA ILE A 640 -9.07 23.33 -6.30
C ILE A 640 -7.69 22.82 -5.88
N PRO A 641 -7.12 21.83 -6.59
CA PRO A 641 -5.77 21.47 -6.17
C PRO A 641 -4.77 22.60 -6.44
N LEU A 642 -5.03 23.40 -7.48
CA LEU A 642 -4.16 24.52 -7.81
C LEU A 642 -4.19 25.57 -6.72
N ALA A 643 -5.39 26.00 -6.36
CA ALA A 643 -5.59 26.97 -5.29
C ALA A 643 -4.98 26.48 -3.98
N SER A 644 -5.00 25.16 -3.80
CA SER A 644 -4.43 24.53 -2.62
C SER A 644 -2.92 24.74 -2.59
N VAL A 645 -2.28 24.51 -3.73
CA VAL A 645 -0.84 24.67 -3.84
C VAL A 645 -0.44 26.15 -3.73
N LEU A 646 -1.26 27.02 -4.31
CA LEU A 646 -0.96 28.45 -4.32
C LEU A 646 -1.06 29.04 -2.92
N ARG A 647 -2.06 28.61 -2.15
CA ARG A 647 -2.28 29.15 -0.82
C ARG A 647 -1.36 28.48 0.21
N SER A 648 -0.92 27.27 -0.10
CA SER A 648 0.01 26.55 0.76
C SER A 648 1.33 27.30 0.85
N PRO A 649 2.09 27.04 1.93
CA PRO A 649 3.43 27.63 2.12
C PRO A 649 4.38 27.40 0.95
N ILE A 650 4.03 26.46 0.06
CA ILE A 650 4.83 26.17 -1.12
C ILE A 650 4.96 27.41 -2.00
N VAL A 651 3.85 28.12 -2.18
CA VAL A 651 3.88 29.38 -2.91
C VAL A 651 3.70 30.54 -1.94
N GLY A 652 2.66 30.47 -1.12
CA GLY A 652 2.45 31.45 -0.07
C GLY A 652 1.56 32.62 -0.46
N ALA A 653 0.73 32.42 -1.48
CA ALA A 653 -0.21 33.46 -1.89
C ALA A 653 -1.29 33.62 -0.83
N ASP A 654 -1.67 34.87 -0.54
CA ASP A 654 -2.75 35.13 0.39
C ASP A 654 -4.07 35.31 -0.36
N GLU A 655 -5.13 35.58 0.39
CA GLU A 655 -6.46 35.70 -0.18
C GLU A 655 -6.59 36.86 -1.17
N ASN A 656 -5.93 37.98 -0.86
CA ASN A 656 -5.92 39.13 -1.74
C ASN A 656 -5.22 38.81 -3.04
N GLU A 657 -4.11 38.07 -2.94
CA GLU A 657 -3.34 37.68 -4.10
C GLU A 657 -4.09 36.67 -4.95
N LEU A 658 -4.76 35.72 -4.30
CA LEU A 658 -5.55 34.71 -5.01
C LEU A 658 -6.70 35.35 -5.77
N SER A 659 -7.41 36.26 -5.10
CA SER A 659 -8.50 36.98 -5.75
C SER A 659 -7.96 37.86 -6.86
N LEU A 660 -6.75 38.36 -6.68
CA LEU A 660 -6.09 39.17 -7.69
C LEU A 660 -5.83 38.35 -8.96
N ILE A 661 -5.49 37.08 -8.77
CA ILE A 661 -5.28 36.16 -9.89
C ILE A 661 -6.58 35.93 -10.66
N ARG A 662 -7.67 35.84 -9.92
CA ARG A 662 -8.99 35.59 -10.50
C ARG A 662 -9.49 36.81 -11.27
N LEU A 663 -9.07 37.98 -10.82
CA LEU A 663 -9.49 39.24 -11.44
C LEU A 663 -9.04 39.33 -12.90
N GLU A 664 -7.91 38.72 -13.21
CA GLU A 664 -7.37 38.75 -14.56
C GLU A 664 -8.25 38.01 -15.56
N ASN A 665 -8.89 36.94 -15.10
CA ASN A 665 -9.78 36.16 -15.95
C ASN A 665 -10.83 35.45 -15.11
N LYS A 666 -12.10 35.77 -15.34
CA LYS A 666 -13.18 35.35 -14.47
C LYS A 666 -13.91 34.10 -14.96
N LYS A 667 -13.95 33.91 -16.28
CA LYS A 667 -14.67 32.77 -16.85
C LYS A 667 -13.76 31.57 -17.07
N ALA A 668 -12.54 31.84 -17.51
CA ALA A 668 -11.58 30.78 -17.79
C ALA A 668 -11.15 30.07 -16.50
N PRO A 669 -10.61 28.85 -16.64
CA PRO A 669 -10.03 28.12 -15.49
C PRO A 669 -9.05 28.96 -14.69
N TYR A 670 -8.86 28.60 -13.42
CA TYR A 670 -7.98 29.36 -12.54
C TYR A 670 -6.54 29.34 -13.04
N TYR A 671 -6.16 28.22 -13.66
CA TYR A 671 -4.82 28.07 -14.23
C TYR A 671 -4.57 29.08 -15.33
N GLU A 672 -5.58 29.28 -16.18
CA GLU A 672 -5.49 30.26 -17.26
C GLU A 672 -5.38 31.67 -16.70
N ALA A 673 -6.08 31.92 -15.60
CA ALA A 673 -6.03 33.21 -14.92
C ALA A 673 -4.62 33.46 -14.38
N MET A 674 -3.98 32.39 -13.93
CA MET A 674 -2.62 32.49 -13.40
C MET A 674 -1.64 32.80 -14.53
N LYS A 675 -1.80 32.12 -15.65
CA LYS A 675 -0.95 32.36 -16.81
C LYS A 675 -1.15 33.77 -17.36
N ASP A 676 -2.38 34.24 -17.30
CA ASP A 676 -2.71 35.58 -17.78
C ASP A 676 -2.11 36.66 -16.89
N TYR A 677 -2.10 36.41 -15.58
CA TYR A 677 -1.47 37.32 -14.64
C TYR A 677 0.02 37.38 -14.89
N LEU A 678 0.61 36.22 -15.16
CA LEU A 678 2.02 36.14 -15.49
C LEU A 678 2.31 36.87 -16.81
N ALA A 679 1.36 36.77 -17.74
CA ALA A 679 1.54 37.37 -19.05
C ALA A 679 1.32 38.88 -19.04
N ALA A 680 0.75 39.39 -17.95
CA ALA A 680 0.41 40.80 -17.86
C ALA A 680 1.17 41.49 -16.74
N GLY A 681 1.61 40.71 -15.77
CA GLY A 681 2.30 41.24 -14.61
C GLY A 681 3.69 41.73 -14.91
N ASP A 682 4.23 42.55 -14.00
CA ASP A 682 5.59 43.04 -14.10
C ASP A 682 6.49 42.34 -13.10
N ARG A 683 7.76 42.16 -13.45
CA ARG A 683 8.69 41.39 -12.62
C ARG A 683 8.96 42.03 -11.26
N SER A 684 8.51 43.27 -11.08
CA SER A 684 8.75 44.00 -9.84
C SER A 684 7.73 43.64 -8.76
N ASP A 685 6.74 42.85 -9.14
CA ASP A 685 5.71 42.41 -8.20
C ASP A 685 6.13 41.16 -7.46
N GLU A 686 5.83 41.13 -6.16
CA GLU A 686 6.13 39.97 -5.35
C GLU A 686 5.23 38.79 -5.73
N LEU A 687 3.97 39.09 -6.03
CA LEU A 687 3.01 38.07 -6.44
C LEU A 687 3.43 37.48 -7.79
N TYR A 688 4.06 38.30 -8.62
CA TYR A 688 4.57 37.82 -9.89
C TYR A 688 5.67 36.79 -9.66
N GLN A 689 6.58 37.12 -8.74
CA GLN A 689 7.68 36.22 -8.38
C GLN A 689 7.18 34.89 -7.85
N LYS A 690 6.14 34.94 -7.03
CA LYS A 690 5.51 33.74 -6.49
C LYS A 690 5.02 32.84 -7.60
N LEU A 691 4.10 33.36 -8.41
CA LEU A 691 3.47 32.61 -9.49
C LEU A 691 4.46 32.20 -10.58
N ASN A 692 5.46 33.04 -10.84
CA ASN A 692 6.43 32.71 -11.87
C ASN A 692 7.35 31.58 -11.43
N THR A 693 7.90 31.70 -10.22
CA THR A 693 8.78 30.66 -9.67
C THR A 693 8.04 29.33 -9.59
N PHE A 694 6.77 29.40 -9.19
CA PHE A 694 5.94 28.22 -9.13
C PHE A 694 5.70 27.66 -10.54
N TYR A 695 5.52 28.57 -11.50
CA TYR A 695 5.28 28.17 -12.88
C TYR A 695 6.46 27.42 -13.48
N GLY A 696 7.66 27.95 -13.26
CA GLY A 696 8.86 27.31 -13.75
C GLY A 696 9.01 25.96 -13.11
N HIS A 697 8.76 25.92 -11.79
CA HIS A 697 8.77 24.67 -11.03
C HIS A 697 7.76 23.68 -11.60
N LEU A 698 6.56 24.17 -11.86
CA LEU A 698 5.48 23.33 -12.39
C LEU A 698 5.87 22.68 -13.71
N GLN A 699 6.33 23.50 -14.65
CA GLN A 699 6.73 23.03 -15.98
C GLN A 699 7.88 22.02 -15.90
N LYS A 700 8.78 22.26 -14.96
CA LYS A 700 9.89 21.35 -14.72
C LYS A 700 9.37 20.00 -14.27
N TRP A 701 8.42 20.03 -13.34
CA TRP A 701 7.80 18.82 -12.83
C TRP A 701 7.02 18.09 -13.92
N ARG A 702 6.33 18.85 -14.77
CA ARG A 702 5.58 18.26 -15.87
C ARG A 702 6.51 17.41 -16.74
N ALA A 703 7.65 17.98 -17.12
CA ALA A 703 8.62 17.29 -17.95
C ALA A 703 9.34 16.18 -17.19
N PHE A 704 9.47 16.37 -15.89
CA PHE A 704 10.19 15.42 -15.04
C PHE A 704 9.35 14.16 -14.80
N SER A 705 8.04 14.32 -14.68
CA SER A 705 7.17 13.20 -14.38
C SER A 705 7.08 12.21 -15.53
N LYS A 706 7.34 12.69 -16.73
CA LYS A 706 7.22 11.86 -17.93
C LYS A 706 8.39 10.88 -18.08
N ASN A 707 9.51 11.20 -17.45
CA ASN A 707 10.71 10.39 -17.62
C ASN A 707 11.09 9.61 -16.37
N HIS A 708 10.59 10.04 -15.21
CA HIS A 708 10.91 9.39 -13.95
C HIS A 708 9.67 8.76 -13.30
N SER A 709 9.89 7.96 -12.26
CA SER A 709 8.77 7.32 -11.57
C SER A 709 8.03 8.34 -10.71
N VAL A 710 7.04 7.86 -9.95
CA VAL A 710 6.26 8.74 -9.11
C VAL A 710 7.03 9.12 -7.86
N SER A 711 7.69 8.12 -7.26
CA SER A 711 8.48 8.34 -6.07
C SER A 711 9.57 9.38 -6.29
N GLU A 712 10.24 9.28 -7.44
CA GLU A 712 11.28 10.24 -7.79
C GLU A 712 10.71 11.65 -7.94
N LEU A 713 9.50 11.72 -8.47
CA LEU A 713 8.83 13.00 -8.67
C LEU A 713 8.48 13.63 -7.33
N ILE A 714 8.03 12.80 -6.39
CA ILE A 714 7.70 13.25 -5.04
C ILE A 714 8.92 13.83 -4.32
N TRP A 715 10.05 13.12 -4.41
CA TRP A 715 11.28 13.57 -3.75
C TRP A 715 11.79 14.86 -4.37
N GLU A 716 11.75 14.93 -5.70
CA GLU A 716 12.18 16.10 -6.44
C GLU A 716 11.32 17.31 -6.08
N VAL A 717 10.02 17.09 -5.93
CA VAL A 717 9.12 18.14 -5.48
C VAL A 717 9.50 18.58 -4.07
N TYR A 718 9.76 17.60 -3.20
CA TYR A 718 10.10 17.86 -1.82
C TYR A 718 11.37 18.72 -1.67
N ARG A 719 12.32 18.55 -2.58
CA ARG A 719 13.57 19.30 -2.49
C ARG A 719 13.48 20.64 -3.21
N ASP A 720 12.62 20.71 -4.21
CA ASP A 720 12.44 21.96 -4.96
C ASP A 720 11.51 22.92 -4.21
N THR A 721 10.72 22.39 -3.30
CA THR A 721 9.78 23.21 -2.54
C THR A 721 10.23 23.37 -1.10
N LYS A 722 11.01 22.42 -0.62
CA LYS A 722 11.39 22.34 0.79
C LYS A 722 10.15 22.35 1.66
N TYR A 723 9.10 21.68 1.17
CA TYR A 723 7.84 21.61 1.91
C TYR A 723 7.97 20.66 3.08
N MET A 724 8.73 19.59 2.89
CA MET A 724 8.96 18.63 3.97
C MET A 724 9.82 19.28 5.04
N ASP A 725 10.84 20.02 4.61
CA ASP A 725 11.67 20.79 5.53
C ASP A 725 10.82 21.84 6.23
N TYR A 726 9.85 22.41 5.52
CA TYR A 726 8.98 23.43 6.09
C TYR A 726 8.06 22.87 7.16
N VAL A 727 7.30 21.83 6.82
CA VAL A 727 6.36 21.25 7.77
C VAL A 727 7.07 20.66 8.98
N GLY A 728 8.37 20.40 8.83
CA GLY A 728 9.17 19.90 9.93
C GLY A 728 9.42 20.96 10.98
N GLY A 729 9.18 22.21 10.60
CA GLY A 729 9.38 23.34 11.49
C GLY A 729 8.10 24.03 11.89
N MET A 730 7.00 23.29 11.87
CA MET A 730 5.71 23.82 12.31
C MET A 730 5.11 22.85 13.34
N PRO A 731 4.11 23.30 14.12
CA PRO A 731 3.53 22.49 15.19
C PRO A 731 3.21 21.04 14.78
N GLY A 732 3.83 20.09 15.47
CA GLY A 732 3.63 18.68 15.18
C GLY A 732 4.41 18.23 13.97
N GLY A 733 5.48 18.94 13.66
CA GLY A 733 6.29 18.65 12.49
C GLY A 733 6.91 17.26 12.48
N LYS A 734 7.12 16.69 13.66
CA LYS A 734 7.64 15.34 13.79
C LYS A 734 6.74 14.38 13.05
N GLN A 735 5.43 14.53 13.29
CA GLN A 735 4.42 13.71 12.62
C GLN A 735 4.31 14.06 11.14
N ARG A 736 4.28 15.36 10.84
CA ARG A 736 4.05 15.87 9.50
C ARG A 736 5.09 15.41 8.50
N GLN A 737 6.36 15.44 8.90
CA GLN A 737 7.44 14.95 8.05
C GLN A 737 7.30 13.47 7.78
N ALA A 738 6.79 12.74 8.78
CA ALA A 738 6.56 11.32 8.64
C ALA A 738 5.42 11.05 7.66
N ASN A 739 4.39 11.89 7.71
CA ASN A 739 3.25 11.79 6.80
C ASN A 739 3.66 11.97 5.35
N LEU A 740 4.69 12.78 5.14
CA LEU A 740 5.21 13.06 3.81
C LEU A 740 6.23 12.02 3.38
N ARG A 741 6.85 11.39 4.38
CA ARG A 741 7.82 10.34 4.13
C ARG A 741 7.11 9.10 3.60
N VAL A 742 6.00 8.73 4.23
CA VAL A 742 5.28 7.51 3.88
C VAL A 742 4.53 7.63 2.56
N LEU A 743 4.38 8.85 2.06
CA LEU A 743 3.79 9.05 0.74
C LEU A 743 4.79 8.66 -0.34
N TYR A 744 6.06 8.97 -0.10
CA TYR A 744 7.14 8.54 -0.98
C TYR A 744 7.26 7.02 -0.96
N ASP A 745 7.19 6.45 0.24
CA ASP A 745 7.31 5.02 0.45
C ASP A 745 6.12 4.27 -0.13
N ARG A 746 4.97 4.92 -0.11
CA ARG A 746 3.75 4.33 -0.66
C ARG A 746 3.78 4.33 -2.18
N ALA A 747 4.38 5.38 -2.74
CA ALA A 747 4.55 5.46 -4.19
C ALA A 747 5.47 4.36 -4.68
N ARG A 748 6.56 4.14 -3.95
CA ARG A 748 7.49 3.05 -4.23
C ARG A 748 6.78 1.71 -4.11
N GLN A 749 5.84 1.62 -3.18
CA GLN A 749 5.07 0.40 -2.99
C GLN A 749 4.17 0.16 -4.20
N TYR A 750 3.57 1.23 -4.71
CA TYR A 750 2.63 1.12 -5.83
C TYR A 750 3.30 0.72 -7.13
N GLU A 751 4.61 0.96 -7.24
CA GLU A 751 5.36 0.68 -8.45
C GLU A 751 5.36 -0.81 -8.82
N SER A 752 4.97 -1.66 -7.87
CA SER A 752 4.86 -3.09 -8.09
C SER A 752 3.45 -3.46 -8.56
N THR A 753 2.46 -2.74 -8.05
CA THR A 753 1.05 -3.01 -8.34
C THR A 753 0.70 -2.91 -9.82
N ALA A 754 0.83 -1.72 -10.38
CA ALA A 754 0.49 -1.50 -11.78
C ALA A 754 1.54 -0.61 -12.41
N PHE A 755 2.71 -0.60 -11.78
CA PHE A 755 3.87 0.16 -12.25
C PHE A 755 3.65 1.67 -12.20
N ARG A 756 4.65 2.41 -12.67
CA ARG A 756 4.81 3.82 -12.35
C ARG A 756 4.01 4.78 -13.24
N GLY A 757 3.94 6.02 -12.80
CA GLY A 757 3.23 7.06 -13.52
C GLY A 757 2.26 7.80 -12.61
N LEU A 758 2.40 9.12 -12.55
CA LEU A 758 1.51 9.96 -11.76
C LEU A 758 0.06 9.69 -12.11
N PHE A 759 -0.17 9.40 -13.37
CA PHE A 759 -1.50 9.07 -13.86
C PHE A 759 -2.06 7.87 -13.11
N ARG A 760 -1.29 6.79 -13.09
CA ARG A 760 -1.68 5.56 -12.44
C ARG A 760 -1.74 5.71 -10.91
N PHE A 761 -0.69 6.29 -10.34
CA PHE A 761 -0.61 6.51 -8.90
C PHE A 761 -1.79 7.31 -8.36
N LEU A 762 -2.02 8.50 -8.92
CA LEU A 762 -3.08 9.37 -8.45
C LEU A 762 -4.44 8.74 -8.62
N ARG A 763 -4.61 7.99 -9.70
CA ARG A 763 -5.86 7.28 -9.95
C ARG A 763 -6.08 6.25 -8.85
N PHE A 764 -5.02 5.55 -8.49
CA PHE A 764 -5.06 4.53 -7.45
C PHE A 764 -5.43 5.10 -6.09
N ILE A 765 -4.84 6.25 -5.76
CA ILE A 765 -5.14 6.93 -4.51
C ILE A 765 -6.57 7.47 -4.52
N GLU A 766 -6.97 8.07 -5.64
CA GLU A 766 -8.31 8.62 -5.77
C GLU A 766 -9.35 7.53 -5.66
N ARG A 767 -9.11 6.40 -6.32
CA ARG A 767 -10.03 5.27 -6.27
C ARG A 767 -10.06 4.65 -4.88
N MET A 768 -8.95 4.75 -4.16
CA MET A 768 -8.86 4.22 -2.80
C MET A 768 -9.75 5.03 -1.86
N GLN A 769 -9.74 6.35 -2.04
CA GLN A 769 -10.48 7.24 -1.17
C GLN A 769 -11.97 7.26 -1.49
N GLU A 770 -12.30 7.14 -2.78
CA GLU A 770 -13.68 7.26 -3.23
C GLU A 770 -14.54 6.10 -2.74
N ARG A 771 -13.91 4.97 -2.46
CA ARG A 771 -14.62 3.82 -1.91
C ARG A 771 -14.53 3.81 -0.38
N GLY A 772 -13.73 4.72 0.16
CA GLY A 772 -13.67 4.91 1.59
C GLY A 772 -12.56 4.18 2.30
N ASP A 773 -11.53 3.78 1.54
CA ASP A 773 -10.37 3.11 2.12
C ASP A 773 -9.32 4.13 2.56
N ASP A 774 -8.57 3.78 3.60
CA ASP A 774 -7.61 4.69 4.20
C ASP A 774 -6.29 4.00 4.50
N LEU A 775 -5.30 4.80 4.91
CA LEU A 775 -4.01 4.29 5.34
C LEU A 775 -3.66 4.87 6.71
N GLY A 776 -2.67 4.29 7.38
CA GLY A 776 -2.26 4.76 8.69
C GLY A 776 -1.36 5.97 8.63
N THR A 777 -1.22 6.65 9.76
CA THR A 777 -0.34 7.82 9.85
C THR A 777 1.07 7.39 10.25
N ALA A 778 1.39 6.14 9.97
CA ALA A 778 2.69 5.57 10.31
C ALA A 778 3.84 6.30 9.62
N SER A 782 7.69 6.13 17.60
CA SER A 782 8.26 6.71 18.81
C SER A 782 8.24 5.70 19.96
N GLU A 783 8.86 4.55 19.76
CA GLU A 783 8.87 3.49 20.76
C GLU A 783 10.06 3.66 21.70
N GLN A 784 10.15 4.83 22.33
CA GLN A 784 11.16 5.08 23.34
C GLN A 784 10.51 5.42 24.67
N GLU A 785 11.28 5.31 25.76
CA GLU A 785 10.73 5.39 27.10
C GLU A 785 10.14 6.76 27.45
N ASP A 786 9.36 6.79 28.52
CA ASP A 786 8.68 7.99 29.01
C ASP A 786 7.66 8.52 28.01
N VAL A 787 6.84 7.61 27.46
CA VAL A 787 5.67 8.00 26.69
C VAL A 787 4.48 7.16 27.14
N VAL A 788 3.33 7.80 27.33
CA VAL A 788 2.12 7.07 27.72
C VAL A 788 1.42 6.54 26.48
N ARG A 789 1.34 5.22 26.40
CA ARG A 789 0.74 4.58 25.23
C ARG A 789 -0.78 4.47 25.33
N LEU A 790 -1.45 5.11 24.39
CA LEU A 790 -2.90 5.01 24.26
C LEU A 790 -3.22 4.13 23.06
N MET A 791 -3.78 2.96 23.33
CA MET A 791 -4.05 2.00 22.26
C MET A 791 -5.28 1.14 22.52
N THR A 792 -5.70 0.40 21.50
CA THR A 792 -6.85 -0.48 21.60
C THR A 792 -6.55 -1.69 22.49
N ILE A 793 -7.60 -2.20 23.13
CA ILE A 793 -7.49 -3.40 23.95
C ILE A 793 -7.06 -4.58 23.09
N HIS A 794 -7.54 -4.63 21.85
CA HIS A 794 -7.19 -5.70 20.93
C HIS A 794 -5.70 -5.75 20.64
N SER A 795 -5.08 -4.57 20.54
CA SER A 795 -3.66 -4.46 20.23
C SER A 795 -2.80 -4.71 21.46
N SER A 796 -3.40 -4.55 22.65
CA SER A 796 -2.67 -4.77 23.90
C SER A 796 -2.47 -6.25 24.16
N LYS A 797 -3.12 -7.09 23.36
CA LYS A 797 -3.02 -8.53 23.48
C LYS A 797 -1.57 -8.99 23.32
N GLY A 798 -1.05 -9.63 24.36
CA GLY A 798 0.31 -10.13 24.33
C GLY A 798 1.29 -9.18 25.01
N LEU A 799 0.81 -8.00 25.35
CA LEU A 799 1.64 -7.00 26.02
C LEU A 799 1.30 -6.96 27.52
N GLU A 800 2.07 -6.18 28.27
CA GLU A 800 1.90 -6.11 29.72
C GLU A 800 2.42 -4.80 30.28
N PHE A 801 1.71 -4.24 31.25
CA PHE A 801 2.08 -2.96 31.84
C PHE A 801 1.77 -2.92 33.32
N PRO A 802 2.59 -2.21 34.10
CA PRO A 802 2.35 -2.06 35.55
C PRO A 802 1.02 -1.38 35.84
N VAL A 803 0.72 -0.31 35.12
CA VAL A 803 -0.53 0.43 35.32
C VAL A 803 -1.35 0.48 34.03
N VAL A 804 -2.62 0.07 34.13
CA VAL A 804 -3.50 0.03 32.96
C VAL A 804 -4.78 0.84 33.18
N PHE A 805 -5.03 1.79 32.28
CA PHE A 805 -6.26 2.56 32.31
C PHE A 805 -7.23 2.05 31.24
N VAL A 806 -8.44 1.69 31.65
CA VAL A 806 -9.49 1.31 30.72
C VAL A 806 -10.68 2.26 30.82
N ALA A 807 -10.79 3.16 29.85
CA ALA A 807 -11.86 4.16 29.84
C ALA A 807 -12.89 3.82 28.78
N GLY A 808 -13.94 4.64 28.70
CA GLY A 808 -15.02 4.37 27.77
C GLY A 808 -15.87 3.21 28.23
N LEU A 809 -15.74 2.86 29.50
CA LEU A 809 -16.50 1.77 30.08
C LEU A 809 -17.95 2.16 30.27
N GLY A 810 -18.22 3.46 30.23
CA GLY A 810 -19.58 3.96 30.32
C GLY A 810 -20.13 4.30 28.96
N ARG A 811 -19.66 3.57 27.94
CA ARG A 811 -20.02 3.83 26.57
C ARG A 811 -20.60 2.56 25.91
N ASN A 812 -21.62 2.75 25.08
CA ASN A 812 -22.34 1.63 24.48
C ASN A 812 -21.48 0.77 23.55
N PHE A 813 -21.82 -0.52 23.48
CA PHE A 813 -21.17 -1.43 22.55
C PHE A 813 -21.64 -1.14 21.12
N ASN A 814 -20.97 -1.75 20.14
CA ASN A 814 -21.35 -1.57 18.76
C ASN A 814 -22.32 -2.65 18.29
N MET A 815 -23.60 -2.30 18.19
CA MET A 815 -24.63 -3.24 17.76
C MET A 815 -25.19 -2.87 16.39
N MET A 816 -24.36 -2.22 15.58
CA MET A 816 -24.78 -1.79 14.25
C MET A 816 -24.99 -2.99 13.32
N ASP A 817 -24.31 -4.09 13.62
CA ASP A 817 -24.37 -5.30 12.81
C ASP A 817 -25.78 -5.91 12.74
N LEU A 818 -26.56 -5.70 13.80
CA LEU A 818 -27.88 -6.32 13.88
C LEU A 818 -28.99 -5.31 13.61
N ASN A 819 -29.01 -4.76 12.40
CA ASN A 819 -30.01 -3.76 12.04
C ASN A 819 -30.48 -3.88 10.59
N LYS A 820 -29.57 -4.31 9.71
CA LYS A 820 -29.85 -4.33 8.28
C LYS A 820 -30.92 -5.36 7.91
N SER A 821 -31.37 -5.31 6.67
CA SER A 821 -32.41 -6.19 6.19
C SER A 821 -31.92 -7.62 5.98
N TYR A 822 -30.60 -7.81 6.03
CA TYR A 822 -30.03 -9.14 5.83
C TYR A 822 -28.98 -9.43 6.88
N LEU A 823 -28.60 -10.70 6.98
CA LEU A 823 -27.59 -11.12 7.95
C LEU A 823 -26.87 -12.38 7.48
N LEU A 824 -25.60 -12.50 7.85
CA LEU A 824 -24.80 -13.66 7.49
C LEU A 824 -24.37 -14.44 8.71
N ASP A 825 -24.54 -15.76 8.67
CA ASP A 825 -24.21 -16.60 9.80
C ASP A 825 -23.32 -17.78 9.38
N LYS A 826 -22.50 -18.24 10.32
CA LYS A 826 -21.63 -19.39 10.09
C LYS A 826 -22.42 -20.69 9.91
N GLU A 827 -23.50 -20.84 10.67
CA GLU A 827 -24.26 -22.08 10.68
C GLU A 827 -25.54 -21.99 9.84
N LEU A 828 -26.34 -20.96 10.12
CA LEU A 828 -27.62 -20.78 9.46
C LEU A 828 -27.47 -20.24 8.04
N GLY A 829 -26.37 -19.56 7.79
CA GLY A 829 -26.09 -19.06 6.45
C GLY A 829 -26.56 -17.63 6.21
N PHE A 830 -27.61 -17.49 5.39
CA PHE A 830 -28.11 -16.17 5.03
C PHE A 830 -29.55 -15.97 5.47
N GLY A 831 -29.77 -14.94 6.29
CA GLY A 831 -31.11 -14.56 6.70
C GLY A 831 -31.47 -13.22 6.11
N THR A 832 -32.77 -12.97 5.94
CA THR A 832 -33.22 -11.72 5.32
C THR A 832 -34.69 -11.42 5.60
N LYS A 833 -35.06 -10.14 5.51
CA LYS A 833 -36.44 -9.71 5.67
C LYS A 833 -37.28 -10.21 4.51
N TYR A 834 -38.59 -10.27 4.72
CA TYR A 834 -39.52 -10.53 3.63
C TYR A 834 -39.74 -9.22 2.90
N ILE A 835 -39.30 -9.13 1.65
CA ILE A 835 -39.40 -7.88 0.90
C ILE A 835 -40.21 -8.03 -0.38
N HIS A 836 -41.25 -7.21 -0.51
CA HIS A 836 -42.08 -7.23 -1.71
C HIS A 836 -42.06 -5.88 -2.42
N PRO A 837 -41.35 -5.81 -3.55
CA PRO A 837 -41.06 -4.58 -4.30
C PRO A 837 -42.30 -3.87 -4.82
N GLN A 838 -43.30 -4.64 -5.28
CA GLN A 838 -44.49 -4.06 -5.89
C GLN A 838 -45.44 -3.50 -4.85
N LEU A 839 -45.59 -4.23 -3.74
CA LEU A 839 -46.53 -3.85 -2.68
C LEU A 839 -45.92 -2.87 -1.68
N ARG A 840 -44.61 -2.64 -1.82
CA ARG A 840 -43.88 -1.72 -0.95
C ARG A 840 -43.99 -2.11 0.53
N ILE A 841 -43.90 -3.41 0.81
CA ILE A 841 -44.01 -3.89 2.18
C ILE A 841 -42.82 -4.77 2.57
N SER A 842 -42.36 -4.63 3.81
CA SER A 842 -41.30 -5.48 4.32
C SER A 842 -41.51 -5.79 5.80
N TYR A 843 -41.15 -7.00 6.19
CA TYR A 843 -41.17 -7.40 7.59
C TYR A 843 -40.19 -8.54 7.85
N PRO A 844 -39.54 -8.52 9.01
CA PRO A 844 -38.49 -9.49 9.36
C PRO A 844 -38.99 -10.94 9.36
N THR A 845 -38.18 -11.83 8.81
CA THR A 845 -38.51 -13.25 8.79
C THR A 845 -37.95 -13.91 10.05
N LEU A 846 -38.54 -15.03 10.44
CA LEU A 846 -38.17 -15.73 11.66
C LEU A 846 -36.69 -16.12 11.77
N PRO A 847 -36.09 -16.69 10.70
CA PRO A 847 -34.68 -17.00 10.86
C PRO A 847 -33.79 -15.77 11.04
N LEU A 848 -34.22 -14.63 10.49
CA LEU A 848 -33.48 -13.37 10.66
C LEU A 848 -33.43 -13.00 12.14
N ILE A 849 -34.58 -13.01 12.78
CA ILE A 849 -34.68 -12.67 14.20
C ILE A 849 -33.92 -13.66 15.05
N ALA A 850 -33.96 -14.94 14.65
CA ALA A 850 -33.19 -15.97 15.33
C ALA A 850 -31.71 -15.62 15.28
N MET A 851 -31.24 -15.28 14.09
CA MET A 851 -29.84 -14.93 13.88
C MET A 851 -29.46 -13.68 14.66
N LYS A 852 -30.38 -12.74 14.77
CA LYS A 852 -30.15 -11.52 15.54
C LYS A 852 -29.90 -11.81 17.01
N LYS A 853 -30.71 -12.69 17.59
CA LYS A 853 -30.54 -13.07 18.98
C LYS A 853 -29.24 -13.82 19.18
N LYS A 854 -28.95 -14.74 18.27
CA LYS A 854 -27.74 -15.55 18.33
C LYS A 854 -26.50 -14.69 18.20
N MET A 855 -26.50 -13.82 17.19
CA MET A 855 -25.35 -12.98 16.94
C MET A 855 -25.13 -11.99 18.08
N ARG A 856 -26.21 -11.59 18.73
CA ARG A 856 -26.12 -10.63 19.83
C ARG A 856 -25.39 -11.20 21.04
N ARG A 857 -25.74 -12.43 21.40
CA ARG A 857 -25.18 -13.07 22.59
C ARG A 857 -23.78 -13.60 22.31
N GLU A 858 -23.50 -13.84 21.04
CA GLU A 858 -22.15 -14.16 20.58
C GLU A 858 -21.26 -12.92 20.66
N LEU A 859 -21.81 -11.81 20.16
CA LEU A 859 -21.12 -10.53 20.20
C LEU A 859 -20.82 -10.15 21.63
N LEU A 860 -21.80 -10.36 22.51
CA LEU A 860 -21.66 -10.02 23.91
C LEU A 860 -20.58 -10.87 24.56
N SER A 861 -20.43 -12.10 24.09
CA SER A 861 -19.42 -13.01 24.59
C SER A 861 -18.04 -12.49 24.25
N GLU A 862 -17.88 -12.10 22.99
CA GLU A 862 -16.64 -11.53 22.48
C GLU A 862 -16.25 -10.28 23.26
N GLU A 863 -17.21 -9.40 23.47
CA GLU A 863 -16.99 -8.17 24.23
C GLU A 863 -16.50 -8.47 25.64
N LEU A 864 -17.06 -9.52 26.24
CA LEU A 864 -16.71 -9.91 27.59
C LEU A 864 -15.28 -10.42 27.64
N ARG A 865 -14.87 -11.09 26.57
CA ARG A 865 -13.50 -11.57 26.45
C ARG A 865 -12.54 -10.41 26.23
N VAL A 866 -13.01 -9.38 25.52
CA VAL A 866 -12.22 -8.18 25.31
C VAL A 866 -11.94 -7.51 26.65
N LEU A 867 -12.95 -7.51 27.51
CA LEU A 867 -12.80 -6.97 28.85
C LEU A 867 -11.82 -7.82 29.65
N TYR A 868 -11.75 -9.10 29.31
CA TYR A 868 -10.90 -10.03 30.03
C TYR A 868 -9.43 -9.78 29.75
N VAL A 869 -9.08 -9.71 28.47
CA VAL A 869 -7.70 -9.42 28.11
C VAL A 869 -7.34 -8.02 28.59
N ALA A 870 -8.33 -7.14 28.64
CA ALA A 870 -8.13 -5.78 29.10
C ALA A 870 -7.63 -5.77 30.54
N LEU A 871 -8.28 -6.55 31.39
CA LEU A 871 -7.96 -6.59 32.80
C LEU A 871 -6.72 -7.42 33.09
N THR A 872 -6.40 -8.35 32.19
CA THR A 872 -5.27 -9.25 32.39
C THR A 872 -3.98 -8.75 31.74
N ARG A 873 -4.02 -7.55 31.17
CA ARG A 873 -2.84 -7.00 30.53
C ARG A 873 -1.97 -6.22 31.52
N ALA A 874 -2.29 -6.35 32.81
CA ALA A 874 -1.61 -5.57 33.83
C ALA A 874 -0.75 -6.45 34.73
N LYS A 875 0.06 -5.81 35.57
CA LYS A 875 0.96 -6.50 36.47
C LYS A 875 0.90 -5.95 37.89
N GLU A 876 0.53 -4.68 38.03
CA GLU A 876 0.56 -4.02 39.33
C GLU A 876 -0.79 -3.43 39.74
N LYS A 877 -1.26 -2.43 38.99
CA LYS A 877 -2.48 -1.72 39.37
C LYS A 877 -3.51 -1.63 38.24
N LEU A 878 -4.78 -1.47 38.60
CA LEU A 878 -5.88 -1.38 37.65
C LEU A 878 -6.65 -0.07 37.78
N PHE A 879 -7.12 0.46 36.65
CA PHE A 879 -7.89 1.70 36.63
C PHE A 879 -9.14 1.58 35.76
N LEU A 880 -10.28 1.28 36.39
CA LEU A 880 -11.54 1.21 35.66
C LEU A 880 -12.22 2.57 35.65
N ILE A 881 -12.51 3.09 34.47
CA ILE A 881 -13.13 4.41 34.34
C ILE A 881 -14.29 4.44 33.35
N GLY A 882 -15.44 4.93 33.81
CA GLY A 882 -16.61 5.10 32.95
C GLY A 882 -17.43 6.30 33.35
N SER A 883 -18.46 6.61 32.57
CA SER A 883 -19.32 7.76 32.84
C SER A 883 -20.80 7.41 32.87
N CYS A 884 -21.60 8.27 33.48
CA CYS A 884 -23.04 8.07 33.57
C CYS A 884 -23.76 9.41 33.72
N LYS A 885 -25.08 9.34 33.93
CA LYS A 885 -25.87 10.55 34.05
C LYS A 885 -26.15 10.89 35.51
N ASP A 886 -26.68 9.92 36.25
CA ASP A 886 -26.97 10.09 37.66
C ASP A 886 -26.39 8.92 38.45
N HIS A 887 -25.62 9.24 39.48
CA HIS A 887 -24.91 8.25 40.27
C HIS A 887 -25.84 7.30 41.02
N GLN A 888 -26.64 7.86 41.92
CA GLN A 888 -27.46 7.08 42.84
C GLN A 888 -28.44 6.15 42.13
N LYS A 889 -29.15 6.67 41.12
CA LYS A 889 -30.13 5.88 40.40
C LYS A 889 -29.49 4.69 39.70
N GLN A 890 -28.29 4.90 39.16
CA GLN A 890 -27.60 3.82 38.46
C GLN A 890 -27.04 2.80 39.45
N LEU A 891 -26.70 3.27 40.65
CA LEU A 891 -26.25 2.37 41.70
C LEU A 891 -27.39 1.45 42.14
N ALA A 892 -28.60 2.00 42.18
CA ALA A 892 -29.78 1.22 42.46
C ALA A 892 -30.05 0.25 41.32
N LYS A 893 -29.77 0.71 40.10
CA LYS A 893 -29.89 -0.13 38.91
C LYS A 893 -28.95 -1.32 39.00
N TRP A 894 -27.77 -1.09 39.55
CA TRP A 894 -26.80 -2.17 39.76
C TRP A 894 -27.25 -3.11 40.86
N GLN A 895 -27.84 -2.56 41.92
CA GLN A 895 -28.32 -3.36 43.03
C GLN A 895 -29.48 -4.26 42.62
N ALA A 896 -30.23 -3.82 41.61
CA ALA A 896 -31.35 -4.60 41.09
C ALA A 896 -30.87 -5.92 40.52
N SER A 897 -29.75 -5.89 39.82
CA SER A 897 -29.17 -7.08 39.22
C SER A 897 -28.46 -7.94 40.26
N ALA A 898 -27.91 -7.29 41.28
CA ALA A 898 -27.17 -7.99 42.32
C ALA A 898 -28.06 -8.32 43.52
N SER A 899 -28.93 -9.33 43.35
CA SER A 899 -29.78 -9.77 44.44
C SER A 899 -29.71 -11.29 44.60
N GLN A 900 -29.22 -11.96 43.56
CA GLN A 900 -29.15 -13.41 43.55
C GLN A 900 -28.06 -13.94 44.47
N THR A 901 -28.32 -15.08 45.09
CA THR A 901 -27.39 -15.68 46.03
C THR A 901 -26.26 -16.44 45.32
N ASP A 902 -26.61 -17.05 44.19
CA ASP A 902 -25.63 -17.80 43.41
C ASP A 902 -24.54 -16.89 42.83
N TRP A 903 -23.38 -17.47 42.56
CA TRP A 903 -22.25 -16.72 42.04
C TRP A 903 -22.55 -15.99 40.74
N LEU A 904 -22.97 -16.75 39.74
CA LEU A 904 -23.24 -16.22 38.41
C LEU A 904 -24.42 -15.25 38.40
N LEU A 905 -24.20 -14.06 37.83
CA LEU A 905 -25.27 -13.08 37.68
C LEU A 905 -26.34 -13.61 36.73
N PRO A 906 -27.57 -13.09 36.85
CA PRO A 906 -28.68 -13.50 35.97
C PRO A 906 -28.31 -13.42 34.49
N GLU A 907 -28.53 -14.52 33.77
CA GLU A 907 -28.14 -14.62 32.37
C GLU A 907 -28.88 -13.61 31.49
N PHE A 908 -30.10 -13.27 31.89
CA PHE A 908 -30.89 -12.30 31.13
C PHE A 908 -30.37 -10.89 31.38
N ASP A 909 -29.99 -10.60 32.61
CA ASP A 909 -29.46 -9.28 32.97
C ASP A 909 -28.10 -9.06 32.31
N ARG A 910 -27.34 -10.14 32.14
CA ARG A 910 -26.06 -10.07 31.45
C ARG A 910 -26.29 -9.91 29.95
N TYR A 911 -27.43 -10.42 29.48
CA TYR A 911 -27.80 -10.31 28.08
C TYR A 911 -28.23 -8.90 27.74
N GLN A 912 -28.91 -8.25 28.67
CA GLN A 912 -29.44 -6.91 28.48
C GLN A 912 -28.35 -5.85 28.53
N ALA A 913 -27.11 -6.27 28.77
CA ALA A 913 -25.99 -5.36 28.85
C ALA A 913 -25.64 -4.77 27.49
N ARG A 914 -25.44 -3.46 27.46
CA ARG A 914 -25.03 -2.77 26.24
C ARG A 914 -23.81 -1.90 26.53
N THR A 915 -23.43 -1.84 27.80
CA THR A 915 -22.32 -1.02 28.26
C THR A 915 -21.43 -1.85 29.18
N TYR A 916 -20.14 -1.56 29.19
CA TYR A 916 -19.18 -2.30 30.02
C TYR A 916 -19.50 -2.14 31.51
N LEU A 917 -20.11 -1.02 31.86
CA LEU A 917 -20.50 -0.77 33.24
C LEU A 917 -21.58 -1.74 33.67
N ASP A 918 -22.43 -2.09 32.72
CA ASP A 918 -23.52 -3.03 32.96
C ASP A 918 -22.99 -4.42 33.30
N PHE A 919 -21.72 -4.64 32.98
CA PHE A 919 -21.04 -5.88 33.35
C PHE A 919 -20.35 -5.75 34.71
N ILE A 920 -19.64 -4.65 34.90
CA ILE A 920 -18.81 -4.46 36.10
C ILE A 920 -19.63 -4.13 37.34
N GLY A 921 -20.55 -3.18 37.18
CA GLY A 921 -21.32 -2.63 38.28
C GLY A 921 -21.99 -3.60 39.22
N PRO A 922 -22.99 -4.35 38.74
CA PRO A 922 -23.71 -5.34 39.54
C PRO A 922 -22.80 -6.40 40.14
N ALA A 923 -21.72 -6.73 39.44
CA ALA A 923 -20.75 -7.68 39.96
C ALA A 923 -19.98 -7.08 41.12
N LEU A 924 -19.95 -5.75 41.17
CA LEU A 924 -19.21 -5.04 42.21
C LEU A 924 -20.14 -4.63 43.36
N ALA A 925 -21.44 -4.69 43.11
CA ALA A 925 -22.44 -4.26 44.09
C ALA A 925 -22.49 -5.18 45.30
N ARG A 926 -22.33 -6.48 45.07
CA ARG A 926 -22.37 -7.45 46.15
C ARG A 926 -21.11 -7.42 47.01
N HIS A 927 -20.04 -6.85 46.46
CA HIS A 927 -18.75 -6.84 47.14
C HIS A 927 -18.80 -6.00 48.43
N ARG A 928 -17.88 -6.30 49.34
CA ARG A 928 -17.84 -5.65 50.65
C ARG A 928 -17.62 -4.14 50.56
N ASP A 929 -16.88 -3.68 49.55
CA ASP A 929 -16.50 -2.28 49.47
C ASP A 929 -17.63 -1.39 48.98
N LEU A 930 -18.37 -1.88 47.98
CA LEU A 930 -19.47 -1.10 47.41
C LEU A 930 -20.78 -1.39 48.11
N ALA A 938 -26.32 -9.57 50.28
CA ALA A 938 -25.14 -10.00 49.55
C ALA A 938 -24.17 -10.75 50.46
N HIS A 939 -24.69 -11.71 51.21
CA HIS A 939 -23.89 -12.42 52.20
C HIS A 939 -23.03 -13.52 51.57
N ALA A 940 -22.44 -14.33 52.43
CA ALA A 940 -21.65 -15.51 52.06
C ALA A 940 -20.29 -15.15 51.42
N ASP A 941 -19.70 -16.15 50.78
CA ASP A 941 -18.32 -16.09 50.29
C ASP A 941 -18.00 -14.93 49.33
N ILE A 942 -19.02 -14.44 48.64
CA ILE A 942 -18.84 -13.38 47.65
C ILE A 942 -18.28 -12.11 48.29
N SER A 943 -18.66 -11.87 49.55
CA SER A 943 -18.20 -10.71 50.27
C SER A 943 -16.76 -10.85 50.76
N GLY A 944 -16.32 -12.08 50.95
CA GLY A 944 -15.01 -12.34 51.53
C GLY A 944 -13.88 -12.57 50.55
N HIS A 945 -14.18 -12.46 49.25
CA HIS A 945 -13.17 -12.68 48.22
C HIS A 945 -12.02 -11.69 48.35
N PRO A 946 -10.78 -12.18 48.21
CA PRO A 946 -9.56 -11.38 48.37
C PRO A 946 -9.37 -10.29 47.30
N ALA A 947 -10.45 -9.67 46.85
CA ALA A 947 -10.34 -8.57 45.89
C ALA A 947 -10.60 -7.24 46.59
N ARG A 948 -9.82 -6.22 46.21
CA ARG A 948 -9.92 -4.92 46.86
C ARG A 948 -10.27 -3.84 45.84
N PHE A 949 -11.23 -2.99 46.19
CA PHE A 949 -11.71 -1.95 45.26
C PHE A 949 -11.84 -0.58 45.92
N ALA A 950 -11.55 0.45 45.14
CA ALA A 950 -11.66 1.83 45.60
C ALA A 950 -12.52 2.64 44.63
N VAL A 951 -13.69 3.07 45.10
CA VAL A 951 -14.66 3.75 44.26
C VAL A 951 -14.70 5.26 44.49
N GLN A 952 -14.56 6.03 43.42
CA GLN A 952 -14.61 7.49 43.49
C GLN A 952 -15.79 8.03 42.71
N MET A 953 -16.75 8.62 43.42
CA MET A 953 -17.92 9.21 42.75
C MET A 953 -17.61 10.61 42.24
N ILE A 954 -16.74 10.69 41.24
CA ILE A 954 -16.32 11.96 40.67
C ILE A 954 -17.46 12.66 39.95
N HIS A 955 -17.48 14.00 40.02
CA HIS A 955 -18.44 14.78 39.27
C HIS A 955 -17.73 15.63 38.22
N SER A 956 -18.51 16.16 37.27
CA SER A 956 -17.94 16.95 36.18
C SER A 956 -17.35 18.26 36.68
N TYR A 957 -17.91 18.81 37.75
CA TYR A 957 -17.43 20.08 38.28
C TYR A 957 -16.15 19.89 39.08
N ASP A 958 -15.97 18.70 39.64
CA ASP A 958 -14.78 18.40 40.42
C ASP A 958 -13.56 18.26 39.52
N LEU A 959 -13.80 17.84 38.28
CA LEU A 959 -12.74 17.68 37.29
C LEU A 959 -12.33 19.01 36.65
N LEU A 960 -13.28 19.95 36.62
CA LEU A 960 -13.06 21.25 35.99
C LEU A 960 -11.86 21.98 36.57
N SER A 972 10.41 37.10 23.36
CA SER A 972 11.72 36.46 23.30
C SER A 972 12.59 37.10 22.22
N GLU A 973 13.86 37.33 22.55
CA GLU A 973 14.81 37.96 21.63
C GLU A 973 15.12 37.08 20.43
N ARG A 974 15.39 35.80 20.69
CA ARG A 974 15.74 34.85 19.64
C ARG A 974 14.59 34.61 18.68
N LEU A 975 13.36 34.57 19.21
CA LEU A 975 12.18 34.33 18.40
C LEU A 975 12.00 35.43 17.36
N GLU A 976 12.00 36.68 17.82
CA GLU A 976 11.86 37.83 16.94
C GLU A 976 13.07 37.98 16.02
N ALA A 977 14.23 37.51 16.48
CA ALA A 977 15.44 37.53 15.68
C ALA A 977 15.27 36.65 14.44
N ILE A 978 14.73 35.46 14.64
CA ILE A 978 14.50 34.52 13.56
C ILE A 978 13.37 34.99 12.64
N ARG A 979 12.35 35.60 13.23
CA ARG A 979 11.23 36.12 12.46
C ARG A 979 11.67 37.25 11.53
N ARG A 980 12.57 38.09 12.02
CA ARG A 980 13.08 39.22 11.25
C ARG A 980 13.97 38.77 10.11
N GLY A 981 14.61 37.61 10.26
CA GLY A 981 15.56 37.12 9.29
C GLY A 981 16.97 37.51 9.70
N GLU A 982 17.07 38.20 10.82
CA GLU A 982 18.36 38.62 11.36
C GLU A 982 19.00 37.48 12.14
N PRO A 983 20.34 37.40 12.11
CA PRO A 983 21.02 36.38 12.91
C PRO A 983 20.95 36.70 14.39
N VAL A 984 21.11 35.69 15.24
CA VAL A 984 21.09 35.90 16.68
C VAL A 984 22.48 36.30 17.17
N PRO A 985 22.52 37.30 18.09
CA PRO A 985 23.80 37.76 18.64
C PRO A 985 24.35 36.81 19.70
N GLY A 986 25.65 36.52 19.64
CA GLY A 986 26.27 35.65 20.61
C GLY A 986 27.50 34.91 20.11
N SER A 987 28.28 34.38 21.05
CA SER A 987 29.48 33.63 20.72
C SER A 987 29.25 32.13 20.93
N PHE A 988 29.14 31.40 19.81
CA PHE A 988 28.88 29.97 19.87
C PHE A 988 30.12 29.16 19.51
N ALA A 989 30.30 28.03 20.20
CA ALA A 989 31.54 27.26 20.14
C ALA A 989 31.76 26.56 18.81
N PHE A 990 30.72 26.42 18.01
CA PHE A 990 30.81 25.68 16.76
C PHE A 990 30.76 26.59 15.54
N ASP A 991 30.83 27.89 15.78
CA ASP A 991 30.74 28.89 14.71
C ASP A 991 31.81 28.68 13.65
N GLU A 992 33.05 28.51 14.10
CA GLU A 992 34.16 28.32 13.18
C GLU A 992 34.03 26.99 12.43
N LYS A 993 33.71 25.93 13.15
CA LYS A 993 33.54 24.61 12.55
C LYS A 993 32.43 24.61 11.49
N ALA A 994 31.28 25.18 11.86
CA ALA A 994 30.12 25.19 10.97
C ALA A 994 30.37 26.00 9.70
N ARG A 995 31.07 27.13 9.86
CA ARG A 995 31.34 28.01 8.74
C ARG A 995 32.46 27.46 7.87
N GLU A 996 33.30 26.61 8.46
CA GLU A 996 34.34 25.94 7.69
C GLU A 996 33.73 24.82 6.84
N GLN A 997 32.75 24.14 7.41
CA GLN A 997 32.14 22.98 6.77
C GLN A 997 31.14 23.36 5.68
N LEU A 998 30.40 24.45 5.88
CA LEU A 998 29.44 24.91 4.90
C LEU A 998 30.13 25.56 3.69
N SER A 999 31.41 25.88 3.85
CA SER A 999 32.17 26.51 2.78
C SER A 999 33.08 25.51 2.09
N TRP A 1000 33.24 24.34 2.70
CA TRP A 1000 34.13 23.31 2.18
C TRP A 1000 33.69 22.77 0.84
N THR A 1001 34.66 22.52 -0.05
CA THR A 1001 34.38 21.90 -1.34
C THR A 1001 35.35 20.76 -1.59
N TYR A 1002 34.85 19.67 -2.16
CA TYR A 1002 35.67 18.49 -2.42
C TYR A 1002 36.83 18.80 -3.35
N PRO A 1003 38.06 18.44 -2.92
CA PRO A 1003 39.30 18.72 -3.65
C PRO A 1003 39.32 18.17 -5.07
N HIS A 1004 38.77 16.98 -5.27
CA HIS A 1004 38.83 16.32 -6.58
C HIS A 1004 37.45 16.23 -7.22
N GLN A 1005 36.68 17.31 -7.09
CA GLN A 1005 35.30 17.31 -7.58
C GLN A 1005 35.23 17.29 -9.09
N GLU A 1006 36.24 17.87 -9.74
CA GLU A 1006 36.25 18.02 -11.18
C GLU A 1006 36.51 16.70 -11.92
N VAL A 1007 36.75 15.63 -11.18
CA VAL A 1007 37.02 14.32 -11.81
C VAL A 1007 36.06 13.24 -11.33
N THR A 1008 35.05 13.64 -10.55
CA THR A 1008 34.07 12.69 -10.04
C THR A 1008 33.09 12.27 -11.13
N GLN A 1009 33.00 13.08 -12.18
CA GLN A 1009 32.06 12.82 -13.26
C GLN A 1009 32.76 12.28 -14.51
N ILE A 1010 34.09 12.32 -14.50
CA ILE A 1010 34.88 11.90 -15.65
C ILE A 1010 34.96 10.37 -15.77
N ARG A 1011 34.52 9.85 -16.92
CA ARG A 1011 34.58 8.43 -17.19
C ARG A 1011 36.02 7.92 -17.14
N THR A 1012 36.24 6.81 -16.43
CA THR A 1012 37.55 6.19 -16.40
C THR A 1012 37.92 5.63 -17.76
N LYS A 1013 37.20 4.61 -18.20
CA LYS A 1013 37.45 4.00 -19.50
C LYS A 1013 36.93 4.88 -20.62
N GLN A 1014 37.74 5.09 -21.65
CA GLN A 1014 37.33 5.87 -22.80
C GLN A 1014 37.63 5.08 -24.08
N SER A 1015 37.34 5.68 -25.22
CA SER A 1015 37.70 5.06 -26.49
C SER A 1015 38.34 6.06 -27.43
N VAL A 1016 39.05 5.56 -28.43
CA VAL A 1016 39.72 6.40 -29.42
C VAL A 1016 38.73 7.31 -30.14
N SER A 1017 37.61 6.73 -30.57
CA SER A 1017 36.56 7.48 -31.25
C SER A 1017 35.99 8.54 -30.31
N GLU A 1018 35.82 8.18 -29.05
CA GLU A 1018 35.26 9.09 -28.05
C GLU A 1018 36.22 10.25 -27.75
N ILE A 1019 37.51 9.93 -27.63
CA ILE A 1019 38.52 10.94 -27.38
C ILE A 1019 38.60 11.95 -28.53
N LYS A 1020 38.63 11.45 -29.75
CA LYS A 1020 38.61 12.28 -30.94
C LYS A 1020 37.38 13.18 -30.95
N ARG A 1021 36.24 12.61 -30.57
CA ARG A 1021 34.97 13.33 -30.50
C ARG A 1021 35.04 14.46 -29.47
N LYS A 1022 35.73 14.23 -28.37
CA LYS A 1022 35.90 15.24 -27.33
C LYS A 1022 36.69 16.42 -27.88
N LEU A 1043 21.70 7.68 -34.72
CA LEU A 1043 21.09 6.97 -35.83
C LEU A 1043 20.18 5.85 -35.32
N TYR A 1044 18.87 6.05 -35.47
CA TYR A 1044 17.88 5.07 -35.03
C TYR A 1044 17.57 4.09 -36.13
N ARG A 1045 18.06 2.86 -35.98
CA ARG A 1045 18.03 1.86 -37.05
C ARG A 1045 16.66 1.25 -37.27
N ARG A 1046 16.50 0.60 -38.42
CA ARG A 1046 15.30 -0.15 -38.74
C ARG A 1046 15.52 -1.62 -38.38
N PRO A 1047 14.44 -2.35 -38.09
CA PRO A 1047 14.51 -3.79 -37.81
C PRO A 1047 15.09 -4.58 -38.99
N ALA A 1048 15.65 -5.74 -38.71
CA ALA A 1048 16.32 -6.55 -39.73
C ALA A 1048 15.35 -7.05 -40.79
N PHE A 1049 14.10 -7.28 -40.39
CA PHE A 1049 13.11 -7.84 -41.29
C PHE A 1049 12.37 -6.76 -42.08
N MET A 1050 12.92 -5.54 -42.06
CA MET A 1050 12.32 -4.44 -42.81
C MET A 1050 13.24 -3.95 -43.91
N MET A 1051 14.52 -4.30 -43.81
CA MET A 1051 15.53 -3.85 -44.77
C MET A 1051 15.86 -4.93 -45.79
N LYS A 1052 16.77 -4.62 -46.70
CA LYS A 1052 17.20 -5.58 -47.71
C LYS A 1052 18.26 -6.52 -47.15
N LYS A 1053 18.57 -7.57 -47.92
CA LYS A 1053 19.43 -8.64 -47.45
C LYS A 1053 20.90 -8.25 -47.26
N GLY A 1054 21.24 -7.86 -46.04
CA GLY A 1054 22.63 -7.64 -45.65
C GLY A 1054 23.48 -6.76 -46.54
N LEU A 1055 24.78 -7.04 -46.56
CA LEU A 1055 25.75 -6.30 -47.36
C LEU A 1055 25.71 -4.81 -47.07
N THR A 1056 26.37 -4.41 -45.98
CA THR A 1056 26.52 -3.00 -45.65
C THR A 1056 28.00 -2.63 -45.59
N ALA A 1057 28.28 -1.35 -45.41
CA ALA A 1057 29.65 -0.85 -45.42
C ALA A 1057 30.50 -1.46 -44.30
N ALA A 1058 29.96 -1.43 -43.08
CA ALA A 1058 30.67 -1.94 -41.91
C ALA A 1058 30.91 -3.45 -42.04
N GLU A 1059 29.94 -4.15 -42.61
CA GLU A 1059 30.07 -5.59 -42.83
C GLU A 1059 31.25 -5.92 -43.73
N LYS A 1060 31.31 -5.27 -44.89
CA LYS A 1060 32.35 -5.53 -45.87
C LYS A 1060 33.72 -5.08 -45.37
N GLY A 1061 33.73 -3.96 -44.65
CA GLY A 1061 34.97 -3.44 -44.08
C GLY A 1061 35.57 -4.38 -43.07
N THR A 1062 34.72 -4.88 -42.17
CA THR A 1062 35.16 -5.84 -41.16
C THR A 1062 35.54 -7.18 -41.79
N ALA A 1063 34.82 -7.54 -42.84
CA ALA A 1063 35.06 -8.81 -43.54
C ALA A 1063 36.44 -8.81 -44.20
N MET A 1064 36.88 -7.64 -44.65
CA MET A 1064 38.20 -7.50 -45.26
C MET A 1064 39.26 -7.40 -44.18
N HIS A 1065 38.92 -6.74 -43.09
CA HIS A 1065 39.82 -6.58 -41.95
C HIS A 1065 40.21 -7.94 -41.39
N THR A 1066 39.25 -8.86 -41.35
CA THR A 1066 39.48 -10.22 -40.88
C THR A 1066 40.48 -10.94 -41.77
N VAL A 1067 40.32 -10.77 -43.08
CA VAL A 1067 41.22 -11.39 -44.04
C VAL A 1067 42.63 -10.85 -43.86
N MET A 1068 42.74 -9.54 -43.67
CA MET A 1068 44.02 -8.87 -43.51
C MET A 1068 44.77 -9.31 -42.26
N GLN A 1069 44.01 -9.67 -41.21
CA GLN A 1069 44.62 -10.05 -39.94
C GLN A 1069 44.82 -11.56 -39.83
N HIS A 1070 44.36 -12.29 -40.84
CA HIS A 1070 44.45 -13.75 -40.84
C HIS A 1070 45.23 -14.28 -42.03
N ILE A 1071 45.54 -13.42 -42.99
CA ILE A 1071 46.30 -13.81 -44.17
C ILE A 1071 47.75 -14.09 -43.78
N PRO A 1072 48.31 -15.22 -44.26
CA PRO A 1072 49.71 -15.57 -44.01
C PRO A 1072 50.69 -14.51 -44.51
N LEU A 1073 51.61 -14.10 -43.64
CA LEU A 1073 52.58 -13.06 -43.98
C LEU A 1073 53.96 -13.62 -44.28
N SER A 1074 54.02 -14.91 -44.60
CA SER A 1074 55.28 -15.55 -44.93
C SER A 1074 55.82 -15.05 -46.27
N HIS A 1075 54.94 -15.01 -47.27
CA HIS A 1075 55.31 -14.58 -48.61
C HIS A 1075 54.13 -14.00 -49.36
N VAL A 1076 54.39 -13.31 -50.46
CA VAL A 1076 53.33 -12.73 -51.28
C VAL A 1076 52.51 -13.84 -51.94
N PRO A 1077 51.20 -13.86 -51.66
CA PRO A 1077 50.29 -14.88 -52.21
C PRO A 1077 49.63 -14.45 -53.51
N SER A 1078 49.31 -15.42 -54.37
CA SER A 1078 48.61 -15.13 -55.62
C SER A 1078 47.11 -14.99 -55.35
N ILE A 1079 46.33 -14.91 -56.42
CA ILE A 1079 44.88 -14.83 -56.28
C ILE A 1079 44.33 -16.14 -55.71
N GLU A 1080 44.89 -17.26 -56.17
CA GLU A 1080 44.44 -18.58 -55.75
C GLU A 1080 44.65 -18.80 -54.25
N GLU A 1081 45.81 -18.36 -53.75
CA GLU A 1081 46.13 -18.52 -52.34
C GLU A 1081 45.23 -17.66 -51.47
N ALA A 1082 44.91 -16.47 -51.95
CA ALA A 1082 44.02 -15.57 -51.23
C ALA A 1082 42.62 -16.17 -51.15
N GLU A 1083 42.14 -16.68 -52.27
CA GLU A 1083 40.82 -17.34 -52.33
C GLU A 1083 40.78 -18.58 -51.44
N GLN A 1084 41.92 -19.24 -51.31
CA GLN A 1084 42.03 -20.42 -50.47
C GLN A 1084 41.90 -20.05 -48.99
N THR A 1085 42.58 -18.97 -48.61
CA THR A 1085 42.50 -18.46 -47.24
C THR A 1085 41.07 -18.07 -46.91
N VAL A 1086 40.43 -17.37 -47.84
CA VAL A 1086 39.04 -16.95 -47.69
C VAL A 1086 38.12 -18.16 -47.53
N HIS A 1087 38.41 -19.21 -48.29
CA HIS A 1087 37.61 -20.43 -48.23
C HIS A 1087 37.75 -21.14 -46.89
N ARG A 1088 38.97 -21.13 -46.35
CA ARG A 1088 39.23 -21.76 -45.05
C ARG A 1088 38.55 -20.98 -43.93
N LEU A 1089 38.56 -19.66 -44.05
CA LEU A 1089 37.88 -18.79 -43.10
C LEU A 1089 36.37 -18.97 -43.21
N TYR A 1090 35.92 -19.41 -44.38
CA TYR A 1090 34.51 -19.69 -44.63
C TYR A 1090 34.10 -21.01 -43.97
N GLU A 1091 35.01 -21.97 -43.98
CA GLU A 1091 34.74 -23.29 -43.40
C GLU A 1091 34.98 -23.30 -41.90
N LYS A 1092 35.83 -22.39 -41.43
CA LYS A 1092 36.11 -22.27 -40.00
C LYS A 1092 34.99 -21.52 -39.29
N GLU A 1093 34.04 -21.01 -40.06
CA GLU A 1093 32.97 -20.16 -39.56
C GLU A 1093 33.53 -18.88 -38.95
N LEU A 1094 34.70 -18.46 -39.45
CA LEU A 1094 35.27 -17.18 -39.07
C LEU A 1094 34.65 -16.07 -39.91
N LEU A 1095 34.12 -16.46 -41.06
CA LEU A 1095 33.43 -15.52 -41.95
C LEU A 1095 32.00 -15.98 -42.22
N THR A 1096 31.05 -15.05 -42.13
CA THR A 1096 29.67 -15.35 -42.46
C THR A 1096 29.58 -15.59 -43.96
N GLU A 1097 28.65 -16.43 -44.39
CA GLU A 1097 28.53 -16.77 -45.81
C GLU A 1097 28.17 -15.54 -46.64
N GLU A 1098 27.41 -14.63 -46.04
CA GLU A 1098 27.05 -13.39 -46.72
C GLU A 1098 28.25 -12.45 -46.79
N GLN A 1099 29.11 -12.52 -45.77
CA GLN A 1099 30.36 -11.77 -45.77
C GLN A 1099 31.34 -12.38 -46.77
N LYS A 1100 31.28 -13.70 -46.93
CA LYS A 1100 32.19 -14.42 -47.81
C LYS A 1100 31.79 -14.24 -49.27
N ASP A 1101 30.48 -14.20 -49.53
CA ASP A 1101 29.96 -14.05 -50.88
C ASP A 1101 30.31 -12.67 -51.44
N ALA A 1102 30.17 -11.64 -50.60
CA ALA A 1102 30.45 -10.27 -51.02
C ALA A 1102 31.84 -9.83 -50.61
N ILE A 1103 32.79 -9.91 -51.54
CA ILE A 1103 34.17 -9.51 -51.28
C ILE A 1103 34.89 -9.14 -52.58
N ASP A 1104 35.65 -8.05 -52.55
CA ASP A 1104 36.49 -7.68 -53.67
C ASP A 1104 37.84 -8.37 -53.52
N ILE A 1105 38.35 -8.94 -54.62
CA ILE A 1105 39.58 -9.74 -54.55
C ILE A 1105 40.83 -8.93 -54.91
N GLU A 1106 40.61 -7.74 -55.47
CA GLU A 1106 41.71 -6.96 -56.03
C GLU A 1106 42.60 -6.30 -54.98
N GLU A 1107 41.99 -5.68 -53.98
CA GLU A 1107 42.77 -4.92 -52.99
C GLU A 1107 43.59 -5.84 -52.10
N ILE A 1108 43.13 -7.07 -51.92
CA ILE A 1108 43.86 -8.05 -51.12
C ILE A 1108 45.20 -8.32 -51.79
N VAL A 1109 45.19 -8.37 -53.12
CA VAL A 1109 46.41 -8.54 -53.91
C VAL A 1109 47.22 -7.24 -53.94
N GLN A 1110 46.52 -6.11 -53.98
CA GLN A 1110 47.15 -4.80 -54.15
C GLN A 1110 48.05 -4.39 -52.99
N PHE A 1111 47.66 -4.75 -51.77
CA PHE A 1111 48.41 -4.36 -50.59
C PHE A 1111 49.79 -4.99 -50.53
N PHE A 1112 49.86 -6.28 -50.88
CA PHE A 1112 51.09 -7.03 -50.77
C PHE A 1112 52.07 -6.70 -51.91
N HIS A 1113 51.60 -5.89 -52.85
CA HIS A 1113 52.46 -5.43 -53.95
C HIS A 1113 53.04 -4.06 -53.63
N THR A 1114 52.61 -3.48 -52.50
CA THR A 1114 53.07 -2.15 -52.11
C THR A 1114 54.41 -2.20 -51.39
N GLU A 1115 54.95 -1.02 -51.10
CA GLU A 1115 56.23 -0.90 -50.41
C GLU A 1115 56.09 -1.31 -48.95
N ILE A 1116 55.08 -0.78 -48.27
CA ILE A 1116 54.83 -1.09 -46.86
C ILE A 1116 54.46 -2.55 -46.71
N GLY A 1117 53.76 -3.10 -47.69
CA GLY A 1117 53.41 -4.50 -47.70
C GLY A 1117 54.64 -5.38 -47.85
N GLY A 1118 55.56 -4.97 -48.72
CA GLY A 1118 56.80 -5.69 -48.93
C GLY A 1118 57.69 -5.64 -47.70
N GLN A 1119 57.68 -4.51 -47.01
CA GLN A 1119 58.42 -4.35 -45.77
C GLN A 1119 57.76 -5.16 -44.66
N LEU A 1120 56.46 -5.41 -44.80
CA LEU A 1120 55.73 -6.23 -43.83
C LEU A 1120 56.10 -7.70 -43.97
N ILE A 1121 56.17 -8.17 -45.21
CA ILE A 1121 56.54 -9.56 -45.49
C ILE A 1121 57.96 -9.83 -45.00
N GLY A 1122 58.86 -8.88 -45.23
CA GLY A 1122 60.24 -9.01 -44.80
C GLY A 1122 60.54 -8.20 -43.55
N ALA A 1123 60.43 -8.84 -42.40
CA ALA A 1123 60.70 -8.18 -41.13
C ALA A 1123 61.19 -9.16 -40.08
N LYS A 1124 61.91 -8.65 -39.09
CA LYS A 1124 62.42 -9.46 -37.99
C LYS A 1124 61.30 -10.10 -37.19
N TRP A 1125 60.28 -9.30 -36.89
CA TRP A 1125 59.19 -9.74 -36.02
C TRP A 1125 57.88 -9.05 -36.39
N LYS A 1126 56.79 -9.81 -36.34
CA LYS A 1126 55.49 -9.29 -36.73
C LYS A 1126 54.39 -9.70 -35.73
N ASP A 1127 53.41 -8.81 -35.56
CA ASP A 1127 52.26 -9.08 -34.71
C ASP A 1127 51.08 -8.22 -35.16
N ARG A 1128 49.87 -8.76 -34.99
CA ARG A 1128 48.66 -8.09 -35.44
C ARG A 1128 47.56 -8.18 -34.38
N GLU A 1129 46.61 -7.24 -34.45
CA GLU A 1129 45.53 -7.14 -33.46
C GLU A 1129 46.06 -7.20 -32.03
N ILE A 1130 46.81 -6.18 -31.64
CA ILE A 1130 47.40 -6.15 -30.31
C ILE A 1130 46.60 -5.25 -29.38
N PRO A 1131 45.78 -5.87 -28.51
CA PRO A 1131 44.93 -5.12 -27.57
C PRO A 1131 45.77 -4.35 -26.56
N PHE A 1132 45.46 -3.09 -26.34
CA PHE A 1132 46.24 -2.29 -25.40
C PHE A 1132 45.37 -1.44 -24.49
N SER A 1133 45.83 -1.24 -23.27
CA SER A 1133 45.18 -0.30 -22.36
C SER A 1133 46.19 0.76 -21.95
N LEU A 1134 45.85 2.03 -22.16
CA LEU A 1134 46.79 3.10 -21.86
C LEU A 1134 46.27 4.05 -20.80
N ALA A 1135 47.14 4.40 -19.86
CA ALA A 1135 46.80 5.36 -18.82
C ALA A 1135 47.29 6.75 -19.19
N LEU A 1136 46.34 7.66 -19.31
CA LEU A 1136 46.60 9.06 -19.66
C LEU A 1136 46.21 9.97 -18.51
N PRO A 1137 47.11 10.91 -18.17
CA PRO A 1137 46.82 11.94 -17.17
C PRO A 1137 45.55 12.71 -17.52
N ALA A 1138 44.80 13.13 -16.51
CA ALA A 1138 43.49 13.73 -16.70
C ALA A 1138 43.54 15.01 -17.53
N LYS A 1139 44.66 15.73 -17.43
CA LYS A 1139 44.82 17.02 -18.07
C LYS A 1139 44.89 16.93 -19.59
N GLU A 1140 45.43 15.82 -20.10
CA GLU A 1140 45.68 15.66 -21.53
C GLU A 1140 44.40 15.58 -22.36
N ILE A 1141 43.26 15.44 -21.69
CA ILE A 1141 41.98 15.38 -22.39
C ILE A 1141 41.02 16.43 -21.84
N TYR A 1142 41.16 16.73 -20.55
CA TYR A 1142 40.29 17.70 -19.89
C TYR A 1142 41.06 18.95 -19.46
N PRO A 1143 40.48 20.13 -19.72
CA PRO A 1143 41.11 21.44 -19.51
C PRO A 1143 41.58 21.71 -18.08
N ASP A 1144 40.73 21.41 -17.09
CA ASP A 1144 41.02 21.79 -15.71
C ASP A 1144 41.48 20.63 -14.83
N ALA A 1145 42.60 20.83 -14.14
CA ALA A 1145 43.14 19.87 -13.18
C ALA A 1145 43.35 18.49 -13.81
N GLU A 1150 46.04 11.80 -11.98
CA GLU A 1150 44.98 10.80 -11.90
C GLU A 1150 44.66 10.25 -13.29
N PRO A 1151 45.12 9.03 -13.57
CA PRO A 1151 45.03 8.43 -14.91
C PRO A 1151 43.62 7.95 -15.25
N LEU A 1152 43.18 8.21 -16.47
CA LEU A 1152 41.97 7.60 -16.99
C LEU A 1152 42.40 6.61 -18.07
N LEU A 1153 41.64 5.53 -18.25
CA LEU A 1153 42.09 4.46 -19.14
C LEU A 1153 41.64 4.68 -20.58
N VAL A 1154 42.49 4.32 -21.53
CA VAL A 1154 42.14 4.39 -22.95
C VAL A 1154 42.55 3.10 -23.65
N GLN A 1155 41.56 2.37 -24.16
CA GLN A 1155 41.78 1.06 -24.76
C GLN A 1155 41.54 1.05 -26.27
N GLY A 1156 42.16 0.09 -26.95
CA GLY A 1156 42.06 -0.02 -28.40
C GLY A 1156 42.76 -1.24 -28.95
N ILE A 1157 42.70 -1.42 -30.26
CA ILE A 1157 43.30 -2.57 -30.91
C ILE A 1157 44.14 -2.14 -32.11
N ILE A 1158 45.45 -2.27 -31.99
CA ILE A 1158 46.36 -1.93 -33.08
C ILE A 1158 46.36 -3.03 -34.13
N ASP A 1159 46.02 -2.64 -35.36
CA ASP A 1159 45.87 -3.61 -36.45
C ASP A 1159 47.13 -4.40 -36.76
N CYS A 1160 48.28 -3.74 -36.77
CA CYS A 1160 49.54 -4.41 -37.11
C CYS A 1160 50.79 -3.69 -36.61
N LEU A 1161 51.79 -4.48 -36.21
CA LEU A 1161 53.12 -3.98 -35.86
C LEU A 1161 54.18 -4.88 -36.49
N TYR A 1162 55.22 -4.27 -37.03
CA TYR A 1162 56.35 -5.03 -37.56
C TYR A 1162 57.69 -4.32 -37.36
N GLU A 1163 58.72 -5.11 -37.08
CA GLU A 1163 60.05 -4.58 -36.79
C GLU A 1163 61.07 -4.99 -37.83
N THR A 1164 61.79 -4.00 -38.36
CA THR A 1164 62.86 -4.26 -39.32
C THR A 1164 64.22 -3.84 -38.74
N GLU A 1165 65.23 -3.76 -39.58
CA GLU A 1165 66.56 -3.33 -39.14
C GLU A 1165 66.61 -1.81 -38.96
N ASP A 1166 65.56 -1.13 -39.37
CA ASP A 1166 65.49 0.32 -39.27
C ASP A 1166 64.81 0.77 -37.97
N GLY A 1167 63.71 0.10 -37.64
CA GLY A 1167 62.97 0.43 -36.43
C GLY A 1167 61.65 -0.31 -36.32
N LEU A 1168 60.72 0.28 -35.58
CA LEU A 1168 59.40 -0.32 -35.40
C LEU A 1168 58.34 0.47 -36.17
N TYR A 1169 57.56 -0.23 -37.00
CA TYR A 1169 56.58 0.42 -37.86
C TYR A 1169 55.17 -0.02 -37.54
N LEU A 1170 54.22 0.92 -37.59
CA LEU A 1170 52.84 0.63 -37.27
C LEU A 1170 51.96 0.59 -38.52
N LEU A 1171 51.03 -0.36 -38.56
CA LEU A 1171 50.16 -0.50 -39.73
C LEU A 1171 48.69 -0.64 -39.34
N ALA A 1172 47.82 0.06 -40.06
CA ALA A 1172 46.39 0.02 -39.81
C ALA A 1172 45.60 0.02 -41.12
N TYR A 1173 44.51 -0.75 -41.14
CA TYR A 1173 43.68 -0.86 -42.34
C TYR A 1173 42.41 -0.02 -42.23
N LYS A 1174 42.05 0.66 -43.31
CA LYS A 1174 40.84 1.46 -43.34
C LYS A 1174 40.03 1.18 -44.61
N SER A 1175 38.73 0.98 -44.46
CA SER A 1175 37.85 0.74 -45.60
C SER A 1175 37.09 2.01 -45.96
N ASP A 1176 37.76 3.15 -45.82
CA ASP A 1176 37.16 4.45 -46.08
C ASP A 1176 36.84 4.66 -47.56
N ARG A 1177 35.81 5.47 -47.81
CA ARG A 1177 35.43 5.85 -49.16
C ARG A 1177 36.42 6.86 -49.73
N ILE A 1178 36.88 6.63 -50.95
CA ILE A 1178 37.83 7.53 -51.59
C ILE A 1178 37.47 7.81 -53.04
N GLU A 1179 37.59 6.79 -53.88
CA GLU A 1179 37.38 6.94 -55.32
C GLU A 1179 35.89 6.95 -55.67
N GLU A 1187 44.51 12.20 -53.81
CA GLU A 1187 45.38 13.37 -53.69
C GLU A 1187 44.75 14.42 -52.79
N GLY A 1188 43.52 14.80 -53.11
CA GLY A 1188 42.80 15.80 -52.32
C GLY A 1188 42.15 15.21 -51.09
N ALA A 1189 41.98 13.89 -51.10
CA ALA A 1189 41.35 13.19 -49.99
C ALA A 1189 42.36 12.85 -48.89
N ALA A 1190 43.63 12.82 -49.28
CA ALA A 1190 44.72 12.48 -48.36
C ALA A 1190 44.87 13.44 -47.17
N PRO A 1191 44.80 14.77 -47.40
CA PRO A 1191 44.94 15.63 -46.23
C PRO A 1191 43.77 15.48 -45.25
N ILE A 1192 42.59 15.15 -45.76
CA ILE A 1192 41.42 14.96 -44.91
C ILE A 1192 41.52 13.66 -44.13
N LEU A 1193 41.94 12.59 -44.81
CA LEU A 1193 42.11 11.29 -44.18
C LEU A 1193 43.22 11.33 -43.13
N LYS A 1194 44.21 12.20 -43.35
CA LYS A 1194 45.32 12.35 -42.42
C LYS A 1194 44.85 12.85 -41.06
N LYS A 1195 43.90 13.80 -41.08
CA LYS A 1195 43.40 14.40 -39.85
C LYS A 1195 42.24 13.59 -39.27
N ARG A 1196 41.62 12.77 -40.11
CA ARG A 1196 40.49 11.95 -39.68
C ARG A 1196 40.94 10.86 -38.71
N TYR A 1197 42.19 10.42 -38.88
CA TYR A 1197 42.74 9.37 -38.04
C TYR A 1197 44.03 9.84 -37.37
N GLU A 1198 44.18 11.14 -37.22
CA GLU A 1198 45.41 11.71 -36.67
C GLU A 1198 45.56 11.39 -35.18
N THR A 1199 44.53 11.75 -34.40
CA THR A 1199 44.56 11.50 -32.96
C THR A 1199 44.61 10.02 -32.63
N GLN A 1200 44.02 9.20 -33.50
CA GLN A 1200 44.04 7.75 -33.31
C GLN A 1200 45.46 7.20 -33.39
N ILE A 1201 46.15 7.54 -34.47
CA ILE A 1201 47.51 7.08 -34.70
C ILE A 1201 48.44 7.58 -33.59
N GLN A 1202 48.22 8.82 -33.17
CA GLN A 1202 49.00 9.41 -32.08
C GLN A 1202 48.77 8.66 -30.77
N LEU A 1203 47.56 8.14 -30.58
CA LEU A 1203 47.23 7.36 -29.39
C LEU A 1203 47.86 5.98 -29.45
N TYR A 1204 47.96 5.42 -30.65
CA TYR A 1204 48.61 4.13 -30.84
C TYR A 1204 50.11 4.26 -30.59
N THR A 1205 50.72 5.29 -31.19
CA THR A 1205 52.14 5.52 -31.02
C THR A 1205 52.48 5.80 -29.57
N LYS A 1206 51.63 6.58 -28.91
CA LYS A 1206 51.82 6.89 -27.50
C LYS A 1206 51.75 5.63 -26.65
N ALA A 1207 50.89 4.70 -27.05
CA ALA A 1207 50.71 3.44 -26.34
C ALA A 1207 51.97 2.58 -26.44
N VAL A 1208 52.46 2.40 -27.66
CA VAL A 1208 53.65 1.61 -27.91
C VAL A 1208 54.89 2.22 -27.26
N GLU A 1209 55.06 3.53 -27.44
CA GLU A 1209 56.25 4.22 -26.94
C GLU A 1209 56.29 4.29 -25.41
N GLN A 1210 55.12 4.32 -24.77
CA GLN A 1210 55.07 4.45 -23.32
C GLN A 1210 55.10 3.10 -22.62
N ILE A 1211 54.36 2.14 -23.16
CA ILE A 1211 54.25 0.82 -22.55
C ILE A 1211 55.44 -0.06 -22.88
N ALA A 1212 55.75 -0.17 -24.17
CA ALA A 1212 56.86 -1.01 -24.60
C ALA A 1212 58.20 -0.30 -24.44
N LYS A 1213 58.14 0.97 -24.04
CA LYS A 1213 59.33 1.78 -23.76
C LYS A 1213 60.26 1.91 -24.97
N THR A 1214 59.78 1.53 -26.14
CA THR A 1214 60.56 1.67 -27.36
C THR A 1214 60.18 2.96 -28.09
N LYS A 1215 60.34 2.97 -29.40
CA LYS A 1215 59.94 4.13 -30.19
C LYS A 1215 59.48 3.73 -31.59
N VAL A 1216 58.41 4.36 -32.06
CA VAL A 1216 57.86 4.08 -33.38
C VAL A 1216 58.36 5.07 -34.43
N LYS A 1217 59.03 4.54 -35.45
CA LYS A 1217 59.52 5.37 -36.55
C LYS A 1217 58.64 5.23 -37.79
N GLY A 1218 57.63 6.09 -37.90
CA GLY A 1218 56.77 6.10 -39.07
C GLY A 1218 55.54 5.22 -38.94
N CYS A 1219 54.40 5.73 -39.39
CA CYS A 1219 53.14 5.00 -39.39
C CYS A 1219 52.58 4.93 -40.80
N ALA A 1220 51.78 3.90 -41.07
CA ALA A 1220 51.23 3.70 -42.41
C ALA A 1220 49.78 3.23 -42.35
N LEU A 1221 48.93 3.85 -43.18
CA LEU A 1221 47.53 3.46 -43.26
C LEU A 1221 47.18 3.04 -44.69
N TYR A 1222 46.63 1.84 -44.84
CA TYR A 1222 46.28 1.34 -46.16
C TYR A 1222 44.77 1.39 -46.37
N PHE A 1223 44.35 1.84 -47.55
CA PHE A 1223 42.93 1.94 -47.88
C PHE A 1223 42.56 0.95 -48.98
N PHE A 1224 41.53 0.15 -48.73
CA PHE A 1224 41.10 -0.87 -49.68
C PHE A 1224 40.58 -0.24 -50.97
N ASP A 1225 39.84 0.85 -50.84
CA ASP A 1225 39.24 1.52 -51.98
C ASP A 1225 40.30 2.17 -52.87
N GLY A 1226 40.93 1.36 -53.72
CA GLY A 1226 41.94 1.86 -54.64
C GLY A 1226 43.33 1.29 -54.37
N GLY A 1227 43.59 0.94 -53.12
CA GLY A 1227 44.89 0.41 -52.74
C GLY A 1227 45.90 1.51 -52.43
N HIS A 1228 45.42 2.56 -51.77
CA HIS A 1228 46.27 3.70 -51.43
C HIS A 1228 46.91 3.55 -50.06
N ILE A 1229 48.09 4.15 -49.90
CA ILE A 1229 48.80 4.15 -48.63
C ILE A 1229 49.36 5.54 -48.33
N LEU A 1230 49.07 6.05 -47.15
CA LEU A 1230 49.62 7.32 -46.70
C LEU A 1230 50.38 7.13 -45.38
N THR A 1231 51.46 7.90 -45.21
CA THR A 1231 52.34 7.75 -44.06
C THR A 1231 52.25 8.92 -43.10
N LEU A 1232 52.41 8.65 -41.82
CA LEU A 1232 52.36 9.69 -40.79
C LEU A 1232 53.63 9.70 -39.95
N GLY B 2 52.30 -26.50 -16.61
CA GLY B 2 52.48 -26.52 -15.17
C GLY B 2 51.27 -26.04 -14.40
N ALA B 3 51.33 -26.15 -13.08
CA ALA B 3 50.24 -25.72 -12.21
C ALA B 3 50.77 -25.10 -10.91
N GLU B 4 50.04 -24.13 -10.39
CA GLU B 4 50.45 -23.43 -9.17
C GLU B 4 49.23 -23.16 -8.28
N PHE B 5 49.47 -23.04 -6.98
CA PHE B 5 48.38 -22.80 -6.03
C PHE B 5 48.71 -21.67 -5.08
N LEU B 6 48.02 -20.54 -5.27
CA LEU B 6 48.17 -19.40 -4.38
C LEU B 6 47.00 -19.35 -3.40
N VAL B 7 47.25 -19.85 -2.19
CA VAL B 7 46.21 -19.96 -1.17
C VAL B 7 46.51 -19.10 0.05
N GLY B 8 45.46 -18.59 0.68
CA GLY B 8 45.59 -17.79 1.88
C GLY B 8 44.32 -17.03 2.18
N ARG B 9 44.07 -16.79 3.47
CA ARG B 9 42.90 -16.01 3.88
C ARG B 9 42.94 -14.59 3.34
N SER B 10 41.77 -14.06 2.99
CA SER B 10 41.69 -12.70 2.44
C SER B 10 42.22 -11.68 3.44
N GLY B 11 42.82 -10.62 2.92
CA GLY B 11 43.50 -9.64 3.74
C GLY B 11 45.00 -9.81 3.55
N SER B 12 45.36 -10.99 3.05
CA SER B 12 46.73 -11.29 2.67
C SER B 12 46.85 -11.06 1.17
N GLY B 13 47.79 -10.21 0.79
CA GLY B 13 47.89 -9.74 -0.58
C GLY B 13 48.10 -10.81 -1.63
N LYS B 14 47.15 -11.74 -1.74
CA LYS B 14 47.17 -12.72 -2.81
C LYS B 14 46.84 -12.01 -4.11
N THR B 15 45.97 -11.02 -4.01
CA THR B 15 45.49 -10.28 -5.17
C THR B 15 46.55 -9.32 -5.69
N LYS B 16 47.24 -8.65 -4.77
CA LYS B 16 48.29 -7.71 -5.14
C LYS B 16 49.52 -8.44 -5.64
N LEU B 17 49.78 -9.62 -5.10
CA LEU B 17 50.94 -10.40 -5.47
C LEU B 17 50.89 -10.79 -6.95
N ILE B 18 49.71 -11.17 -7.41
CA ILE B 18 49.48 -11.51 -8.81
C ILE B 18 49.71 -10.29 -9.71
N ILE B 19 49.21 -9.14 -9.27
CA ILE B 19 49.34 -7.90 -10.04
C ILE B 19 50.79 -7.49 -10.19
N ASN B 20 51.49 -7.37 -9.06
CA ASN B 20 52.90 -6.99 -9.05
C ASN B 20 53.75 -8.00 -9.83
N SER B 21 53.33 -9.26 -9.81
CA SER B 21 54.01 -10.28 -10.59
C SER B 21 53.83 -10.01 -12.08
N ILE B 22 52.58 -9.79 -12.49
CA ILE B 22 52.27 -9.50 -13.89
C ILE B 22 52.93 -8.21 -14.35
N GLN B 23 52.91 -7.20 -13.48
CA GLN B 23 53.57 -5.93 -13.76
C GLN B 23 55.06 -6.11 -14.03
N ASP B 24 55.70 -6.95 -13.22
CA ASP B 24 57.14 -7.19 -13.35
C ASP B 24 57.48 -8.01 -14.59
N GLU B 25 56.65 -9.00 -14.89
CA GLU B 25 56.82 -9.83 -16.09
C GLU B 25 56.64 -8.97 -17.33
N LEU B 26 55.88 -7.89 -17.17
CA LEU B 26 55.65 -6.96 -18.26
C LEU B 26 56.83 -6.01 -18.40
N ARG B 27 57.43 -5.66 -17.27
CA ARG B 27 58.61 -4.79 -17.26
C ARG B 27 59.79 -5.47 -17.94
N ARG B 28 59.95 -6.77 -17.66
CA ARG B 28 61.06 -7.54 -18.21
C ARG B 28 60.92 -7.72 -19.73
N ALA B 29 59.71 -7.93 -20.19
CA ALA B 29 59.47 -8.16 -21.62
C ALA B 29 58.11 -7.63 -22.06
N PRO B 30 58.12 -6.57 -22.87
CA PRO B 30 56.91 -5.96 -23.42
C PRO B 30 56.17 -6.86 -24.40
N PHE B 31 56.90 -7.53 -25.28
CA PHE B 31 56.29 -8.36 -26.32
C PHE B 31 56.50 -9.85 -26.11
N GLY B 32 56.54 -10.28 -24.85
CA GLY B 32 56.73 -11.69 -24.53
C GLY B 32 55.47 -12.50 -24.78
N LYS B 33 55.49 -13.75 -24.36
CA LYS B 33 54.33 -14.62 -24.45
C LYS B 33 53.18 -14.05 -23.63
N PRO B 34 51.94 -14.18 -24.12
CA PRO B 34 50.75 -13.56 -23.53
C PRO B 34 50.56 -13.88 -22.04
N ILE B 35 50.23 -12.85 -21.27
CA ILE B 35 49.84 -13.03 -19.87
C ILE B 35 48.34 -12.88 -19.75
N ILE B 36 47.65 -13.97 -19.41
CA ILE B 36 46.20 -13.96 -19.35
C ILE B 36 45.68 -13.89 -17.92
N PHE B 37 44.91 -12.84 -17.63
CA PHE B 37 44.32 -12.65 -16.31
C PHE B 37 42.85 -13.05 -16.35
N LEU B 38 42.50 -14.11 -15.62
CA LEU B 38 41.15 -14.63 -15.65
C LEU B 38 40.39 -14.34 -14.35
N VAL B 39 39.55 -13.30 -14.39
CA VAL B 39 38.78 -12.89 -13.23
C VAL B 39 37.28 -12.92 -13.54
N PRO B 40 36.43 -12.87 -12.51
CA PRO B 40 34.99 -12.73 -12.77
C PRO B 40 34.69 -11.45 -13.53
N ASP B 41 33.51 -11.37 -14.15
CA ASP B 41 33.16 -10.22 -14.97
C ASP B 41 33.05 -8.94 -14.15
N GLN B 42 32.89 -9.09 -12.84
CA GLN B 42 32.79 -7.95 -11.94
C GLN B 42 34.15 -7.49 -11.45
N MET B 43 35.22 -8.11 -11.96
CA MET B 43 36.56 -7.80 -11.48
C MET B 43 37.49 -7.39 -12.63
N THR B 44 37.00 -7.48 -13.85
CA THR B 44 37.80 -7.17 -15.04
C THR B 44 38.28 -5.72 -15.06
N PHE B 45 37.33 -4.79 -14.93
CA PHE B 45 37.64 -3.36 -14.96
C PHE B 45 38.63 -2.97 -13.88
N LEU B 46 38.45 -3.54 -12.68
CA LEU B 46 39.34 -3.25 -11.57
C LEU B 46 40.79 -3.59 -11.89
N MET B 47 41.00 -4.77 -12.44
CA MET B 47 42.35 -5.24 -12.75
C MET B 47 42.94 -4.49 -13.94
N GLU B 48 42.09 -4.11 -14.88
CA GLU B 48 42.52 -3.32 -16.02
C GLU B 48 42.98 -1.93 -15.57
N TYR B 49 42.38 -1.44 -14.49
CA TYR B 49 42.70 -0.12 -13.97
C TYR B 49 43.92 -0.15 -13.05
N GLU B 50 44.16 -1.30 -12.44
CA GLU B 50 45.28 -1.46 -11.51
C GLU B 50 46.57 -1.84 -12.24
N LEU B 51 46.45 -2.70 -13.25
CA LEU B 51 47.62 -3.13 -14.02
C LEU B 51 48.20 -1.98 -14.83
N ALA B 52 47.40 -0.96 -15.08
CA ALA B 52 47.83 0.18 -15.88
C ALA B 52 48.32 1.32 -14.99
N LYS B 53 48.32 1.10 -13.68
CA LYS B 53 48.69 2.15 -12.73
C LYS B 53 50.18 2.12 -12.39
N THR B 54 50.99 1.59 -13.32
CA THR B 54 52.43 1.60 -13.14
C THR B 54 53.04 2.80 -13.86
N PRO B 55 53.65 3.72 -13.09
CA PRO B 55 54.21 4.96 -13.61
C PRO B 55 55.21 4.79 -14.75
N ASP B 56 55.94 3.68 -14.77
CA ASP B 56 57.00 3.49 -15.76
C ASP B 56 56.50 2.96 -17.10
N MET B 57 55.44 2.15 -17.07
CA MET B 57 54.88 1.59 -18.29
C MET B 57 53.57 2.28 -18.68
N GLY B 58 52.74 2.54 -17.67
CA GLY B 58 51.47 3.21 -17.89
C GLY B 58 50.52 2.44 -18.78
N GLY B 59 50.37 1.15 -18.51
CA GLY B 59 49.45 0.31 -19.26
C GLY B 59 49.95 -1.09 -19.51
N MET B 60 49.13 -1.90 -20.18
CA MET B 60 49.49 -3.27 -20.51
C MET B 60 49.33 -3.53 -22.01
N ILE B 61 50.09 -4.50 -22.51
CA ILE B 61 50.00 -4.88 -23.92
C ILE B 61 50.23 -6.39 -24.09
N ARG B 62 51.09 -6.95 -23.24
CA ARG B 62 51.35 -8.38 -23.24
C ARG B 62 50.31 -9.07 -22.35
N ALA B 63 49.84 -8.34 -21.35
CA ALA B 63 48.87 -8.86 -20.40
C ALA B 63 47.45 -8.41 -20.73
N GLN B 64 46.51 -9.34 -20.73
CA GLN B 64 45.11 -9.03 -20.98
C GLN B 64 44.21 -9.57 -19.87
N VAL B 65 43.34 -8.72 -19.34
CA VAL B 65 42.39 -9.13 -18.32
C VAL B 65 41.11 -9.62 -18.98
N PHE B 66 40.70 -10.85 -18.66
CA PHE B 66 39.57 -11.47 -19.34
C PHE B 66 38.55 -12.11 -18.41
N SER B 67 37.30 -12.15 -18.88
CA SER B 67 36.28 -13.01 -18.30
C SER B 67 36.18 -14.25 -19.17
N PHE B 68 35.48 -15.28 -18.70
CA PHE B 68 35.31 -16.49 -19.48
C PHE B 68 34.64 -16.19 -20.82
N SER B 69 33.65 -15.30 -20.77
CA SER B 69 32.90 -14.91 -21.96
C SER B 69 33.77 -14.15 -22.94
N ARG B 70 34.55 -13.20 -22.43
CA ARG B 70 35.40 -12.38 -23.27
C ARG B 70 36.53 -13.19 -23.89
N LEU B 71 37.12 -14.08 -23.09
CA LEU B 71 38.13 -15.00 -23.57
C LEU B 71 37.55 -15.90 -24.66
N ALA B 72 36.32 -16.35 -24.44
CA ALA B 72 35.62 -17.17 -25.42
C ALA B 72 35.42 -16.40 -26.72
N TRP B 73 35.06 -15.13 -26.60
CA TRP B 73 34.83 -14.28 -27.75
C TRP B 73 36.10 -14.05 -28.58
N ARG B 74 37.23 -13.90 -27.90
CA ARG B 74 38.49 -13.67 -28.58
C ARG B 74 38.99 -14.94 -29.27
N VAL B 75 39.01 -16.04 -28.53
CA VAL B 75 39.46 -17.33 -29.05
C VAL B 75 38.59 -17.78 -30.21
N LEU B 76 37.29 -17.55 -30.11
CA LEU B 76 36.37 -17.90 -31.19
C LEU B 76 36.50 -16.92 -32.36
N GLN B 77 37.04 -15.74 -32.11
CA GLN B 77 37.28 -14.76 -33.17
C GLN B 77 38.55 -15.12 -33.92
N HIS B 78 39.32 -16.06 -33.36
CA HIS B 78 40.54 -16.52 -34.01
C HIS B 78 40.33 -17.88 -34.65
N THR B 79 39.54 -18.73 -33.99
CA THR B 79 39.33 -20.09 -34.45
C THR B 79 38.06 -20.21 -35.30
N GLY B 80 36.98 -19.59 -34.83
CA GLY B 80 35.72 -19.62 -35.56
C GLY B 80 34.51 -19.99 -34.74
N GLY B 81 33.36 -19.49 -35.16
CA GLY B 81 32.11 -19.78 -34.46
C GLY B 81 31.32 -18.52 -34.14
N MET B 82 31.98 -17.37 -34.23
CA MET B 82 31.35 -16.10 -33.90
C MET B 82 30.36 -15.65 -34.99
N SER B 83 30.49 -16.23 -36.18
CA SER B 83 29.60 -15.90 -37.28
C SER B 83 28.21 -16.51 -37.08
N ARG B 84 28.11 -17.41 -36.11
CA ARG B 84 26.83 -18.03 -35.77
C ARG B 84 26.00 -17.08 -34.92
N PRO B 85 24.74 -16.84 -35.33
CA PRO B 85 23.81 -15.91 -34.65
C PRO B 85 23.68 -16.17 -33.16
N PHE B 86 23.49 -15.09 -32.38
CA PHE B 86 23.41 -15.19 -30.93
C PHE B 86 21.97 -14.97 -30.43
N LEU B 87 21.59 -15.70 -29.38
CA LEU B 87 20.27 -15.58 -28.81
C LEU B 87 20.31 -15.09 -27.36
N THR B 88 19.36 -14.23 -27.00
CA THR B 88 19.24 -13.74 -25.63
C THR B 88 18.37 -14.68 -24.83
N SER B 89 18.31 -14.48 -23.52
CA SER B 89 17.48 -15.31 -22.64
C SER B 89 16.00 -15.17 -23.00
N THR B 90 15.60 -13.97 -23.42
CA THR B 90 14.22 -13.70 -23.80
C THR B 90 13.86 -14.44 -25.08
N GLY B 91 14.82 -14.51 -26.00
CA GLY B 91 14.62 -15.23 -27.25
C GLY B 91 14.48 -16.72 -26.99
N VAL B 92 15.22 -17.22 -26.02
CA VAL B 92 15.14 -18.62 -25.62
C VAL B 92 13.78 -18.88 -24.97
N GLN B 93 13.33 -17.92 -24.18
CA GLN B 93 12.01 -18.01 -23.55
C GLN B 93 10.91 -18.08 -24.60
N MET B 94 11.03 -17.26 -25.63
CA MET B 94 10.05 -17.25 -26.71
C MET B 94 10.04 -18.59 -27.47
N LEU B 95 11.22 -19.16 -27.65
CA LEU B 95 11.36 -20.45 -28.31
C LEU B 95 10.72 -21.53 -27.47
N LEU B 96 10.91 -21.43 -26.16
CA LEU B 96 10.33 -22.38 -25.22
C LEU B 96 8.80 -22.24 -25.19
N ARG B 97 8.32 -21.01 -25.35
CA ARG B 97 6.89 -20.76 -25.42
C ARG B 97 6.27 -21.49 -26.61
N LYS B 98 6.86 -21.28 -27.79
CA LYS B 98 6.41 -21.93 -29.01
C LYS B 98 6.47 -23.45 -28.90
N LEU B 99 7.57 -23.95 -28.32
CA LEU B 99 7.77 -25.38 -28.15
C LEU B 99 6.76 -25.98 -27.19
N ILE B 100 6.44 -25.24 -26.14
CA ILE B 100 5.43 -25.67 -25.17
C ILE B 100 4.07 -25.79 -25.85
N GLU B 101 3.77 -24.84 -26.72
CA GLU B 101 2.47 -24.78 -27.40
C GLU B 101 2.16 -26.00 -28.26
N GLU B 102 3.20 -26.70 -28.70
CA GLU B 102 3.02 -27.85 -29.58
C GLU B 102 3.54 -29.15 -28.97
N HIS B 103 3.90 -29.12 -27.70
CA HIS B 103 4.33 -30.33 -27.00
C HIS B 103 3.72 -30.39 -25.60
N LYS B 104 2.69 -29.59 -25.39
CA LYS B 104 1.99 -29.52 -24.11
C LYS B 104 1.25 -30.82 -23.81
N GLN B 105 0.72 -31.45 -24.85
CA GLN B 105 -0.07 -32.66 -24.71
C GLN B 105 0.79 -33.90 -24.48
N GLU B 106 2.10 -33.72 -24.43
CA GLU B 106 3.03 -34.82 -24.23
C GLU B 106 3.56 -34.84 -22.81
N PHE B 107 3.25 -33.79 -22.05
CA PHE B 107 3.74 -33.64 -20.69
C PHE B 107 3.05 -34.59 -19.72
N LYS B 108 3.68 -34.82 -18.57
CA LYS B 108 3.12 -35.72 -17.57
C LYS B 108 2.74 -34.96 -16.29
N VAL B 109 3.33 -33.79 -16.09
CA VAL B 109 3.08 -32.99 -14.90
C VAL B 109 2.85 -31.53 -15.24
N TYR B 110 3.77 -30.97 -16.02
CA TYR B 110 3.72 -29.54 -16.36
C TYR B 110 2.78 -29.28 -17.54
N GLN B 111 1.60 -29.89 -17.52
CA GLN B 111 0.63 -29.73 -18.60
C GLN B 111 -0.32 -28.57 -18.31
N LYS B 112 -0.59 -28.34 -17.02
CA LYS B 112 -1.48 -27.26 -16.62
C LYS B 112 -0.70 -26.01 -16.29
N ALA B 113 0.52 -26.19 -15.78
CA ALA B 113 1.38 -25.07 -15.42
C ALA B 113 2.00 -24.43 -16.66
N SER B 114 1.93 -25.14 -17.78
CA SER B 114 2.51 -24.65 -19.03
C SER B 114 1.68 -23.51 -19.63
N ASP B 115 0.55 -23.21 -19.01
CA ASP B 115 -0.31 -22.12 -19.45
C ASP B 115 0.23 -20.78 -18.99
N LYS B 116 1.01 -20.80 -17.91
CA LYS B 116 1.54 -19.58 -17.31
C LYS B 116 2.80 -19.12 -18.03
N SER B 117 3.09 -17.82 -17.94
CA SER B 117 4.23 -17.23 -18.61
C SER B 117 5.47 -17.26 -17.74
N GLY B 118 5.27 -17.34 -16.43
CA GLY B 118 6.36 -17.46 -15.50
C GLY B 118 7.04 -18.81 -15.62
N PHE B 119 6.29 -19.79 -16.09
CA PHE B 119 6.77 -21.16 -16.22
C PHE B 119 7.88 -21.27 -17.27
N THR B 120 7.72 -20.54 -18.37
CA THR B 120 8.70 -20.58 -19.45
C THR B 120 10.00 -19.93 -19.01
N ALA B 121 9.92 -19.04 -18.02
CA ALA B 121 11.10 -18.41 -17.46
C ALA B 121 11.81 -19.39 -16.55
N GLN B 122 11.01 -20.18 -15.84
CA GLN B 122 11.52 -21.18 -14.92
C GLN B 122 12.22 -22.29 -15.69
N VAL B 123 11.64 -22.67 -16.83
CA VAL B 123 12.24 -23.68 -17.69
C VAL B 123 13.53 -23.14 -18.30
N GLU B 124 13.52 -21.86 -18.66
CA GLU B 124 14.68 -21.21 -19.23
C GLU B 124 15.86 -21.28 -18.26
N ARG B 125 15.60 -20.90 -17.00
CA ARG B 125 16.62 -20.95 -15.97
C ARG B 125 17.13 -22.37 -15.72
N MET B 126 16.22 -23.34 -15.78
CA MET B 126 16.58 -24.72 -15.50
C MET B 126 17.44 -25.30 -16.62
N LEU B 127 17.07 -25.01 -17.86
CA LEU B 127 17.84 -25.49 -19.01
C LEU B 127 19.20 -24.79 -19.06
N THR B 128 19.23 -23.53 -18.64
CA THR B 128 20.47 -22.77 -18.57
C THR B 128 21.44 -23.44 -17.61
N GLU B 129 20.92 -23.81 -16.44
CA GLU B 129 21.71 -24.52 -15.43
C GLU B 129 22.14 -25.89 -15.95
N PHE B 130 21.32 -26.47 -16.82
CA PHE B 130 21.62 -27.77 -17.42
C PHE B 130 22.82 -27.69 -18.35
N LYS B 131 22.90 -26.60 -19.12
CA LYS B 131 24.03 -26.40 -20.01
C LYS B 131 25.28 -25.98 -19.23
N ARG B 132 25.07 -25.23 -18.16
CA ARG B 132 26.16 -24.74 -17.34
C ARG B 132 26.82 -25.85 -16.52
N TYR B 133 26.16 -27.00 -16.44
CA TYR B 133 26.68 -28.11 -15.67
C TYR B 133 26.84 -29.37 -16.52
N CYS B 134 27.14 -29.16 -17.80
CA CYS B 134 27.49 -30.24 -18.72
C CYS B 134 26.46 -31.35 -18.76
N LEU B 135 25.21 -31.01 -19.08
CA LEU B 135 24.16 -32.01 -19.18
C LEU B 135 23.39 -31.86 -20.48
N GLU B 136 23.66 -32.77 -21.42
CA GLU B 136 22.94 -32.80 -22.68
C GLU B 136 21.57 -33.47 -22.49
N PRO B 137 20.62 -33.20 -23.40
CA PRO B 137 19.28 -33.80 -23.34
C PRO B 137 19.28 -35.31 -23.12
N GLU B 138 20.27 -36.00 -23.65
CA GLU B 138 20.39 -37.45 -23.48
C GLU B 138 20.58 -37.82 -22.01
N ASP B 139 21.29 -36.99 -21.27
CA ASP B 139 21.55 -37.23 -19.86
C ASP B 139 20.30 -37.00 -19.03
N ILE B 140 19.54 -35.98 -19.39
CA ILE B 140 18.28 -35.69 -18.72
C ILE B 140 17.31 -36.83 -18.97
N ARG B 141 17.32 -37.36 -20.18
CA ARG B 141 16.52 -38.53 -20.52
C ARG B 141 16.94 -39.74 -19.70
N ARG B 142 18.25 -39.87 -19.45
CA ARG B 142 18.77 -40.95 -18.63
C ARG B 142 18.23 -40.84 -17.21
N MET B 143 18.14 -39.62 -16.72
CA MET B 143 17.63 -39.35 -15.38
C MET B 143 16.13 -39.59 -15.30
N ALA B 144 15.45 -39.37 -16.43
CA ALA B 144 14.00 -39.56 -16.50
C ALA B 144 13.65 -41.04 -16.58
N GLU B 145 14.41 -41.79 -17.39
CA GLU B 145 14.20 -43.22 -17.53
C GLU B 145 14.49 -43.94 -16.21
N SER B 146 15.51 -43.47 -15.50
CA SER B 146 15.90 -44.06 -14.24
C SER B 146 15.13 -43.45 -13.07
N GLY B 154 9.83 -38.52 -3.40
CA GLY B 154 9.07 -38.08 -4.55
C GLY B 154 9.84 -38.28 -5.84
N GLU B 155 10.35 -39.49 -6.02
CA GLU B 155 11.09 -39.85 -7.22
C GLU B 155 10.17 -39.84 -8.44
N ARG B 156 8.92 -40.26 -8.23
CA ARG B 156 7.93 -40.29 -9.30
C ARG B 156 7.76 -38.91 -9.93
N VAL B 157 7.46 -37.93 -9.08
CA VAL B 157 7.26 -36.55 -9.54
C VAL B 157 8.50 -36.01 -10.22
N LEU B 158 9.66 -36.30 -9.64
CA LEU B 158 10.93 -35.84 -10.19
C LEU B 158 11.21 -36.43 -11.57
N SER B 159 10.92 -37.72 -11.74
CA SER B 159 11.13 -38.38 -13.02
C SER B 159 10.21 -37.82 -14.09
N GLU B 160 9.01 -37.43 -13.67
CA GLU B 160 8.00 -36.92 -14.59
C GLU B 160 8.30 -35.51 -15.06
N LYS B 161 8.76 -34.67 -14.13
CA LYS B 161 9.10 -33.29 -14.48
C LYS B 161 10.40 -33.26 -15.27
N LEU B 162 11.29 -34.21 -14.99
CA LEU B 162 12.52 -34.34 -15.77
C LEU B 162 12.21 -34.88 -17.16
N HIS B 163 11.09 -35.57 -17.27
CA HIS B 163 10.62 -36.08 -18.56
C HIS B 163 10.08 -34.95 -19.42
N ASP B 164 9.33 -34.06 -18.80
CA ASP B 164 8.81 -32.88 -19.47
C ASP B 164 9.96 -31.97 -19.89
N LEU B 165 10.89 -31.75 -18.96
CA LEU B 165 12.06 -30.95 -19.24
C LEU B 165 12.87 -31.57 -20.37
N SER B 166 12.92 -32.90 -20.38
CA SER B 166 13.60 -33.65 -21.44
C SER B 166 13.03 -33.31 -22.81
N ILE B 167 11.71 -33.26 -22.89
CA ILE B 167 11.02 -32.97 -24.15
C ILE B 167 11.33 -31.56 -24.65
N LEU B 168 11.22 -30.60 -23.75
CA LEU B 168 11.50 -29.20 -24.07
C LEU B 168 12.97 -28.98 -24.42
N TYR B 169 13.85 -29.61 -23.66
CA TYR B 169 15.28 -29.52 -23.90
C TYR B 169 15.63 -30.08 -25.27
N GLN B 170 15.18 -31.31 -25.53
CA GLN B 170 15.45 -32.00 -26.78
C GLN B 170 14.97 -31.22 -28.00
N GLN B 171 13.73 -30.73 -27.92
CA GLN B 171 13.12 -29.96 -29.00
C GLN B 171 13.82 -28.61 -29.20
N MET B 172 14.38 -28.08 -28.12
CA MET B 172 15.12 -26.83 -28.21
C MET B 172 16.43 -27.05 -28.95
N GLU B 173 17.15 -28.09 -28.54
CA GLU B 173 18.43 -28.43 -29.16
C GLU B 173 18.22 -28.85 -30.62
N LYS B 174 17.04 -29.38 -30.92
CA LYS B 174 16.68 -29.77 -32.27
C LYS B 174 16.36 -28.56 -33.13
N SER B 175 15.78 -27.54 -32.51
CA SER B 175 15.38 -26.33 -33.22
C SER B 175 16.54 -25.38 -33.40
N LEU B 176 17.51 -25.44 -32.50
CA LEU B 176 18.67 -24.56 -32.55
C LEU B 176 19.83 -25.20 -33.32
N ALA B 177 19.64 -26.45 -33.74
CA ALA B 177 20.69 -27.18 -34.44
C ALA B 177 20.93 -26.61 -35.84
N ASP B 178 22.20 -26.43 -36.18
CA ASP B 178 22.62 -25.98 -37.51
C ASP B 178 22.00 -24.64 -37.90
N GLN B 179 21.82 -23.76 -36.92
CA GLN B 179 21.21 -22.45 -37.20
C GLN B 179 21.54 -21.40 -36.15
N TYR B 180 21.43 -21.75 -34.88
CA TYR B 180 21.58 -20.76 -33.81
C TYR B 180 22.57 -21.17 -32.73
N LEU B 181 22.83 -20.24 -31.82
CA LEU B 181 23.77 -20.44 -30.72
C LEU B 181 23.16 -20.00 -29.40
N HIS B 182 23.21 -20.87 -28.40
CA HIS B 182 22.67 -20.56 -27.09
C HIS B 182 23.65 -19.68 -26.31
N SER B 183 23.12 -18.92 -25.35
CA SER B 183 23.93 -18.02 -24.54
C SER B 183 24.97 -18.77 -23.71
N GLU B 184 24.66 -20.03 -23.40
CA GLU B 184 25.54 -20.86 -22.60
C GLU B 184 26.26 -21.89 -23.47
N ASP B 185 26.51 -21.54 -24.72
CA ASP B 185 27.23 -22.42 -25.63
C ASP B 185 28.62 -21.88 -25.96
N TYR B 186 28.90 -20.67 -25.48
CA TYR B 186 30.18 -20.02 -25.76
C TYR B 186 31.35 -20.73 -25.08
N LEU B 187 31.16 -21.11 -23.82
CA LEU B 187 32.23 -21.72 -23.04
C LEU B 187 32.50 -23.16 -23.47
N THR B 188 31.46 -23.86 -23.90
CA THR B 188 31.62 -25.22 -24.39
C THR B 188 32.34 -25.21 -25.74
N LEU B 189 31.98 -24.25 -26.57
CA LEU B 189 32.63 -24.07 -27.86
C LEU B 189 34.07 -23.59 -27.68
N LEU B 190 34.29 -22.90 -26.57
CA LEU B 190 35.63 -22.42 -26.20
C LEU B 190 36.55 -23.57 -25.82
N ALA B 191 36.05 -24.48 -25.00
CA ALA B 191 36.83 -25.60 -24.49
C ALA B 191 37.28 -26.55 -25.59
N GLU B 192 36.53 -26.58 -26.69
CA GLU B 192 36.84 -27.50 -27.78
C GLU B 192 37.55 -26.80 -28.95
N HIS B 193 37.94 -25.55 -28.72
CA HIS B 193 38.68 -24.79 -29.74
C HIS B 193 40.01 -24.28 -29.20
N ILE B 194 40.18 -24.36 -27.88
CA ILE B 194 41.46 -24.03 -27.25
C ILE B 194 42.63 -24.89 -27.75
N PRO B 195 42.42 -26.22 -27.92
CA PRO B 195 43.54 -27.00 -28.44
C PRO B 195 44.05 -26.53 -29.81
N LEU B 196 43.14 -26.15 -30.71
CA LEU B 196 43.55 -25.71 -32.03
C LEU B 196 43.75 -24.19 -32.09
N ALA B 197 44.02 -23.60 -30.94
CA ALA B 197 44.34 -22.18 -30.85
C ALA B 197 45.82 -21.99 -30.55
N GLU B 198 46.54 -21.40 -31.49
CA GLU B 198 47.99 -21.25 -31.38
C GLU B 198 48.41 -20.22 -30.33
N ASP B 199 47.65 -19.14 -30.22
CA ASP B 199 47.98 -18.06 -29.30
C ASP B 199 47.88 -18.48 -27.84
N ILE B 200 47.19 -19.58 -27.59
CA ILE B 200 47.05 -20.13 -26.24
C ILE B 200 48.39 -20.66 -25.73
N LYS B 201 49.16 -21.26 -26.64
CA LYS B 201 50.41 -21.91 -26.30
C LYS B 201 51.42 -20.97 -25.62
N GLY B 202 52.06 -21.47 -24.57
CA GLY B 202 53.12 -20.74 -23.89
C GLY B 202 52.66 -19.52 -23.12
N ALA B 203 51.34 -19.41 -22.92
CA ALA B 203 50.77 -18.24 -22.25
C ALA B 203 50.45 -18.51 -20.80
N HIS B 204 50.87 -17.59 -19.93
CA HIS B 204 50.51 -17.66 -18.52
C HIS B 204 49.03 -17.32 -18.36
N ILE B 205 48.34 -18.06 -17.50
CA ILE B 205 46.93 -17.82 -17.25
C ILE B 205 46.67 -17.77 -15.75
N TYR B 206 46.19 -16.63 -15.27
CA TYR B 206 46.03 -16.42 -13.83
C TYR B 206 44.56 -16.29 -13.42
N VAL B 207 44.17 -17.10 -12.44
CA VAL B 207 42.81 -17.08 -11.94
C VAL B 207 42.74 -16.45 -10.55
N ASP B 208 41.85 -15.49 -10.38
CA ASP B 208 41.66 -14.84 -9.09
C ASP B 208 40.27 -14.20 -9.01
N GLY B 209 39.67 -14.24 -7.82
CA GLY B 209 38.37 -13.65 -7.61
C GLY B 209 37.23 -14.63 -7.60
N PHE B 210 37.46 -15.82 -8.15
CA PHE B 210 36.45 -16.87 -8.17
C PHE B 210 36.38 -17.60 -6.83
N TYR B 211 35.17 -17.89 -6.39
CA TYR B 211 34.96 -18.71 -5.21
C TYR B 211 34.72 -20.17 -5.63
N GLN B 212 34.13 -20.33 -6.81
CA GLN B 212 33.86 -21.65 -7.34
C GLN B 212 33.70 -21.62 -8.86
N PHE B 213 33.68 -22.80 -9.48
CA PHE B 213 33.51 -22.89 -10.92
C PHE B 213 32.42 -23.90 -11.29
N THR B 214 31.70 -23.60 -12.37
CA THR B 214 30.75 -24.56 -12.92
C THR B 214 31.56 -25.61 -13.67
N PRO B 215 31.01 -26.82 -13.81
CA PRO B 215 31.66 -27.89 -14.59
C PRO B 215 32.00 -27.43 -16.01
N GLN B 216 31.14 -26.59 -16.58
CA GLN B 216 31.39 -26.03 -17.90
C GLN B 216 32.64 -25.15 -17.88
N GLU B 217 32.84 -24.43 -16.77
CA GLU B 217 34.04 -23.63 -16.59
C GLU B 217 35.24 -24.50 -16.25
N PHE B 218 34.97 -25.62 -15.57
CA PHE B 218 36.02 -26.57 -15.19
C PHE B 218 36.66 -27.21 -16.41
N ARG B 219 35.85 -27.44 -17.45
CA ARG B 219 36.35 -28.00 -18.70
C ARG B 219 37.35 -27.06 -19.35
N VAL B 220 37.02 -25.77 -19.36
CA VAL B 220 37.90 -24.75 -19.90
C VAL B 220 39.15 -24.65 -19.05
N LEU B 221 38.97 -24.71 -17.73
CA LEU B 221 40.09 -24.62 -16.80
C LEU B 221 41.10 -25.73 -16.99
N GLU B 222 40.63 -26.97 -17.07
CA GLU B 222 41.54 -28.10 -17.22
C GLU B 222 42.18 -28.10 -18.60
N GLN B 223 41.48 -27.55 -19.57
CA GLN B 223 42.02 -27.44 -20.92
C GLN B 223 43.15 -26.41 -20.93
N LEU B 224 43.03 -25.42 -20.06
CA LEU B 224 44.07 -24.43 -19.88
C LEU B 224 45.22 -25.03 -19.06
N MET B 225 44.92 -26.03 -18.26
CA MET B 225 45.96 -26.75 -17.54
C MET B 225 46.83 -27.51 -18.53
N VAL B 226 46.20 -28.03 -19.58
CA VAL B 226 46.90 -28.82 -20.59
C VAL B 226 47.75 -27.96 -21.52
N HIS B 227 47.08 -27.12 -22.31
CA HIS B 227 47.69 -26.43 -23.43
C HIS B 227 48.39 -25.11 -23.09
N ALA B 228 48.40 -24.73 -21.81
CA ALA B 228 49.12 -23.52 -21.41
C ALA B 228 50.36 -23.89 -20.61
N GLU B 229 51.43 -23.11 -20.79
CA GLU B 229 52.70 -23.37 -20.14
C GLU B 229 52.59 -23.34 -18.62
N HIS B 230 51.91 -22.32 -18.10
CA HIS B 230 51.78 -22.15 -16.66
C HIS B 230 50.42 -21.56 -16.31
N ILE B 231 49.92 -21.89 -15.12
CA ILE B 231 48.64 -21.39 -14.65
C ILE B 231 48.58 -21.38 -13.12
N THR B 232 48.16 -20.25 -12.57
CA THR B 232 48.09 -20.08 -11.12
C THR B 232 46.65 -19.85 -10.65
N PHE B 233 46.24 -20.60 -9.62
CA PHE B 233 44.90 -20.46 -9.06
C PHE B 233 44.93 -19.78 -7.70
N SER B 234 44.29 -18.62 -7.61
CA SER B 234 44.23 -17.88 -6.35
C SER B 234 42.92 -18.13 -5.61
N LEU B 235 42.98 -18.92 -4.55
CA LEU B 235 41.78 -19.26 -3.78
C LEU B 235 41.86 -18.73 -2.36
N THR B 236 40.75 -18.19 -1.88
CA THR B 236 40.70 -17.63 -0.53
C THR B 236 40.26 -18.68 0.48
N ALA B 237 41.22 -19.24 1.20
CA ALA B 237 40.95 -20.24 2.23
C ALA B 237 42.08 -20.28 3.26
N ASP B 238 42.13 -21.36 4.04
CA ASP B 238 43.14 -21.47 5.08
C ASP B 238 43.61 -22.92 5.25
N LYS B 239 44.74 -23.23 4.62
CA LYS B 239 45.29 -24.59 4.58
C LYS B 239 44.23 -25.63 4.22
N PRO B 240 43.68 -25.54 3.00
CA PRO B 240 42.63 -26.49 2.61
C PRO B 240 43.22 -27.86 2.32
N SER B 241 42.44 -28.90 2.55
CA SER B 241 42.91 -30.26 2.32
C SER B 241 42.70 -30.68 0.87
N TYR B 242 43.66 -31.43 0.34
CA TYR B 242 43.61 -31.90 -1.03
C TYR B 242 43.21 -33.36 -1.07
N GLU B 243 42.92 -33.91 0.10
CA GLU B 243 42.58 -35.32 0.26
C GLU B 243 41.08 -35.52 0.39
N ARG B 244 40.42 -34.62 1.13
CA ARG B 244 38.99 -34.70 1.33
C ARG B 244 38.32 -33.34 1.11
N GLU B 245 37.00 -33.36 0.97
CA GLU B 245 36.23 -32.12 0.85
C GLU B 245 35.98 -31.54 2.23
N PRO B 246 35.96 -30.20 2.33
CA PRO B 246 35.74 -29.52 3.62
C PRO B 246 34.42 -29.90 4.28
N HIS B 247 34.34 -29.73 5.60
CA HIS B 247 33.10 -29.97 6.31
C HIS B 247 32.07 -28.92 5.92
N GLU B 248 30.80 -29.22 6.13
CA GLU B 248 29.72 -28.33 5.72
C GLU B 248 29.66 -27.07 6.59
N LEU B 249 30.08 -27.20 7.84
CA LEU B 249 29.95 -26.13 8.83
C LEU B 249 31.15 -25.20 8.88
N GLU B 250 32.28 -25.63 8.32
CA GLU B 250 33.49 -24.82 8.36
C GLU B 250 33.40 -23.65 7.36
N LEU B 251 34.19 -22.62 7.60
CA LEU B 251 34.09 -21.36 6.87
C LEU B 251 34.32 -21.50 5.36
N PHE B 252 35.53 -21.92 4.98
CA PHE B 252 35.90 -21.98 3.57
C PHE B 252 35.50 -23.31 2.92
N ARG B 253 34.20 -23.53 2.76
CA ARG B 253 33.73 -24.77 2.18
C ARG B 253 33.66 -24.71 0.65
N MET B 254 33.33 -23.54 0.11
CA MET B 254 33.27 -23.34 -1.33
C MET B 254 34.67 -23.41 -1.93
N THR B 255 35.51 -22.46 -1.51
CA THR B 255 36.89 -22.36 -1.99
C THR B 255 37.68 -23.62 -1.67
N GLY B 256 37.40 -24.20 -0.50
CA GLY B 256 38.04 -25.44 -0.10
C GLY B 256 37.69 -26.62 -1.00
N LYS B 257 36.41 -26.72 -1.34
CA LYS B 257 35.93 -27.82 -2.19
C LYS B 257 36.48 -27.71 -3.61
N THR B 258 36.62 -26.47 -4.09
CA THR B 258 37.21 -26.22 -5.39
C THR B 258 38.71 -26.49 -5.37
N TYR B 259 39.34 -26.15 -4.25
CA TYR B 259 40.76 -26.44 -4.02
C TYR B 259 40.99 -27.94 -4.14
N TYR B 260 40.15 -28.71 -3.48
CA TYR B 260 40.16 -30.17 -3.56
C TYR B 260 39.89 -30.65 -4.99
N ARG B 261 38.89 -30.05 -5.62
CA ARG B 261 38.42 -30.46 -6.94
C ARG B 261 39.50 -30.28 -8.01
N LEU B 262 40.30 -29.24 -7.87
CA LEU B 262 41.34 -28.94 -8.85
C LEU B 262 42.50 -29.93 -8.76
N HIS B 263 42.74 -30.47 -7.57
CA HIS B 263 43.90 -31.32 -7.34
C HIS B 263 43.80 -32.66 -8.04
N GLN B 264 42.59 -33.20 -8.12
CA GLN B 264 42.38 -34.47 -8.80
C GLN B 264 42.59 -34.30 -10.30
N LYS B 265 42.18 -33.14 -10.80
CA LYS B 265 42.36 -32.82 -12.22
C LYS B 265 43.82 -32.59 -12.54
N ALA B 266 44.54 -31.97 -11.62
CA ALA B 266 45.96 -31.70 -11.82
C ALA B 266 46.81 -32.98 -11.69
N LYS B 267 46.46 -33.84 -10.73
CA LYS B 267 47.22 -35.06 -10.51
C LYS B 267 46.89 -36.13 -11.55
N GLU B 268 45.71 -36.02 -12.16
CA GLU B 268 45.31 -36.94 -13.22
C GLU B 268 46.18 -36.78 -14.46
N LEU B 269 46.40 -35.53 -14.84
CA LEU B 269 47.27 -35.23 -15.96
C LEU B 269 48.74 -35.29 -15.51
N ASN B 270 48.91 -35.39 -14.19
CA ASN B 270 50.24 -35.51 -13.57
C ASN B 270 51.15 -34.33 -13.88
N LEU B 271 50.63 -33.12 -13.66
CA LEU B 271 51.42 -31.91 -13.86
C LEU B 271 52.01 -31.43 -12.54
N ASP B 272 53.28 -31.04 -12.56
CA ASP B 272 53.98 -30.59 -11.36
C ASP B 272 53.33 -29.34 -10.78
N ILE B 273 53.08 -29.37 -9.47
CA ILE B 273 52.37 -28.29 -8.78
C ILE B 273 53.22 -27.57 -7.75
N THR B 274 52.86 -26.32 -7.48
CA THR B 274 53.61 -25.46 -6.57
C THR B 274 52.70 -24.94 -5.45
N TYR B 275 53.27 -24.73 -4.28
CA TYR B 275 52.53 -24.23 -3.12
C TYR B 275 52.72 -22.74 -2.90
N LYS B 276 51.78 -22.13 -2.18
CA LYS B 276 51.89 -20.74 -1.75
C LYS B 276 50.94 -20.48 -0.58
N GLU B 277 51.50 -20.12 0.57
CA GLU B 277 50.70 -19.82 1.75
C GLU B 277 51.03 -18.42 2.28
N LEU B 278 50.01 -17.60 2.50
CA LEU B 278 50.22 -16.24 2.98
C LEU B 278 49.77 -16.05 4.42
N SER B 279 50.71 -15.68 5.28
CA SER B 279 50.45 -15.55 6.71
C SER B 279 50.13 -14.12 7.13
N GLY B 280 50.77 -13.15 6.47
CA GLY B 280 50.69 -11.76 6.88
C GLY B 280 49.32 -11.10 6.74
N THR B 281 48.99 -10.27 7.72
CA THR B 281 47.79 -9.44 7.66
C THR B 281 48.11 -8.13 6.98
N GLU B 282 48.46 -8.21 5.70
CA GLU B 282 48.96 -7.06 4.94
C GLU B 282 47.98 -5.91 4.87
N ARG B 283 46.70 -6.21 4.72
CA ARG B 283 45.67 -5.19 4.60
C ARG B 283 45.36 -4.53 5.95
N HIS B 284 45.45 -5.31 7.02
CA HIS B 284 45.02 -4.83 8.34
C HIS B 284 46.18 -4.48 9.27
N THR B 285 47.34 -4.17 8.69
CA THR B 285 48.53 -3.90 9.48
C THR B 285 48.39 -2.62 10.31
N LYS B 286 47.76 -1.60 9.73
CA LYS B 286 47.66 -0.29 10.36
C LYS B 286 46.72 -0.25 11.58
N THR B 287 45.57 -0.91 11.43
CA THR B 287 44.53 -0.92 12.48
C THR B 287 44.32 -2.32 13.05
N PRO B 288 44.31 -2.43 14.39
CA PRO B 288 44.27 -3.68 15.16
C PRO B 288 43.03 -4.54 14.96
N GLU B 289 41.86 -3.92 14.93
CA GLU B 289 40.58 -4.62 14.93
C GLU B 289 40.33 -5.49 13.71
N LEU B 290 40.82 -5.05 12.56
CA LEU B 290 40.55 -5.72 11.29
C LEU B 290 41.24 -7.08 11.17
N ALA B 291 42.46 -7.17 11.68
CA ALA B 291 43.28 -8.38 11.54
C ALA B 291 42.71 -9.56 12.33
N HIS B 292 42.29 -9.30 13.56
CA HIS B 292 41.71 -10.32 14.44
C HIS B 292 40.55 -11.05 13.75
N LEU B 293 39.74 -10.30 13.02
CA LEU B 293 38.56 -10.85 12.36
C LEU B 293 38.89 -11.95 11.37
N GLU B 294 39.83 -11.69 10.47
CA GLU B 294 40.17 -12.64 9.41
C GLU B 294 40.60 -14.00 9.95
N ALA B 295 41.38 -13.99 11.03
CA ALA B 295 41.96 -15.21 11.57
C ALA B 295 40.98 -16.01 12.43
N GLN B 296 40.25 -15.31 13.30
CA GLN B 296 39.35 -15.97 14.23
C GLN B 296 37.90 -15.50 14.12
N TYR B 297 37.40 -15.38 12.89
CA TYR B 297 35.98 -15.13 12.66
C TYR B 297 35.23 -16.42 12.90
N GLU B 298 35.77 -17.50 12.34
CA GLU B 298 35.22 -18.84 12.45
C GLU B 298 35.37 -19.44 13.85
N ALA B 299 36.47 -19.09 14.53
CA ALA B 299 36.83 -19.70 15.80
C ALA B 299 35.69 -19.64 16.82
N ARG B 300 35.39 -20.82 17.37
CA ARG B 300 34.28 -20.97 18.31
C ARG B 300 34.63 -20.57 19.75
N PRO B 301 35.90 -20.72 20.18
CA PRO B 301 36.08 -20.09 21.49
C PRO B 301 36.60 -18.68 21.31
N ALA B 302 35.77 -17.82 20.74
CA ALA B 302 36.15 -16.47 20.32
C ALA B 302 36.81 -15.65 21.44
N ILE B 303 38.10 -15.37 21.26
CA ILE B 303 38.82 -14.54 22.21
C ILE B 303 38.43 -13.07 22.00
N PRO B 304 38.29 -12.32 23.10
CA PRO B 304 37.90 -10.91 23.01
C PRO B 304 39.05 -9.99 22.59
N GLN B 309 38.68 0.68 20.68
CA GLN B 309 37.81 0.84 19.53
C GLN B 309 38.14 2.12 18.77
N GLU B 310 38.32 1.99 17.45
CA GLU B 310 38.67 3.14 16.62
C GLU B 310 38.22 2.95 15.17
N ALA B 311 38.43 1.75 14.64
CA ALA B 311 38.19 1.48 13.23
C ALA B 311 36.91 0.66 13.00
N LEU B 312 36.54 -0.15 13.99
CA LEU B 312 35.38 -1.01 13.86
C LEU B 312 34.17 -0.47 14.61
N THR B 313 33.13 -0.08 13.87
CA THR B 313 31.95 0.53 14.46
C THR B 313 30.68 -0.22 14.10
N VAL B 314 29.88 -0.55 15.11
CA VAL B 314 28.58 -1.18 14.89
C VAL B 314 27.48 -0.13 15.08
N MET B 315 26.72 0.11 14.02
CA MET B 315 25.74 1.19 14.05
C MET B 315 24.30 0.68 14.01
N GLN B 316 23.43 1.34 14.79
CA GLN B 316 22.02 1.02 14.80
C GLN B 316 21.19 2.23 14.38
N ALA B 317 20.40 2.06 13.33
CA ALA B 317 19.58 3.15 12.82
C ALA B 317 18.08 2.89 13.02
N ALA B 318 17.31 3.97 13.13
CA ALA B 318 15.87 3.87 13.30
C ALA B 318 15.21 3.25 12.08
N ASN B 319 15.82 3.46 10.91
CA ASN B 319 15.33 2.91 9.65
C ASN B 319 16.41 2.96 8.58
N ARG B 320 16.04 2.60 7.35
CA ARG B 320 17.00 2.61 6.24
C ARG B 320 17.29 4.04 5.79
N ARG B 321 16.32 4.91 5.96
CA ARG B 321 16.49 6.33 5.64
C ARG B 321 17.53 6.95 6.55
N ALA B 322 17.36 6.79 7.85
CA ALA B 322 18.31 7.30 8.83
C ALA B 322 19.66 6.61 8.69
N GLU B 323 19.64 5.35 8.25
CA GLU B 323 20.87 4.60 8.05
C GLU B 323 21.72 5.21 6.95
N LEU B 324 21.09 5.47 5.81
CA LEU B 324 21.78 6.07 4.67
C LEU B 324 22.17 7.52 4.94
N GLU B 325 21.29 8.25 5.61
CA GLU B 325 21.57 9.65 5.95
C GLU B 325 22.68 9.74 6.99
N GLY B 326 22.87 8.67 7.74
CA GLY B 326 23.94 8.60 8.73
C GLY B 326 25.25 8.22 8.06
N ILE B 327 25.19 7.24 7.17
CA ILE B 327 26.35 6.80 6.42
C ILE B 327 26.89 7.92 5.55
N ALA B 328 25.99 8.77 5.05
CA ALA B 328 26.38 9.94 4.28
C ALA B 328 27.25 10.86 5.12
N ARG B 329 26.86 11.07 6.38
CA ARG B 329 27.60 11.94 7.29
C ARG B 329 28.97 11.36 7.63
N GLU B 330 29.01 10.04 7.81
CA GLU B 330 30.27 9.35 8.10
C GLU B 330 31.25 9.47 6.94
N ILE B 331 30.76 9.23 5.73
CA ILE B 331 31.58 9.37 4.54
C ILE B 331 32.05 10.81 4.39
N HIS B 332 31.16 11.75 4.66
CA HIS B 332 31.49 13.17 4.57
C HIS B 332 32.61 13.52 5.53
N ALA B 333 32.50 13.03 6.76
CA ALA B 333 33.53 13.27 7.76
C ALA B 333 34.85 12.60 7.36
N LEU B 334 34.75 11.44 6.73
CA LEU B 334 35.93 10.66 6.33
C LEU B 334 36.76 11.37 5.27
N VAL B 335 36.10 12.10 4.37
CA VAL B 335 36.79 12.82 3.32
C VAL B 335 37.10 14.26 3.73
N ARG B 336 36.39 14.73 4.76
CA ARG B 336 36.58 16.10 5.22
C ARG B 336 37.72 16.19 6.22
N GLU B 337 37.66 15.36 7.26
CA GLU B 337 38.68 15.38 8.31
C GLU B 337 39.74 14.31 8.10
N LYS B 338 39.31 13.06 7.96
CA LYS B 338 40.23 11.93 7.91
C LYS B 338 40.99 11.82 6.59
N GLY B 339 40.77 12.78 5.70
CA GLY B 339 41.52 12.87 4.46
C GLY B 339 41.36 11.67 3.54
N TYR B 340 40.16 11.10 3.51
CA TYR B 340 39.86 10.01 2.58
C TYR B 340 39.30 10.57 1.28
N ARG B 341 39.22 9.71 0.28
CA ARG B 341 38.56 10.06 -0.97
C ARG B 341 37.37 9.14 -1.19
N TYR B 342 36.46 9.55 -2.07
CA TYR B 342 35.26 8.78 -2.34
C TYR B 342 35.58 7.43 -2.98
N LYS B 343 36.69 7.38 -3.71
CA LYS B 343 37.10 6.14 -4.37
C LYS B 343 37.53 5.07 -3.35
N ASP B 344 37.75 5.50 -2.11
CA ASP B 344 38.19 4.58 -1.07
C ASP B 344 37.01 3.88 -0.40
N VAL B 345 35.88 4.56 -0.33
CA VAL B 345 34.72 4.08 0.40
C VAL B 345 33.94 3.04 -0.41
N ALA B 346 33.53 1.97 0.26
CA ALA B 346 32.66 0.97 -0.35
C ALA B 346 31.41 0.76 0.50
N ILE B 347 30.30 0.45 -0.16
CA ILE B 347 29.03 0.23 0.52
C ILE B 347 28.40 -1.06 0.00
N LEU B 348 28.30 -2.05 0.87
CA LEU B 348 27.78 -3.37 0.48
C LEU B 348 26.46 -3.71 1.15
N ALA B 349 25.59 -4.37 0.40
CA ALA B 349 24.28 -4.77 0.91
C ALA B 349 23.91 -6.16 0.40
N ARG B 350 23.41 -7.01 1.29
CA ARG B 350 23.00 -8.36 0.92
C ARG B 350 21.81 -8.32 -0.02
N GLN B 351 20.92 -7.36 0.20
CA GLN B 351 19.74 -7.18 -0.65
C GLN B 351 19.67 -5.73 -1.13
N PRO B 352 20.36 -5.43 -2.23
CA PRO B 352 20.52 -4.07 -2.76
C PRO B 352 19.19 -3.38 -3.06
N GLU B 353 18.16 -4.15 -3.38
CA GLU B 353 16.86 -3.60 -3.73
C GLU B 353 16.21 -2.84 -2.59
N ASP B 354 16.69 -3.06 -1.37
CA ASP B 354 16.12 -2.42 -0.20
C ASP B 354 16.67 -1.02 0.01
N TYR B 355 17.70 -0.65 -0.75
CA TYR B 355 18.40 0.61 -0.52
C TYR B 355 18.64 1.44 -1.77
N LYS B 356 18.68 0.77 -2.92
CA LYS B 356 19.05 1.39 -4.20
C LYS B 356 18.36 2.73 -4.47
N ASP B 357 17.03 2.70 -4.53
CA ASP B 357 16.25 3.89 -4.88
C ASP B 357 16.41 5.00 -3.86
N MET B 358 16.76 4.64 -2.63
CA MET B 358 16.97 5.64 -1.59
C MET B 358 18.44 6.06 -1.54
N VAL B 359 19.34 5.14 -1.87
CA VAL B 359 20.76 5.47 -1.97
C VAL B 359 20.93 6.60 -2.97
N LYS B 360 20.23 6.48 -4.10
CA LYS B 360 20.29 7.49 -5.15
C LYS B 360 19.91 8.87 -4.66
N GLU B 361 18.75 8.98 -4.02
CA GLU B 361 18.21 10.27 -3.60
C GLU B 361 18.98 10.87 -2.45
N VAL B 362 19.42 10.02 -1.52
CA VAL B 362 20.13 10.49 -0.34
C VAL B 362 21.52 11.02 -0.70
N PHE B 363 22.24 10.26 -1.53
CA PHE B 363 23.57 10.67 -1.96
C PHE B 363 23.54 11.87 -2.88
N ALA B 364 22.48 11.97 -3.68
CA ALA B 364 22.29 13.13 -4.55
C ALA B 364 22.03 14.36 -3.69
N ASP B 365 21.33 14.15 -2.58
CA ASP B 365 20.99 15.25 -1.68
C ASP B 365 22.17 15.60 -0.80
N TYR B 366 23.04 14.62 -0.55
CA TYR B 366 24.23 14.84 0.27
C TYR B 366 25.48 15.01 -0.57
N GLU B 367 25.29 15.21 -1.87
CA GLU B 367 26.38 15.46 -2.81
C GLU B 367 27.49 14.43 -2.76
N ILE B 368 27.11 13.16 -2.77
CA ILE B 368 28.09 12.08 -2.77
C ILE B 368 28.04 11.31 -4.08
N PRO B 369 29.12 11.37 -4.88
CA PRO B 369 29.16 10.61 -6.13
C PRO B 369 29.25 9.12 -5.86
N TYR B 370 28.47 8.32 -6.61
CA TYR B 370 28.39 6.89 -6.36
C TYR B 370 28.36 6.08 -7.66
N PHE B 371 28.74 4.81 -7.54
CA PHE B 371 28.63 3.87 -8.65
C PHE B 371 27.84 2.63 -8.22
N ILE B 372 26.61 2.50 -8.73
CA ILE B 372 25.76 1.36 -8.41
C ILE B 372 25.99 0.21 -9.39
N ASP B 373 26.44 -0.92 -8.87
CA ASP B 373 26.65 -2.11 -9.71
C ASP B 373 25.32 -2.78 -10.00
N GLY B 374 24.49 -2.10 -10.79
CA GLY B 374 23.19 -2.58 -11.16
C GLY B 374 22.69 -1.88 -12.39
N LYS B 375 21.83 -2.55 -13.16
CA LYS B 375 21.30 -1.98 -14.38
C LYS B 375 19.88 -1.46 -14.18
N ALA B 376 19.66 -0.21 -14.55
CA ALA B 376 18.34 0.43 -14.38
C ALA B 376 17.31 -0.17 -15.32
N SER B 377 16.03 -0.01 -14.97
CA SER B 377 14.94 -0.53 -15.78
C SER B 377 14.41 0.53 -16.75
N MET B 378 13.86 0.07 -17.86
CA MET B 378 13.33 0.98 -18.88
C MET B 378 11.85 1.26 -18.71
N LEU B 379 11.25 0.66 -17.67
CA LEU B 379 9.80 0.70 -17.47
C LEU B 379 9.25 2.10 -17.23
N ASN B 380 10.14 3.07 -17.08
CA ASN B 380 9.72 4.46 -16.90
C ASN B 380 9.96 5.29 -18.14
N HIS B 381 10.66 4.71 -19.12
CA HIS B 381 10.99 5.44 -20.34
C HIS B 381 9.73 5.66 -21.18
N PRO B 382 9.53 6.89 -21.65
CA PRO B 382 8.38 7.29 -22.47
C PRO B 382 8.10 6.36 -23.65
N LEU B 383 9.15 5.76 -24.21
CA LEU B 383 8.99 4.87 -25.36
C LEU B 383 8.29 3.57 -25.01
N ILE B 384 8.74 2.95 -23.92
CA ILE B 384 8.17 1.67 -23.49
C ILE B 384 6.73 1.87 -23.03
N GLU B 385 6.51 2.92 -22.24
CA GLU B 385 5.17 3.23 -21.77
C GLU B 385 4.24 3.50 -22.95
N PHE B 386 4.76 4.20 -23.94
CA PHE B 386 4.03 4.50 -25.17
C PHE B 386 3.54 3.23 -25.84
N ILE B 387 4.43 2.25 -25.95
CA ILE B 387 4.09 0.97 -26.59
C ILE B 387 3.09 0.19 -25.79
N ARG B 388 3.37 0.03 -24.49
CA ARG B 388 2.52 -0.78 -23.62
C ARG B 388 1.11 -0.22 -23.52
N SER B 389 1.01 1.07 -23.19
CA SER B 389 -0.29 1.70 -23.03
C SER B 389 -1.04 1.76 -24.35
N SER B 390 -0.31 1.73 -25.46
CA SER B 390 -0.93 1.66 -26.78
C SER B 390 -1.65 0.34 -26.95
N LEU B 391 -0.96 -0.74 -26.58
CA LEU B 391 -1.54 -2.08 -26.65
C LEU B 391 -2.67 -2.23 -25.65
N ASP B 392 -2.65 -1.41 -24.61
CA ASP B 392 -3.74 -1.39 -23.64
C ASP B 392 -4.95 -0.67 -24.22
N VAL B 393 -4.71 0.31 -25.07
CA VAL B 393 -5.78 0.99 -25.77
C VAL B 393 -6.50 0.02 -26.70
N LEU B 394 -5.71 -0.79 -27.40
CA LEU B 394 -6.23 -1.76 -28.35
C LEU B 394 -6.94 -2.93 -27.66
N LYS B 395 -6.39 -3.36 -26.53
CA LYS B 395 -6.95 -4.49 -25.81
C LYS B 395 -8.21 -4.12 -25.02
N GLY B 396 -8.16 -2.99 -24.33
CA GLY B 396 -9.25 -2.58 -23.49
C GLY B 396 -10.33 -1.80 -24.22
N ASN B 397 -10.21 -1.74 -25.54
CA ASN B 397 -11.13 -0.97 -26.38
C ASN B 397 -11.20 0.49 -25.94
N TRP B 398 -10.08 1.18 -26.04
CA TRP B 398 -10.00 2.62 -25.84
C TRP B 398 -10.55 3.09 -24.49
N ARG B 399 -10.04 2.51 -23.41
CA ARG B 399 -10.40 2.98 -22.08
C ARG B 399 -9.75 4.32 -21.80
N TYR B 400 -10.37 5.11 -20.93
CA TYR B 400 -9.85 6.43 -20.56
C TYR B 400 -8.41 6.38 -20.06
N GLU B 401 -8.14 5.42 -19.18
CA GLU B 401 -6.82 5.30 -18.57
C GLU B 401 -5.74 4.96 -19.59
N ALA B 402 -6.01 3.97 -20.43
CA ALA B 402 -5.04 3.54 -21.43
C ALA B 402 -4.78 4.62 -22.49
N VAL B 403 -5.83 5.34 -22.85
CA VAL B 403 -5.72 6.34 -23.91
C VAL B 403 -4.81 7.49 -23.52
N PHE B 404 -5.04 8.03 -22.33
CA PHE B 404 -4.29 9.19 -21.85
C PHE B 404 -2.95 8.81 -21.23
N ARG B 405 -2.77 7.53 -20.93
CA ARG B 405 -1.44 7.04 -20.60
C ARG B 405 -0.64 7.08 -21.89
N CYS B 406 -1.29 6.69 -22.98
CA CYS B 406 -0.68 6.68 -24.30
C CYS B 406 -0.33 8.08 -24.77
N VAL B 407 -1.18 9.04 -24.41
CA VAL B 407 -1.02 10.42 -24.88
C VAL B 407 0.00 11.20 -24.06
N LYS B 408 -0.01 11.00 -22.74
CA LYS B 408 0.85 11.76 -21.84
C LYS B 408 2.34 11.41 -21.96
N THR B 409 2.65 10.38 -22.73
CA THR B 409 4.05 10.06 -23.02
C THR B 409 4.59 11.01 -24.10
N GLU B 410 3.69 11.86 -24.60
CA GLU B 410 4.03 12.93 -25.54
C GLU B 410 4.58 12.46 -26.88
N LEU B 411 4.67 11.15 -27.08
CA LEU B 411 5.19 10.63 -28.34
C LEU B 411 4.13 10.73 -29.45
N LEU B 412 2.90 11.07 -29.06
CA LEU B 412 1.81 11.25 -30.01
C LEU B 412 1.68 12.71 -30.40
N PHE B 413 2.41 13.58 -29.71
CA PHE B 413 2.30 15.01 -29.91
C PHE B 413 2.63 15.41 -31.34
N PRO B 414 1.97 16.46 -31.84
CA PRO B 414 2.23 16.98 -33.20
C PRO B 414 3.68 17.40 -33.36
N LEU B 415 4.26 17.10 -34.52
CA LEU B 415 5.68 17.35 -34.74
C LEU B 415 5.99 18.84 -34.79
N ASN B 416 7.05 19.24 -34.10
CA ASN B 416 7.49 20.63 -34.06
C ASN B 416 6.39 21.58 -33.60
N GLU B 417 5.69 21.19 -32.55
CA GLU B 417 4.70 22.05 -31.91
C GLU B 417 5.08 22.26 -30.46
N PRO B 418 4.75 23.44 -29.90
CA PRO B 418 5.11 23.76 -28.52
C PRO B 418 4.54 22.75 -27.52
N LYS B 419 5.43 21.99 -26.86
CA LYS B 419 5.03 20.98 -25.89
C LYS B 419 4.14 21.55 -24.80
N ALA B 420 4.44 22.78 -24.38
CA ALA B 420 3.68 23.42 -23.31
C ALA B 420 2.27 23.77 -23.77
N LYS B 421 2.10 23.97 -25.07
CA LYS B 421 0.79 24.30 -25.62
C LYS B 421 -0.02 23.03 -25.87
N VAL B 422 0.62 22.03 -26.45
CA VAL B 422 -0.02 20.74 -26.72
C VAL B 422 -0.52 20.11 -25.44
N ARG B 423 0.30 20.17 -24.39
CA ARG B 423 -0.05 19.63 -23.08
C ARG B 423 -1.30 20.30 -22.51
N GLU B 424 -1.36 21.62 -22.61
CA GLU B 424 -2.48 22.38 -22.09
C GLU B 424 -3.77 22.08 -22.86
N GLN B 425 -3.62 21.62 -24.10
CA GLN B 425 -4.76 21.21 -24.90
C GLN B 425 -5.24 19.82 -24.49
N VAL B 426 -4.28 18.90 -24.35
CA VAL B 426 -4.57 17.53 -23.96
C VAL B 426 -5.27 17.50 -22.61
N ASP B 427 -4.84 18.38 -21.72
CA ASP B 427 -5.41 18.46 -20.37
C ASP B 427 -6.90 18.77 -20.39
N GLN B 428 -7.29 19.77 -21.16
CA GLN B 428 -8.68 20.18 -21.23
C GLN B 428 -9.51 19.14 -21.97
N LEU B 429 -8.85 18.37 -22.82
CA LEU B 429 -9.48 17.26 -23.49
C LEU B 429 -9.71 16.14 -22.49
N GLU B 430 -8.75 15.99 -21.58
CA GLU B 430 -8.83 14.98 -20.53
C GLU B 430 -10.02 15.27 -19.62
N ASN B 431 -10.10 16.50 -19.12
CA ASN B 431 -11.20 16.92 -18.26
C ASN B 431 -12.55 16.72 -18.92
N TYR B 432 -12.57 16.94 -20.24
CA TYR B 432 -13.78 16.78 -21.04
C TYR B 432 -14.15 15.30 -21.13
N CYS B 433 -13.17 14.47 -21.43
CA CYS B 433 -13.36 13.02 -21.51
C CYS B 433 -13.87 12.45 -20.19
N ILE B 434 -13.41 13.04 -19.09
CA ILE B 434 -13.81 12.60 -17.77
C ILE B 434 -15.27 12.97 -17.48
N ALA B 435 -15.63 14.19 -17.83
CA ALA B 435 -16.96 14.72 -17.54
C ALA B 435 -18.03 14.10 -18.43
N TYR B 436 -17.61 13.61 -19.59
CA TYR B 436 -18.53 13.10 -20.59
C TYR B 436 -18.43 11.59 -20.77
N GLY B 437 -17.57 10.96 -19.99
CA GLY B 437 -17.39 9.52 -20.02
C GLY B 437 -17.06 8.96 -21.39
N ILE B 438 -16.18 9.63 -22.12
CA ILE B 438 -15.80 9.19 -23.47
C ILE B 438 -14.92 7.95 -23.44
N LYS B 439 -15.36 6.91 -24.15
CA LYS B 439 -14.62 5.66 -24.21
C LYS B 439 -15.02 4.84 -25.42
N GLY B 440 -14.19 3.85 -25.76
CA GLY B 440 -14.48 2.92 -26.83
C GLY B 440 -14.69 3.54 -28.20
N ASP B 441 -15.73 3.08 -28.90
CA ASP B 441 -15.99 3.48 -30.28
C ASP B 441 -16.31 4.96 -30.44
N ARG B 442 -16.56 5.63 -29.31
CA ARG B 442 -16.85 7.05 -29.33
C ARG B 442 -15.64 7.84 -29.83
N TRP B 443 -14.46 7.30 -29.56
CA TRP B 443 -13.21 7.86 -30.06
C TRP B 443 -13.11 7.69 -31.57
N THR B 444 -13.56 6.54 -32.07
CA THR B 444 -13.43 6.20 -33.48
C THR B 444 -14.68 6.55 -34.29
N LYS B 445 -15.67 7.16 -33.65
CA LYS B 445 -16.86 7.61 -34.36
C LYS B 445 -16.55 8.87 -35.16
N GLY B 446 -17.39 9.19 -36.13
CA GLY B 446 -17.19 10.36 -36.95
C GLY B 446 -17.73 11.61 -36.30
N ASP B 447 -18.62 11.42 -35.33
CA ASP B 447 -19.26 12.54 -34.63
C ASP B 447 -18.28 13.42 -33.89
N ARG B 448 -18.42 14.74 -34.07
CA ARG B 448 -17.61 15.70 -33.33
C ARG B 448 -17.98 15.67 -31.85
N PHE B 449 -16.98 15.87 -30.99
CA PHE B 449 -17.23 16.01 -29.57
C PHE B 449 -17.94 17.35 -29.33
N GLN B 450 -19.23 17.29 -29.03
CA GLN B 450 -19.99 18.51 -28.79
C GLN B 450 -19.77 19.02 -27.37
N TYR B 451 -19.60 20.33 -27.24
CA TYR B 451 -19.34 20.94 -25.94
C TYR B 451 -20.29 22.10 -25.66
N ARG B 452 -20.78 22.14 -24.43
CA ARG B 452 -21.61 23.25 -23.97
C ARG B 452 -21.36 23.44 -22.48
N ARG B 453 -20.88 24.62 -22.10
CA ARG B 453 -20.41 24.87 -20.74
C ARG B 453 -21.48 24.67 -19.67
N PHE B 454 -22.73 25.00 -20.02
CA PHE B 454 -23.82 24.94 -19.05
C PHE B 454 -25.16 24.62 -19.72
N VAL B 455 -25.77 23.52 -19.30
CA VAL B 455 -27.06 23.10 -19.83
C VAL B 455 -28.03 22.79 -18.70
N SER B 456 -29.24 23.36 -18.77
CA SER B 456 -30.31 23.03 -17.84
C SER B 456 -31.44 22.33 -18.58
N LEU B 457 -32.05 21.34 -17.94
CA LEU B 457 -33.07 20.53 -18.61
C LEU B 457 -34.43 21.21 -18.65
N ASP B 458 -34.48 22.47 -18.21
CA ASP B 458 -35.71 23.25 -18.25
C ASP B 458 -35.74 24.18 -19.46
N ASP B 459 -34.65 24.17 -20.23
CA ASP B 459 -34.53 25.01 -21.41
C ASP B 459 -33.42 24.53 -22.34
N ASP B 460 -33.22 25.25 -23.44
CA ASP B 460 -32.17 24.92 -24.39
C ASP B 460 -31.74 26.16 -25.18
N PHE B 461 -30.43 26.42 -25.18
CA PHE B 461 -29.90 27.61 -25.82
C PHE B 461 -29.18 27.29 -27.13
N ALA B 462 -28.35 28.23 -27.56
CA ALA B 462 -27.45 28.02 -28.68
C ALA B 462 -26.01 28.21 -28.21
N GLN B 463 -25.06 27.58 -28.89
CA GLN B 463 -23.66 27.64 -28.47
C GLN B 463 -23.08 29.03 -28.53
N THR B 464 -22.45 29.45 -27.43
CA THR B 464 -21.72 30.71 -27.39
C THR B 464 -20.47 30.58 -28.24
N ASP B 465 -19.98 31.69 -28.79
CA ASP B 465 -18.76 31.69 -29.59
C ASP B 465 -17.59 31.06 -28.84
N GLN B 466 -17.55 31.29 -27.52
CA GLN B 466 -16.55 30.68 -26.67
C GLN B 466 -16.63 29.16 -26.72
N GLU B 467 -17.85 28.63 -26.58
CA GLU B 467 -18.07 27.20 -26.59
C GLU B 467 -17.71 26.58 -27.94
N ILE B 468 -17.88 27.34 -29.01
CA ILE B 468 -17.51 26.89 -30.35
C ILE B 468 -15.99 26.82 -30.46
N GLU B 469 -15.33 27.84 -29.90
CA GLU B 469 -13.87 27.90 -29.88
C GLU B 469 -13.29 26.73 -29.10
N MET B 470 -13.86 26.47 -27.92
CA MET B 470 -13.45 25.36 -27.08
C MET B 470 -13.68 24.02 -27.76
N GLU B 471 -14.88 23.84 -28.28
CA GLU B 471 -15.26 22.61 -28.98
C GLU B 471 -14.33 22.33 -30.16
N ASN B 472 -13.98 23.39 -30.90
CA ASN B 472 -13.05 23.25 -32.01
C ASN B 472 -11.69 22.76 -31.56
N MET B 473 -11.20 23.34 -30.47
CA MET B 473 -9.92 22.95 -29.89
C MET B 473 -9.93 21.49 -29.45
N LEU B 474 -11.02 21.10 -28.80
CA LEU B 474 -11.18 19.72 -28.35
C LEU B 474 -11.16 18.77 -29.54
N ASN B 475 -11.91 19.10 -30.58
CA ASN B 475 -12.01 18.22 -31.73
C ASN B 475 -10.72 18.17 -32.53
N ASP B 476 -9.96 19.26 -32.50
CA ASP B 476 -8.63 19.28 -33.10
C ASP B 476 -7.70 18.33 -32.38
N THR B 477 -7.75 18.39 -31.04
CA THR B 477 -6.91 17.53 -30.20
C THR B 477 -7.23 16.07 -30.45
N ARG B 478 -8.52 15.76 -30.50
CA ARG B 478 -8.96 14.40 -30.80
C ARG B 478 -8.49 13.97 -32.18
N ASP B 479 -8.56 14.90 -33.13
CA ASP B 479 -8.27 14.59 -34.53
C ASP B 479 -6.80 14.28 -34.82
N TRP B 480 -5.89 14.65 -33.91
CA TRP B 480 -4.48 14.29 -34.09
C TRP B 480 -4.06 13.15 -33.18
N ILE B 481 -4.89 12.86 -32.18
CA ILE B 481 -4.62 11.77 -31.26
C ILE B 481 -5.09 10.43 -31.82
N VAL B 482 -6.32 10.42 -32.33
CA VAL B 482 -6.99 9.20 -32.79
C VAL B 482 -6.36 8.48 -33.99
N PRO B 483 -6.09 9.20 -35.10
CA PRO B 483 -5.68 8.50 -36.33
C PRO B 483 -4.50 7.52 -36.18
N PRO B 484 -3.38 7.93 -35.55
CA PRO B 484 -2.30 6.93 -35.53
C PRO B 484 -2.67 5.74 -34.67
N LEU B 485 -3.43 5.99 -33.60
CA LEU B 485 -3.86 4.95 -32.69
C LEU B 485 -4.96 4.10 -33.32
N PHE B 486 -5.77 4.72 -34.18
CA PHE B 486 -6.83 4.02 -34.89
C PHE B 486 -6.25 3.05 -35.92
N GLN B 487 -5.41 3.58 -36.81
CA GLN B 487 -4.77 2.77 -37.85
C GLN B 487 -4.02 1.58 -37.25
N LEU B 488 -3.48 1.76 -36.06
CA LEU B 488 -2.81 0.68 -35.34
C LEU B 488 -3.80 -0.45 -35.04
N GLN B 489 -5.02 -0.09 -34.70
CA GLN B 489 -6.04 -1.09 -34.39
C GLN B 489 -6.52 -1.78 -35.67
N LYS B 490 -6.53 -1.03 -36.77
CA LYS B 490 -6.89 -1.58 -38.08
C LYS B 490 -5.98 -2.75 -38.45
N ARG B 491 -4.68 -2.48 -38.57
CA ARG B 491 -3.70 -3.48 -38.95
C ARG B 491 -3.65 -4.64 -37.96
N MET B 492 -3.82 -4.32 -36.67
CA MET B 492 -3.64 -5.31 -35.62
C MET B 492 -4.73 -6.38 -35.67
N LYS B 493 -5.96 -5.98 -35.96
CA LYS B 493 -7.05 -6.94 -36.10
C LYS B 493 -6.79 -7.83 -37.31
N LYS B 494 -6.32 -7.21 -38.40
CA LYS B 494 -6.14 -7.90 -39.66
C LYS B 494 -4.90 -8.79 -39.66
N ALA B 495 -3.86 -8.38 -38.93
CA ALA B 495 -2.64 -9.16 -38.85
C ALA B 495 -2.86 -10.44 -38.06
N LYS B 496 -2.42 -11.56 -38.62
CA LYS B 496 -2.63 -12.86 -38.01
C LYS B 496 -1.37 -13.41 -37.35
N THR B 497 -0.28 -13.46 -38.12
CA THR B 497 0.98 -13.96 -37.59
C THR B 497 1.70 -12.90 -36.76
N VAL B 498 2.77 -13.29 -36.10
CA VAL B 498 3.53 -12.40 -35.23
C VAL B 498 4.27 -11.32 -36.01
N GLN B 499 4.86 -11.71 -37.13
CA GLN B 499 5.69 -10.79 -37.90
C GLN B 499 4.95 -9.55 -38.36
N GLU B 500 3.73 -9.75 -38.86
CA GLU B 500 2.93 -8.64 -39.37
C GLU B 500 2.33 -7.81 -38.24
N LYS B 501 2.23 -8.40 -37.06
CA LYS B 501 1.79 -7.66 -35.88
C LYS B 501 2.91 -6.76 -35.39
N ALA B 502 4.12 -7.30 -35.35
CA ALA B 502 5.30 -6.52 -35.00
C ALA B 502 5.56 -5.46 -36.05
N GLU B 503 5.24 -5.78 -37.30
CA GLU B 503 5.37 -4.85 -38.40
C GLU B 503 4.37 -3.70 -38.25
N ALA B 504 3.18 -4.03 -37.79
CA ALA B 504 2.12 -3.03 -37.59
C ALA B 504 2.47 -2.12 -36.42
N LEU B 505 3.11 -2.70 -35.40
CA LEU B 505 3.55 -1.96 -34.23
C LEU B 505 4.68 -1.00 -34.61
N TYR B 506 5.64 -1.49 -35.38
CA TYR B 506 6.78 -0.68 -35.78
C TYR B 506 6.35 0.43 -36.73
N ARG B 507 5.40 0.13 -37.60
CA ARG B 507 4.84 1.15 -38.49
C ARG B 507 4.17 2.23 -37.67
N TYR B 508 3.54 1.83 -36.57
CA TYR B 508 2.90 2.75 -35.64
C TYR B 508 3.92 3.66 -34.99
N LEU B 509 5.12 3.13 -34.81
CA LEU B 509 6.23 3.89 -34.22
C LEU B 509 6.81 4.87 -35.23
N GLU B 510 6.93 4.44 -36.48
CA GLU B 510 7.56 5.26 -37.49
C GLU B 510 6.62 6.34 -38.03
N GLU B 511 5.34 6.03 -38.12
CA GLU B 511 4.37 6.99 -38.63
C GLU B 511 4.26 8.19 -37.69
N THR B 512 4.41 7.93 -36.40
CA THR B 512 4.31 8.98 -35.39
C THR B 512 5.62 9.73 -35.20
N ASP B 513 6.61 9.42 -36.05
CA ASP B 513 7.92 10.05 -36.01
C ASP B 513 8.57 9.94 -34.63
N VAL B 514 8.43 8.78 -34.01
CA VAL B 514 9.05 8.52 -32.71
C VAL B 514 10.57 8.70 -32.70
N PRO B 515 11.29 8.17 -33.71
CA PRO B 515 12.74 8.36 -33.66
C PRO B 515 13.16 9.83 -33.64
N LEU B 516 12.45 10.67 -34.38
CA LEU B 516 12.79 12.08 -34.44
C LEU B 516 12.53 12.76 -33.10
N LYS B 517 11.44 12.38 -32.45
CA LYS B 517 11.06 12.97 -31.17
C LYS B 517 11.98 12.52 -30.04
N LEU B 518 12.50 11.31 -30.16
CA LEU B 518 13.48 10.81 -29.21
C LEU B 518 14.81 11.54 -29.44
N ASP B 519 15.10 11.84 -30.69
CA ASP B 519 16.33 12.53 -31.04
C ASP B 519 16.29 13.96 -30.54
N GLN B 520 15.12 14.60 -30.66
CA GLN B 520 14.95 15.95 -30.15
C GLN B 520 15.09 15.97 -28.63
N GLU B 521 14.60 14.91 -27.99
CA GLU B 521 14.59 14.83 -26.55
C GLU B 521 16.00 14.66 -26.00
N ARG B 522 16.79 13.82 -26.66
CA ARG B 522 18.16 13.57 -26.21
C ARG B 522 19.04 14.78 -26.49
N GLN B 523 18.64 15.57 -27.48
CA GLN B 523 19.38 16.79 -27.81
C GLN B 523 19.12 17.83 -26.73
N ARG B 524 17.86 17.90 -26.29
CA ARG B 524 17.49 18.77 -25.18
C ARG B 524 18.21 18.35 -23.90
N ALA B 525 18.31 17.04 -23.70
CA ALA B 525 18.98 16.48 -22.53
C ALA B 525 20.46 16.85 -22.54
N GLU B 526 21.10 16.74 -23.70
CA GLU B 526 22.49 17.13 -23.86
C GLU B 526 22.67 18.62 -23.59
N ASP B 527 21.69 19.40 -24.04
CA ASP B 527 21.74 20.86 -23.92
C ASP B 527 21.66 21.31 -22.47
N ASP B 528 20.91 20.58 -21.66
CA ASP B 528 20.78 20.90 -20.25
C ASP B 528 21.92 20.28 -19.45
N GLY B 529 22.65 19.36 -20.09
CA GLY B 529 23.79 18.73 -19.47
C GLY B 529 23.53 17.30 -19.02
N ARG B 530 22.29 16.86 -19.15
CA ARG B 530 21.92 15.49 -18.78
C ARG B 530 22.27 14.51 -19.88
N ILE B 531 23.56 14.26 -20.06
CA ILE B 531 24.03 13.41 -21.15
C ILE B 531 23.73 11.93 -20.94
N ILE B 532 23.71 11.51 -19.68
CA ILE B 532 23.42 10.12 -19.38
C ILE B 532 21.96 9.83 -19.67
N GLU B 533 21.11 10.81 -19.38
CA GLU B 533 19.70 10.71 -19.67
C GLU B 533 19.46 10.71 -21.18
N ALA B 534 20.35 11.38 -21.90
CA ALA B 534 20.23 11.50 -23.35
C ALA B 534 20.56 10.21 -24.06
N GLN B 535 21.46 9.43 -23.47
CA GLN B 535 21.92 8.21 -24.10
C GLN B 535 20.84 7.13 -24.04
N GLN B 536 20.04 7.16 -22.98
CA GLN B 536 19.09 6.09 -22.73
C GLN B 536 17.92 6.11 -23.72
N HIS B 537 17.76 7.21 -24.45
CA HIS B 537 16.73 7.26 -25.49
C HIS B 537 17.08 6.31 -26.62
N GLN B 538 18.27 6.49 -27.17
CA GLN B 538 18.77 5.64 -28.25
C GLN B 538 18.88 4.19 -27.78
N GLN B 539 19.15 4.01 -26.50
CA GLN B 539 19.25 2.69 -25.90
C GLN B 539 17.88 2.02 -25.89
N ALA B 540 16.86 2.83 -25.59
CA ALA B 540 15.50 2.35 -25.50
C ALA B 540 14.98 1.90 -26.88
N TRP B 541 15.27 2.71 -27.90
CA TRP B 541 14.85 2.38 -29.26
C TRP B 541 15.52 1.12 -29.76
N ASP B 542 16.82 0.99 -29.52
CA ASP B 542 17.59 -0.19 -29.89
C ASP B 542 17.03 -1.43 -29.20
N ALA B 543 16.67 -1.25 -27.94
CA ALA B 543 16.12 -2.33 -27.13
C ALA B 543 14.82 -2.85 -27.73
N VAL B 544 13.92 -1.92 -28.05
CA VAL B 544 12.62 -2.25 -28.63
C VAL B 544 12.78 -2.97 -29.96
N ILE B 545 13.64 -2.42 -30.83
CA ILE B 545 13.89 -2.99 -32.14
C ILE B 545 14.48 -4.40 -32.03
N GLN B 546 15.39 -4.58 -31.09
CA GLN B 546 15.98 -5.90 -30.87
C GLN B 546 14.93 -6.89 -30.40
N LEU B 547 14.03 -6.42 -29.54
CA LEU B 547 12.97 -7.26 -29.00
C LEU B 547 12.05 -7.77 -30.12
N LEU B 548 11.66 -6.86 -31.01
CA LEU B 548 10.81 -7.20 -32.14
C LEU B 548 11.52 -8.17 -33.08
N GLU B 549 12.82 -7.94 -33.29
CA GLU B 549 13.61 -8.77 -34.17
C GLU B 549 13.68 -10.21 -33.65
N GLU B 550 13.98 -10.35 -32.38
CA GLU B 550 14.04 -11.67 -31.75
C GLU B 550 12.69 -12.37 -31.79
N PHE B 551 11.64 -11.58 -31.64
CA PHE B 551 10.27 -12.08 -31.64
C PHE B 551 9.92 -12.71 -32.99
N VAL B 552 10.20 -11.98 -34.07
CA VAL B 552 9.92 -12.46 -35.41
C VAL B 552 10.92 -13.53 -35.83
N GLU B 553 12.03 -13.61 -35.11
CA GLU B 553 13.04 -14.63 -35.40
C GLU B 553 12.57 -16.00 -34.94
N MET B 554 11.89 -16.03 -33.80
CA MET B 554 11.50 -17.28 -33.18
C MET B 554 10.09 -17.73 -33.55
N MET B 555 9.21 -16.77 -33.78
CA MET B 555 7.80 -17.07 -34.05
C MET B 555 7.21 -16.14 -35.10
N GLY B 556 8.03 -15.68 -36.03
CA GLY B 556 7.57 -14.76 -37.06
C GLY B 556 6.43 -15.26 -37.93
N ASP B 557 6.45 -16.56 -38.24
CA ASP B 557 5.46 -17.15 -39.13
C ASP B 557 4.30 -17.79 -38.37
N ASP B 558 4.42 -17.87 -37.06
CA ASP B 558 3.37 -18.45 -36.23
C ASP B 558 2.22 -17.47 -36.05
N GLU B 559 1.00 -17.95 -36.25
CA GLU B 559 -0.19 -17.12 -36.02
C GLU B 559 -0.47 -17.04 -34.52
N ILE B 560 -0.60 -15.81 -34.01
CA ILE B 560 -0.78 -15.59 -32.59
C ILE B 560 -1.90 -14.60 -32.30
N SER B 561 -2.49 -14.70 -31.11
CA SER B 561 -3.58 -13.83 -30.70
C SER B 561 -3.05 -12.49 -30.19
N LEU B 562 -3.90 -11.48 -30.18
CA LEU B 562 -3.51 -10.15 -29.72
C LEU B 562 -3.14 -10.16 -28.24
N ASP B 563 -3.83 -10.99 -27.46
CA ASP B 563 -3.57 -11.07 -26.03
C ASP B 563 -2.19 -11.65 -25.75
N LEU B 564 -1.83 -12.71 -26.50
CA LEU B 564 -0.55 -13.37 -26.30
C LEU B 564 0.60 -12.53 -26.85
N PHE B 565 0.35 -11.80 -27.93
CA PHE B 565 1.33 -10.88 -28.47
C PHE B 565 1.64 -9.80 -27.45
N GLN B 566 0.60 -9.22 -26.87
CA GLN B 566 0.74 -8.22 -25.83
C GLN B 566 1.43 -8.80 -24.59
N GLN B 567 1.11 -10.05 -24.27
CA GLN B 567 1.72 -10.72 -23.13
C GLN B 567 3.23 -10.86 -23.29
N MET B 568 3.65 -11.26 -24.48
CA MET B 568 5.07 -11.47 -24.74
C MET B 568 5.82 -10.15 -24.86
N ILE B 569 5.18 -9.17 -25.48
CA ILE B 569 5.74 -7.82 -25.56
C ILE B 569 5.93 -7.28 -24.14
N GLU B 570 4.91 -7.45 -23.31
CA GLU B 570 4.97 -7.02 -21.91
C GLU B 570 6.09 -7.75 -21.16
N ALA B 571 6.19 -9.06 -21.38
CA ALA B 571 7.20 -9.88 -20.72
C ALA B 571 8.60 -9.46 -21.10
N GLY B 572 8.80 -9.17 -22.38
CA GLY B 572 10.10 -8.75 -22.88
C GLY B 572 10.45 -7.36 -22.39
N ALA B 573 9.43 -6.50 -22.31
CA ALA B 573 9.62 -5.12 -21.86
C ALA B 573 10.03 -5.08 -20.38
N GLU B 574 9.58 -6.05 -19.61
CA GLU B 574 9.86 -6.12 -18.19
C GLU B 574 11.34 -6.46 -17.95
N SER B 575 11.95 -7.11 -18.93
CA SER B 575 13.33 -7.57 -18.80
C SER B 575 14.34 -6.53 -19.28
N LEU B 576 13.87 -5.54 -20.03
CA LEU B 576 14.75 -4.54 -20.64
C LEU B 576 15.59 -3.79 -19.60
N THR B 577 16.89 -3.65 -19.89
CA THR B 577 17.79 -2.98 -18.97
C THR B 577 18.68 -1.96 -19.69
N PHE B 578 18.87 -0.81 -19.06
CA PHE B 578 19.82 0.18 -19.55
C PHE B 578 21.24 -0.31 -19.30
N SER B 579 22.15 -0.01 -20.22
CA SER B 579 23.55 -0.41 -20.08
C SER B 579 24.15 0.24 -18.83
N LEU B 580 24.93 -0.53 -18.08
CA LEU B 580 25.50 -0.06 -16.82
C LEU B 580 26.33 1.20 -17.00
N ILE B 581 26.02 2.23 -16.23
CA ILE B 581 26.76 3.50 -16.32
C ILE B 581 28.22 3.27 -15.93
N PRO B 582 29.14 3.62 -16.84
CA PRO B 582 30.56 3.29 -16.60
C PRO B 582 31.15 3.92 -15.34
N PRO B 583 32.09 3.21 -14.69
CA PRO B 583 32.73 3.77 -13.50
C PRO B 583 33.55 5.00 -13.82
N ALA B 584 33.59 5.95 -12.89
CA ALA B 584 34.37 7.17 -13.05
C ALA B 584 35.73 7.05 -12.39
N LEU B 585 36.36 8.19 -12.17
CA LEU B 585 37.69 8.24 -11.57
C LEU B 585 37.64 8.31 -10.04
N ASP B 586 36.53 8.79 -9.50
CA ASP B 586 36.41 8.95 -8.05
C ASP B 586 34.96 8.84 -7.59
N GLN B 587 34.54 7.62 -7.25
CA GLN B 587 33.16 7.36 -6.85
C GLN B 587 33.09 6.44 -5.64
N VAL B 588 32.00 6.54 -4.89
CA VAL B 588 31.72 5.59 -3.81
C VAL B 588 31.07 4.34 -4.38
N PHE B 589 31.75 3.21 -4.24
CA PHE B 589 31.27 1.96 -4.83
C PHE B 589 30.21 1.29 -3.97
N VAL B 590 28.97 1.33 -4.44
CA VAL B 590 27.86 0.69 -3.75
C VAL B 590 27.39 -0.54 -4.54
N GLY B 591 27.47 -1.71 -3.90
CA GLY B 591 27.14 -2.96 -4.55
C GLY B 591 26.62 -4.03 -3.61
N ASN B 592 26.80 -5.29 -3.99
CA ASN B 592 26.27 -6.41 -3.22
C ASN B 592 27.35 -7.18 -2.44
N MET B 593 26.99 -8.37 -1.96
CA MET B 593 27.90 -9.21 -1.19
C MET B 593 28.09 -10.57 -1.83
N ASP B 594 27.64 -10.72 -3.07
CA ASP B 594 27.67 -12.02 -3.73
C ASP B 594 28.60 -12.04 -4.94
N LEU B 595 28.37 -11.11 -5.87
CA LEU B 595 29.15 -11.07 -7.10
C LEU B 595 30.05 -9.84 -7.20
N SER B 596 29.75 -8.83 -6.38
CA SER B 596 30.53 -7.59 -6.39
C SER B 596 31.96 -7.81 -5.94
N ARG B 597 32.91 -7.26 -6.70
CA ARG B 597 34.32 -7.38 -6.37
C ARG B 597 34.92 -6.01 -6.03
N MET B 598 35.95 -6.00 -5.19
CA MET B 598 36.58 -4.76 -4.77
C MET B 598 38.11 -4.85 -4.80
N TYR B 599 38.76 -3.70 -4.73
CA TYR B 599 40.21 -3.65 -4.67
C TYR B 599 40.68 -2.40 -3.92
N GLY B 600 41.60 -2.59 -2.98
CA GLY B 600 42.20 -1.49 -2.26
C GLY B 600 41.20 -0.64 -1.50
N THR B 601 40.14 -1.28 -1.02
CA THR B 601 39.11 -0.56 -0.28
C THR B 601 39.61 -0.14 1.08
N SER B 602 39.44 1.14 1.41
CA SER B 602 39.85 1.66 2.70
C SER B 602 38.74 1.50 3.73
N CYS B 603 37.57 2.04 3.42
CA CYS B 603 36.43 1.94 4.32
C CYS B 603 35.26 1.20 3.67
N THR B 604 34.69 0.24 4.41
CA THR B 604 33.56 -0.53 3.91
C THR B 604 32.36 -0.38 4.83
N PHE B 605 31.23 0.02 4.25
CA PHE B 605 29.97 0.10 4.97
C PHE B 605 29.12 -1.13 4.67
N VAL B 606 28.80 -1.90 5.71
CA VAL B 606 27.91 -3.04 5.58
C VAL B 606 26.50 -2.66 6.01
N LEU B 607 25.54 -2.87 5.11
CA LEU B 607 24.18 -2.40 5.33
C LEU B 607 23.20 -3.55 5.59
N GLY B 608 22.15 -3.24 6.35
CA GLY B 608 21.08 -4.19 6.61
C GLY B 608 21.52 -5.44 7.32
N ALA B 609 22.17 -5.27 8.48
CA ALA B 609 22.57 -6.42 9.29
C ALA B 609 21.39 -6.91 10.12
N ASN B 610 20.32 -7.32 9.44
CA ASN B 610 19.10 -7.77 10.10
C ASN B 610 18.92 -9.27 10.00
N ASP B 611 18.03 -9.81 10.84
CA ASP B 611 17.74 -11.24 10.82
C ASP B 611 16.86 -11.57 9.62
N GLY B 612 17.24 -12.60 8.88
CA GLY B 612 16.52 -12.99 7.68
C GLY B 612 17.11 -12.33 6.45
N VAL B 613 17.81 -11.22 6.68
CA VAL B 613 18.48 -10.50 5.60
C VAL B 613 19.94 -10.91 5.52
N LEU B 614 20.59 -11.00 6.67
CA LEU B 614 22.00 -11.38 6.75
C LEU B 614 22.24 -12.22 8.00
N PRO B 615 22.38 -13.55 7.83
CA PRO B 615 22.35 -14.31 6.57
C PRO B 615 20.96 -14.37 5.94
N ALA B 616 20.91 -14.32 4.61
CA ALA B 616 19.65 -14.33 3.89
C ALA B 616 19.11 -15.76 3.71
N ARG B 617 17.84 -15.96 4.05
CA ARG B 617 17.19 -17.24 3.81
C ARG B 617 17.00 -17.46 2.32
N PRO B 618 17.63 -18.52 1.79
CA PRO B 618 17.61 -18.81 0.36
C PRO B 618 16.29 -19.39 -0.13
N ASP B 619 15.65 -18.71 -1.08
CA ASP B 619 14.44 -19.21 -1.71
C ASP B 619 14.79 -20.34 -2.68
N GLU B 620 14.38 -21.55 -2.32
CA GLU B 620 14.71 -22.77 -3.06
C GLU B 620 14.10 -22.81 -4.45
N ASN B 621 12.90 -22.25 -4.58
CA ASN B 621 12.00 -22.48 -5.71
C ASN B 621 12.60 -22.48 -7.11
N GLY B 622 12.14 -23.44 -7.89
CA GLY B 622 12.56 -23.62 -9.28
C GLY B 622 11.80 -24.85 -9.77
N VAL B 623 12.39 -25.59 -10.68
CA VAL B 623 11.81 -26.88 -11.05
C VAL B 623 12.20 -27.92 -10.00
N LEU B 624 13.41 -27.77 -9.46
CA LEU B 624 13.94 -28.71 -8.50
C LEU B 624 13.91 -28.15 -7.08
N SER B 625 13.39 -28.94 -6.15
CA SER B 625 13.39 -28.55 -4.74
C SER B 625 14.69 -28.98 -4.08
N ASP B 626 14.82 -28.67 -2.79
CA ASP B 626 16.02 -29.02 -2.04
C ASP B 626 16.18 -30.54 -1.86
N ASP B 627 15.07 -31.22 -1.61
CA ASP B 627 15.09 -32.67 -1.47
C ASP B 627 15.41 -33.33 -2.79
N ASP B 628 14.96 -32.71 -3.89
CA ASP B 628 15.25 -33.21 -5.22
C ASP B 628 16.74 -33.15 -5.50
N ARG B 629 17.32 -31.98 -5.28
CA ARG B 629 18.74 -31.77 -5.54
C ARG B 629 19.60 -32.63 -4.61
N GLU B 630 19.14 -32.78 -3.37
CA GLU B 630 19.87 -33.58 -2.39
C GLU B 630 19.96 -35.04 -2.80
N TRP B 631 18.83 -35.60 -3.25
CA TRP B 631 18.76 -36.98 -3.68
C TRP B 631 19.51 -37.17 -4.98
N LEU B 632 19.39 -36.19 -5.86
CA LEU B 632 20.12 -36.20 -7.13
C LEU B 632 21.62 -36.15 -6.87
N LYS B 633 22.00 -35.52 -5.77
CA LYS B 633 23.41 -35.43 -5.37
C LYS B 633 23.96 -36.80 -4.92
N THR B 634 23.08 -37.61 -4.33
CA THR B 634 23.44 -38.93 -3.79
C THR B 634 23.46 -40.02 -4.86
N ILE B 635 22.89 -39.67 -6.01
CA ILE B 635 22.78 -40.56 -7.16
C ILE B 635 24.05 -40.45 -7.98
N GLY B 636 24.54 -39.22 -8.13
CA GLY B 636 25.74 -38.96 -8.90
C GLY B 636 25.62 -37.75 -9.80
N VAL B 637 24.47 -37.09 -9.76
CA VAL B 637 24.26 -35.88 -10.55
C VAL B 637 24.56 -34.64 -9.73
N GLU B 638 25.50 -33.84 -10.20
CA GLU B 638 25.86 -32.61 -9.50
C GLU B 638 25.29 -31.39 -10.21
N LEU B 639 24.32 -30.74 -9.57
CA LEU B 639 23.75 -29.50 -10.08
C LEU B 639 24.16 -28.35 -9.18
N SER B 640 23.35 -27.30 -9.15
CA SER B 640 23.66 -26.14 -8.31
C SER B 640 23.56 -26.50 -6.82
N SER B 641 23.82 -25.51 -5.97
CA SER B 641 23.79 -25.73 -4.53
C SER B 641 22.37 -25.86 -4.00
N GLY B 642 22.25 -26.25 -2.74
CA GLY B 642 20.96 -26.36 -2.09
C GLY B 642 20.72 -25.21 -1.14
N GLY B 643 19.58 -25.21 -0.46
CA GLY B 643 19.24 -24.15 0.46
C GLY B 643 20.16 -24.12 1.66
N ARG B 644 20.38 -25.28 2.27
CA ARG B 644 21.25 -25.36 3.45
C ARG B 644 22.69 -25.05 3.09
N GLU B 645 23.06 -25.33 1.85
CA GLU B 645 24.42 -25.10 1.39
C GLU B 645 24.67 -23.61 1.18
N ARG B 646 23.75 -22.95 0.48
CA ARG B 646 23.86 -21.53 0.22
C ARG B 646 23.61 -20.71 1.48
N LEU B 647 23.02 -21.34 2.50
CA LEU B 647 22.82 -20.69 3.79
C LEU B 647 24.10 -20.74 4.60
N LEU B 648 24.89 -21.79 4.39
CA LEU B 648 26.15 -21.97 5.09
C LEU B 648 27.27 -21.22 4.40
N ASP B 649 27.06 -20.90 3.13
CA ASP B 649 28.01 -20.10 2.38
C ASP B 649 27.93 -18.65 2.81
N GLU B 650 26.85 -18.30 3.52
CA GLU B 650 26.61 -16.91 3.91
C GLU B 650 27.72 -16.40 4.81
N HIS B 651 28.25 -17.30 5.64
CA HIS B 651 29.32 -16.95 6.56
C HIS B 651 30.61 -16.58 5.83
N PHE B 652 30.85 -17.25 4.70
CA PHE B 652 32.02 -16.95 3.88
C PHE B 652 31.86 -15.59 3.21
N LEU B 653 30.63 -15.30 2.81
CA LEU B 653 30.29 -14.03 2.18
C LEU B 653 30.43 -12.88 3.17
N ILE B 654 29.92 -13.10 4.38
CA ILE B 654 30.06 -12.11 5.44
C ILE B 654 31.53 -11.92 5.78
N TYR B 655 32.28 -13.01 5.74
CA TYR B 655 33.71 -12.97 6.01
C TYR B 655 34.45 -12.11 4.99
N MET B 656 34.14 -12.31 3.71
CA MET B 656 34.77 -11.57 2.63
C MET B 656 34.42 -10.09 2.69
N ALA B 657 33.19 -9.80 3.11
CA ALA B 657 32.73 -8.42 3.21
C ALA B 657 33.38 -7.71 4.39
N PHE B 658 33.57 -8.44 5.47
CA PHE B 658 34.13 -7.89 6.69
C PHE B 658 35.64 -7.69 6.61
N SER B 659 36.29 -8.48 5.77
CA SER B 659 37.75 -8.49 5.68
C SER B 659 38.28 -7.59 4.58
N SER B 660 37.36 -7.00 3.83
CA SER B 660 37.70 -6.13 2.71
C SER B 660 38.23 -4.73 3.09
N PRO B 661 37.68 -4.09 4.13
CA PRO B 661 38.22 -2.74 4.34
C PRO B 661 39.58 -2.71 5.00
N SER B 662 40.49 -1.91 4.43
CA SER B 662 41.84 -1.80 4.93
C SER B 662 41.92 -1.01 6.22
N ASP B 663 41.15 0.08 6.31
CA ASP B 663 41.27 1.00 7.43
C ASP B 663 40.12 0.91 8.43
N ARG B 664 38.88 1.02 7.96
CA ARG B 664 37.72 1.02 8.85
C ARG B 664 36.58 0.15 8.34
N LEU B 665 35.90 -0.52 9.27
CA LEU B 665 34.72 -1.32 8.93
C LEU B 665 33.49 -0.83 9.67
N TYR B 666 32.41 -0.61 8.93
CA TYR B 666 31.14 -0.19 9.53
C TYR B 666 30.06 -1.24 9.30
N VAL B 667 29.47 -1.73 10.39
CA VAL B 667 28.37 -2.69 10.30
C VAL B 667 27.10 -2.07 10.86
N SER B 668 26.17 -1.75 9.97
CA SER B 668 24.94 -1.05 10.35
C SER B 668 23.71 -1.91 10.15
N TYR B 669 22.64 -1.56 10.87
CA TYR B 669 21.36 -2.25 10.73
C TYR B 669 20.23 -1.34 11.20
N PRO B 670 19.11 -1.33 10.45
CA PRO B 670 17.89 -0.62 10.83
C PRO B 670 17.01 -1.45 11.76
N ILE B 671 16.32 -0.80 12.68
CA ILE B 671 15.49 -1.51 13.65
C ILE B 671 14.02 -1.49 13.26
N ALA B 672 13.67 -0.64 12.31
CA ALA B 672 12.30 -0.53 11.83
C ALA B 672 12.27 -0.36 10.32
N ASP B 673 11.28 -0.99 9.68
CA ASP B 673 11.17 -0.93 8.23
C ASP B 673 10.50 0.38 7.79
N ALA B 674 10.17 0.47 6.51
CA ALA B 674 9.60 1.67 5.93
C ALA B 674 8.25 2.03 6.54
N GLU B 675 7.48 1.01 6.89
CA GLU B 675 6.14 1.22 7.43
C GLU B 675 6.15 1.47 8.95
N GLY B 676 7.06 0.79 9.63
CA GLY B 676 7.16 0.93 11.08
C GLY B 676 7.25 -0.42 11.76
N LYS B 677 7.31 -1.47 10.97
CA LYS B 677 7.43 -2.83 11.48
C LYS B 677 8.83 -3.07 12.06
N THR B 678 8.88 -3.72 13.21
CA THR B 678 10.13 -3.93 13.92
C THR B 678 11.10 -4.86 13.17
N LEU B 679 12.31 -4.37 12.93
CA LEU B 679 13.36 -5.18 12.31
C LEU B 679 14.40 -5.57 13.37
N LEU B 680 14.76 -6.85 13.38
CA LEU B 680 15.65 -7.38 14.42
C LEU B 680 17.09 -7.45 13.96
N PRO B 681 18.03 -7.16 14.89
CA PRO B 681 19.47 -7.28 14.64
C PRO B 681 19.86 -8.70 14.25
N SER B 682 20.97 -8.87 13.53
CA SER B 682 21.37 -10.18 13.07
C SER B 682 22.16 -10.94 14.13
N MET B 683 22.47 -12.20 13.83
CA MET B 683 23.33 -13.01 14.70
C MET B 683 24.75 -12.46 14.65
N ILE B 684 25.06 -11.76 13.57
CA ILE B 684 26.39 -11.20 13.35
C ILE B 684 26.67 -10.04 14.29
N VAL B 685 25.66 -9.22 14.54
CA VAL B 685 25.76 -8.12 15.50
C VAL B 685 26.15 -8.64 16.87
N LYS B 686 25.50 -9.72 17.30
CA LYS B 686 25.78 -10.33 18.59
C LYS B 686 27.16 -10.97 18.60
N ARG B 687 27.52 -11.55 17.46
CA ARG B 687 28.85 -12.16 17.29
C ARG B 687 29.94 -11.10 17.41
N LEU B 688 29.70 -9.93 16.82
CA LEU B 688 30.65 -8.82 16.93
C LEU B 688 30.68 -8.26 18.35
N GLU B 689 29.54 -8.31 19.04
CA GLU B 689 29.47 -7.88 20.43
C GLU B 689 30.23 -8.85 21.33
N GLU B 690 30.49 -10.04 20.82
CA GLU B 690 31.26 -11.04 21.54
C GLU B 690 32.76 -10.88 21.27
N LEU B 691 33.11 -10.73 19.99
CA LEU B 691 34.50 -10.56 19.60
C LEU B 691 35.05 -9.22 20.08
N PHE B 692 34.20 -8.20 20.09
CA PHE B 692 34.59 -6.87 20.55
C PHE B 692 33.63 -6.40 21.64
N PRO B 693 33.81 -6.91 22.86
CA PRO B 693 32.87 -6.75 23.98
C PRO B 693 32.75 -5.34 24.53
N HIS B 694 33.77 -4.51 24.35
CA HIS B 694 33.73 -3.15 24.87
C HIS B 694 33.76 -2.13 23.74
N HIS B 695 33.18 -2.52 22.61
CA HIS B 695 33.03 -1.62 21.48
C HIS B 695 31.67 -0.93 21.55
N LYS B 696 31.69 0.40 21.51
CA LYS B 696 30.47 1.20 21.60
C LYS B 696 29.58 1.01 20.38
N GLU B 697 28.27 0.92 20.62
CA GLU B 697 27.29 0.97 19.55
C GLU B 697 26.93 2.41 19.24
N ARG B 698 27.01 2.79 17.98
CA ARG B 698 26.69 4.15 17.57
C ARG B 698 25.28 4.25 16.99
N LEU B 699 24.53 5.25 17.45
CA LEU B 699 23.15 5.44 17.03
C LEU B 699 23.07 6.37 15.82
N LEU B 700 22.40 5.91 14.76
CA LEU B 700 22.17 6.73 13.58
C LEU B 700 20.73 7.22 13.58
N THR B 701 20.55 8.54 13.53
CA THR B 701 19.22 9.11 13.63
C THR B 701 19.07 10.43 12.88
N ASN B 702 17.86 10.71 12.41
CA ASN B 702 17.55 12.00 11.82
C ASN B 702 17.03 12.95 12.90
N GLU B 703 17.13 12.52 14.15
CA GLU B 703 16.80 13.35 15.30
C GLU B 703 18.07 13.65 16.06
N PRO B 704 18.78 14.74 15.69
CA PRO B 704 20.10 15.11 16.21
C PRO B 704 20.16 15.22 17.74
N GLU B 705 19.04 15.55 18.38
CA GLU B 705 19.02 15.74 19.82
C GLU B 705 19.25 14.43 20.59
N GLN B 706 19.42 13.34 19.85
CA GLN B 706 19.63 12.02 20.46
C GLN B 706 21.09 11.60 20.45
N VAL B 707 21.95 12.43 19.84
CA VAL B 707 23.38 12.14 19.81
C VAL B 707 24.19 13.32 20.35
N SER B 708 25.50 13.09 20.52
CA SER B 708 26.39 14.10 21.07
C SER B 708 26.55 15.29 20.12
N ASP B 709 27.01 16.41 20.67
CA ASP B 709 27.20 17.63 19.89
C ASP B 709 28.24 17.43 18.79
N GLU B 710 29.22 16.58 19.06
CA GLU B 710 30.26 16.29 18.08
C GLU B 710 29.67 15.50 16.91
N GLU B 711 28.67 14.68 17.20
CA GLU B 711 27.98 13.92 16.17
C GLU B 711 26.95 14.78 15.47
N GLN B 712 26.35 15.71 16.20
CA GLN B 712 25.40 16.66 15.62
C GLN B 712 26.11 17.60 14.65
N LEU B 713 27.41 17.80 14.86
CA LEU B 713 28.22 18.64 14.00
C LEU B 713 28.45 17.99 12.65
N MET B 714 28.41 16.66 12.61
CA MET B 714 28.61 15.93 11.37
C MET B 714 27.46 16.10 10.38
N TYR B 715 26.33 16.60 10.88
CA TYR B 715 25.12 16.76 10.06
C TYR B 715 25.28 17.86 9.01
N VAL B 716 25.81 19.00 9.44
CA VAL B 716 25.97 20.15 8.54
C VAL B 716 27.07 19.93 7.50
N VAL B 717 26.72 19.29 6.40
CA VAL B 717 27.69 19.02 5.34
C VAL B 717 27.49 19.94 4.14
N ASN B 718 26.27 20.44 3.98
CA ASN B 718 25.99 21.44 2.95
C ASN B 718 24.75 22.25 3.29
N LYS B 719 24.42 23.19 2.42
CA LYS B 719 23.38 24.18 2.69
C LYS B 719 22.00 23.56 2.85
N SER B 720 21.66 22.64 1.93
CA SER B 720 20.33 22.04 1.90
C SER B 720 20.01 21.28 3.19
N VAL B 721 20.82 20.27 3.49
CA VAL B 721 20.57 19.42 4.65
C VAL B 721 20.68 20.21 5.95
N ALA B 722 21.50 21.25 5.95
CA ALA B 722 21.68 22.07 7.14
C ALA B 722 20.38 22.81 7.44
N GLN B 723 19.82 23.42 6.40
CA GLN B 723 18.53 24.10 6.49
C GLN B 723 17.43 23.15 6.94
N SER B 724 17.45 21.94 6.39
CA SER B 724 16.48 20.91 6.69
C SER B 724 16.44 20.60 8.18
N PHE B 725 17.60 20.28 8.74
CA PHE B 725 17.71 19.89 10.14
C PHE B 725 17.52 21.06 11.10
N THR B 726 18.13 22.20 10.77
CA THR B 726 18.10 23.35 11.67
C THR B 726 16.70 23.94 11.82
N ALA B 727 15.84 23.64 10.85
CA ALA B 727 14.45 24.07 10.92
C ALA B 727 13.72 23.23 11.95
N SER B 728 14.06 21.94 11.98
CA SER B 728 13.51 21.01 12.95
C SER B 728 14.03 21.36 14.34
N GLN B 729 15.32 21.67 14.41
CA GLN B 729 15.96 22.05 15.67
C GLN B 729 15.36 23.32 16.25
N LEU B 730 14.99 24.26 15.38
CA LEU B 730 14.37 25.51 15.81
C LEU B 730 12.97 25.29 16.37
N ARG B 731 12.25 24.34 15.78
CA ARG B 731 10.92 23.99 16.25
C ARG B 731 11.01 23.29 17.60
N LEU B 732 12.00 22.40 17.70
CA LEU B 732 12.28 21.72 18.97
C LEU B 732 12.68 22.74 20.03
N TRP B 733 13.38 23.78 19.61
CA TRP B 733 13.80 24.85 20.51
C TRP B 733 12.60 25.66 21.01
N THR B 734 11.60 25.82 20.16
CA THR B 734 10.38 26.55 20.53
C THR B 734 9.55 25.74 21.52
N ARG B 735 9.86 24.46 21.64
CA ARG B 735 9.14 23.58 22.55
C ARG B 735 9.92 23.40 23.85
N GLU B 736 10.57 24.46 24.30
CA GLU B 736 11.28 24.50 25.57
C GLU B 736 12.37 23.42 25.68
N TYR B 737 13.25 23.38 24.68
CA TYR B 737 14.36 22.44 24.67
C TYR B 737 15.65 23.19 24.39
N ASP B 738 16.67 22.96 25.22
CA ASP B 738 17.97 23.58 25.00
C ASP B 738 18.75 22.83 23.93
N ILE B 739 18.42 23.10 22.68
CA ILE B 739 19.09 22.45 21.54
C ILE B 739 20.57 22.79 21.52
N SER B 740 21.35 21.98 20.82
CA SER B 740 22.79 22.16 20.75
C SER B 740 23.15 23.48 20.07
N ASP B 741 24.28 24.06 20.46
CA ASP B 741 24.70 25.35 19.95
C ASP B 741 25.22 25.29 18.52
N VAL B 742 25.50 24.07 18.05
CA VAL B 742 26.01 23.88 16.70
C VAL B 742 25.00 24.37 15.66
N TRP B 743 23.72 24.20 15.98
CA TRP B 743 22.66 24.60 15.07
C TRP B 743 22.43 26.10 15.13
N TRP B 744 22.79 26.71 16.24
CA TRP B 744 22.76 28.16 16.34
C TRP B 744 23.91 28.75 15.54
N SER B 745 25.04 28.06 15.55
CA SER B 745 26.18 28.46 14.74
C SER B 745 25.81 28.38 13.27
N THR B 746 25.25 27.25 12.87
CA THR B 746 24.87 27.03 11.48
C THR B 746 23.76 27.97 11.06
N TYR B 747 22.87 28.31 11.99
CA TYR B 747 21.83 29.28 11.71
C TYR B 747 22.44 30.62 11.34
N ASN B 748 23.37 31.09 12.17
CA ASN B 748 24.04 32.36 11.95
C ASN B 748 24.81 32.39 10.63
N VAL B 749 25.39 31.25 10.25
CA VAL B 749 26.08 31.13 8.98
C VAL B 749 25.10 31.20 7.81
N LEU B 750 23.95 30.57 7.98
CA LEU B 750 22.91 30.56 6.95
C LEU B 750 22.31 31.95 6.73
N MET B 751 22.39 32.80 7.74
CA MET B 751 21.87 34.15 7.62
C MET B 751 22.99 35.15 7.33
N SER B 752 24.21 34.65 7.23
CA SER B 752 25.37 35.52 7.00
C SER B 752 25.79 35.51 5.54
N GLU B 753 25.41 34.47 4.81
CA GLU B 753 25.74 34.39 3.39
C GLU B 753 24.55 34.84 2.54
N GLN B 754 24.82 35.04 1.25
CA GLN B 754 23.89 35.71 0.34
C GLN B 754 22.49 35.11 0.33
N ASP B 755 22.39 33.83 0.02
CA ASP B 755 21.11 33.15 -0.09
C ASP B 755 20.45 32.97 1.28
N ARG B 756 19.88 34.04 1.81
CA ARG B 756 19.32 34.03 3.16
C ARG B 756 17.79 34.10 3.14
N LEU B 757 17.23 34.73 2.11
CA LEU B 757 15.79 34.86 2.00
C LEU B 757 15.14 33.50 1.87
N GLN B 758 15.85 32.58 1.21
CA GLN B 758 15.37 31.21 1.07
C GLN B 758 15.28 30.57 2.45
N SER B 759 16.33 30.73 3.25
CA SER B 759 16.36 30.18 4.59
C SER B 759 15.34 30.86 5.49
N LYS B 760 15.23 32.19 5.38
CA LYS B 760 14.23 32.94 6.13
C LYS B 760 12.83 32.41 5.85
N LYS B 761 12.55 32.15 4.57
CA LYS B 761 11.26 31.63 4.15
C LYS B 761 11.00 30.26 4.76
N LEU B 762 12.05 29.44 4.81
CA LEU B 762 11.94 28.11 5.39
C LEU B 762 11.64 28.16 6.88
N PHE B 763 12.28 29.11 7.55
CA PHE B 763 12.16 29.24 9.00
C PHE B 763 10.91 29.99 9.41
N SER B 764 10.15 30.44 8.41
CA SER B 764 8.91 31.18 8.67
C SER B 764 7.83 30.23 9.15
N SER B 765 8.13 28.94 9.11
CA SER B 765 7.23 27.90 9.58
C SER B 765 7.13 27.91 11.10
N LEU B 766 8.15 28.44 11.76
CA LEU B 766 8.22 28.49 13.21
C LEU B 766 7.07 29.30 13.80
N PHE B 767 6.60 30.28 13.04
CA PHE B 767 5.53 31.16 13.50
C PHE B 767 4.34 31.06 12.55
N PHE B 768 4.24 29.91 11.89
CA PHE B 768 3.17 29.69 10.92
C PHE B 768 1.84 29.36 11.59
N ARG B 769 0.82 30.11 11.22
CA ARG B 769 -0.55 29.76 11.55
C ARG B 769 -1.42 29.94 10.30
N ASN B 770 -2.47 29.15 10.19
CA ASN B 770 -3.36 29.22 9.03
C ASN B 770 -4.19 30.51 9.04
N GLU B 771 -3.50 31.65 8.97
CA GLU B 771 -4.16 32.95 9.05
C GLU B 771 -4.84 33.31 7.74
N VAL B 772 -5.87 34.14 7.82
CA VAL B 772 -6.58 34.61 6.63
C VAL B 772 -6.68 36.12 6.61
N LYS B 773 -5.95 36.75 5.69
CA LYS B 773 -5.96 38.19 5.56
C LYS B 773 -7.28 38.68 4.97
N GLN B 774 -7.89 39.67 5.62
CA GLN B 774 -9.15 40.22 5.16
C GLN B 774 -8.99 40.91 3.81
N LEU B 775 -9.91 40.65 2.90
CA LEU B 775 -9.89 41.24 1.57
C LEU B 775 -10.01 42.76 1.61
N GLU B 776 -9.07 43.44 0.96
CA GLU B 776 -9.11 44.90 0.86
C GLU B 776 -10.36 45.34 0.12
N ARG B 777 -10.85 46.53 0.46
CA ARG B 777 -12.09 47.06 -0.08
C ARG B 777 -12.10 47.09 -1.61
N SER B 778 -10.99 47.51 -2.20
CA SER B 778 -10.87 47.59 -3.65
C SER B 778 -10.93 46.20 -4.28
N VAL B 779 -10.24 45.25 -3.65
CA VAL B 779 -10.18 43.88 -4.14
C VAL B 779 -11.54 43.20 -4.06
N SER B 780 -12.21 43.37 -2.92
CA SER B 780 -13.52 42.76 -2.70
C SER B 780 -14.57 43.38 -3.61
N ARG B 781 -14.47 44.69 -3.83
CA ARG B 781 -15.41 45.40 -4.69
C ARG B 781 -15.27 44.95 -6.14
N GLN B 782 -14.04 44.67 -6.55
CA GLN B 782 -13.77 44.20 -7.91
C GLN B 782 -14.14 42.73 -8.08
N LEU B 783 -13.92 41.95 -7.03
CA LEU B 783 -14.19 40.51 -7.08
C LEU B 783 -15.68 40.20 -7.06
N TYR B 784 -16.36 40.61 -6.00
CA TYR B 784 -17.78 40.35 -5.83
C TYR B 784 -18.65 41.20 -6.76
N GLY B 785 -18.15 42.39 -7.09
CA GLY B 785 -18.84 43.28 -8.00
C GLY B 785 -19.47 44.46 -7.29
N GLU B 786 -20.04 45.38 -8.07
CA GLU B 786 -20.72 46.55 -7.52
C GLU B 786 -22.09 46.17 -6.98
N ARG B 787 -22.68 45.12 -7.56
CA ARG B 787 -23.97 44.64 -7.12
C ARG B 787 -23.95 43.12 -6.97
N ILE B 788 -24.20 42.65 -5.75
CA ILE B 788 -24.19 41.23 -5.46
C ILE B 788 -25.51 40.58 -5.88
N GLN B 789 -25.51 39.94 -7.04
CA GLN B 789 -26.68 39.21 -7.50
C GLN B 789 -26.55 37.75 -7.06
N GLY B 790 -27.10 37.43 -5.89
CA GLY B 790 -26.92 36.12 -5.31
C GLY B 790 -28.21 35.36 -5.06
N SER B 791 -28.17 34.48 -4.06
CA SER B 791 -29.33 33.65 -3.72
C SER B 791 -29.27 33.26 -2.24
N VAL B 792 -30.31 32.58 -1.79
CA VAL B 792 -30.37 32.11 -0.40
C VAL B 792 -29.28 31.06 -0.16
N SER B 793 -29.05 30.23 -1.16
CA SER B 793 -28.03 29.19 -1.08
C SER B 793 -26.65 29.77 -0.81
N ARG B 794 -26.32 30.87 -1.50
CA ARG B 794 -25.04 31.53 -1.33
C ARG B 794 -24.89 32.11 0.07
N MET B 795 -25.96 32.71 0.58
CA MET B 795 -25.95 33.33 1.90
C MET B 795 -25.80 32.28 2.99
N GLU B 796 -26.43 31.12 2.78
CA GLU B 796 -26.31 30.01 3.71
C GLU B 796 -24.89 29.45 3.67
N THR B 797 -24.30 29.42 2.48
CA THR B 797 -22.93 28.96 2.30
C THR B 797 -21.95 29.83 3.07
N PHE B 798 -22.20 31.14 3.05
CA PHE B 798 -21.38 32.08 3.79
C PHE B 798 -21.59 31.96 5.29
N ASN B 799 -22.85 31.76 5.69
CA ASN B 799 -23.20 31.65 7.10
C ASN B 799 -22.56 30.43 7.74
N ALA B 800 -22.52 29.33 6.99
CA ALA B 800 -21.88 28.11 7.46
C ALA B 800 -20.38 28.33 7.62
N CYS B 801 -19.78 28.95 6.61
CA CYS B 801 -18.35 29.22 6.59
C CYS B 801 -18.05 30.34 5.62
N PRO B 802 -17.40 31.41 6.11
CA PRO B 802 -17.06 32.55 5.25
C PRO B 802 -16.06 32.18 4.16
N PHE B 803 -15.06 31.38 4.52
CA PHE B 803 -14.02 31.02 3.56
C PHE B 803 -14.56 30.13 2.44
N SER B 804 -15.51 29.26 2.78
CA SER B 804 -16.16 28.41 1.79
C SER B 804 -16.87 29.26 0.74
N HIS B 805 -17.43 30.38 1.19
CA HIS B 805 -18.07 31.34 0.30
C HIS B 805 -17.03 32.06 -0.56
N PHE B 806 -15.87 32.32 0.03
CA PHE B 806 -14.79 33.00 -0.67
C PHE B 806 -14.23 32.16 -1.81
N ALA B 807 -14.24 30.85 -1.62
CA ALA B 807 -13.70 29.93 -2.62
C ALA B 807 -14.78 29.57 -3.64
N SER B 808 -16.04 29.74 -3.24
CA SER B 808 -17.17 29.42 -4.10
C SER B 808 -17.54 30.60 -4.99
N HIS B 809 -18.13 31.62 -4.38
CA HIS B 809 -18.64 32.76 -5.14
C HIS B 809 -17.62 33.88 -5.25
N GLY B 810 -16.39 33.60 -4.86
CA GLY B 810 -15.31 34.57 -4.97
C GLY B 810 -14.27 34.14 -6.00
N LEU B 811 -13.54 33.09 -5.68
CA LEU B 811 -12.51 32.57 -6.57
C LEU B 811 -13.11 31.73 -7.68
N HIS B 812 -14.37 31.35 -7.52
CA HIS B 812 -15.07 30.51 -8.49
C HIS B 812 -14.27 29.26 -8.83
N LEU B 813 -13.84 28.55 -7.81
CA LEU B 813 -13.09 27.30 -7.99
C LEU B 813 -14.06 26.17 -8.30
N LYS B 814 -13.79 25.43 -9.36
CA LYS B 814 -14.69 24.36 -9.79
C LYS B 814 -14.02 23.00 -9.65
N GLU B 815 -14.68 22.08 -8.94
CA GLU B 815 -14.15 20.74 -8.77
C GLU B 815 -14.32 19.94 -10.06
N ARG B 816 -13.43 18.97 -10.26
CA ARG B 816 -13.42 18.16 -11.47
C ARG B 816 -14.77 17.49 -11.70
N GLN B 817 -15.35 17.75 -12.87
CA GLN B 817 -16.66 17.20 -13.20
C GLN B 817 -16.53 15.75 -13.69
N PHE B 818 -17.33 14.86 -13.11
CA PHE B 818 -17.27 13.44 -13.47
C PHE B 818 -18.53 12.98 -14.20
N PHE B 819 -18.38 11.94 -15.01
CA PHE B 819 -19.52 11.33 -15.68
C PHE B 819 -20.25 10.42 -14.71
N LYS B 820 -20.84 11.02 -13.68
CA LYS B 820 -21.48 10.28 -12.60
C LYS B 820 -22.75 10.99 -12.14
N LEU B 821 -23.82 10.22 -11.96
CA LEU B 821 -25.10 10.80 -11.57
C LEU B 821 -25.11 11.07 -10.07
N GLU B 822 -25.21 12.34 -9.71
CA GLU B 822 -25.24 12.72 -8.30
C GLU B 822 -26.65 13.08 -7.86
N ALA B 823 -26.79 13.39 -6.57
CA ALA B 823 -28.09 13.72 -5.99
C ALA B 823 -28.70 15.03 -6.52
N PRO B 824 -27.90 16.10 -6.65
CA PRO B 824 -28.52 17.32 -7.18
C PRO B 824 -29.11 17.14 -8.58
N ASP B 825 -28.43 16.38 -9.43
CA ASP B 825 -28.92 16.11 -10.78
C ASP B 825 -30.27 15.40 -10.73
N ILE B 826 -30.39 14.43 -9.82
CA ILE B 826 -31.63 13.68 -9.64
C ILE B 826 -32.73 14.60 -9.11
N GLY B 827 -32.37 15.52 -8.23
CA GLY B 827 -33.31 16.48 -7.68
C GLY B 827 -33.87 17.38 -8.77
N GLN B 828 -32.99 17.84 -9.65
CA GLN B 828 -33.40 18.65 -10.80
C GLN B 828 -34.33 17.87 -11.72
N LEU B 829 -34.08 16.58 -11.85
CA LEU B 829 -34.92 15.70 -12.65
C LEU B 829 -36.33 15.66 -12.08
N PHE B 830 -36.42 15.52 -10.76
CA PHE B 830 -37.70 15.46 -10.08
C PHE B 830 -38.48 16.76 -10.22
N HIS B 831 -37.78 17.88 -10.00
CA HIS B 831 -38.40 19.20 -10.09
C HIS B 831 -38.99 19.45 -11.45
N SER B 832 -38.16 19.30 -12.48
CA SER B 832 -38.57 19.56 -13.86
C SER B 832 -39.62 18.57 -14.33
N SER B 833 -39.61 17.36 -13.77
CA SER B 833 -40.60 16.35 -14.11
C SER B 833 -41.98 16.76 -13.64
N LEU B 834 -42.07 17.14 -12.37
CA LEU B 834 -43.33 17.59 -11.78
C LEU B 834 -43.83 18.85 -12.46
N LYS B 835 -42.90 19.67 -12.92
CA LYS B 835 -43.23 20.88 -13.65
C LYS B 835 -43.90 20.52 -14.97
N LEU B 836 -43.30 19.58 -15.70
CA LEU B 836 -43.82 19.14 -16.99
C LEU B 836 -45.20 18.51 -16.86
N ILE B 837 -45.36 17.66 -15.85
CA ILE B 837 -46.63 17.00 -15.59
C ILE B 837 -47.71 18.03 -15.27
N SER B 838 -47.34 19.01 -14.46
CA SER B 838 -48.25 20.09 -14.08
C SER B 838 -48.72 20.88 -15.30
N ASP B 839 -47.78 21.19 -16.19
CA ASP B 839 -48.09 21.95 -17.39
C ASP B 839 -49.03 21.20 -18.32
N ARG B 840 -48.78 19.90 -18.48
CA ARG B 840 -49.63 19.08 -19.33
C ARG B 840 -51.00 18.92 -18.69
N LEU B 841 -51.04 18.98 -17.37
CA LEU B 841 -52.29 18.88 -16.64
C LEU B 841 -53.20 20.07 -16.94
N ARG B 842 -52.60 21.27 -16.98
CA ARG B 842 -53.37 22.48 -17.25
C ARG B 842 -53.67 22.62 -18.74
N ASP B 843 -52.91 21.89 -19.55
CA ASP B 843 -53.10 21.88 -20.99
C ASP B 843 -54.34 21.07 -21.39
N GLU B 844 -54.55 19.95 -20.70
CA GLU B 844 -55.68 19.09 -21.02
C GLU B 844 -56.87 19.34 -20.09
N LYS B 845 -56.88 20.54 -19.48
CA LYS B 845 -57.94 20.95 -18.57
C LYS B 845 -58.13 19.97 -17.42
N LEU B 846 -57.07 19.27 -17.06
CA LEU B 846 -57.13 18.29 -15.98
C LEU B 846 -56.59 18.87 -14.68
N ASP B 847 -57.03 18.31 -13.57
CA ASP B 847 -56.52 18.72 -12.26
C ASP B 847 -55.93 17.50 -11.56
N TRP B 848 -55.11 17.73 -10.55
CA TRP B 848 -54.46 16.65 -9.82
C TRP B 848 -55.48 15.69 -9.20
N ARG B 849 -56.68 16.20 -8.95
CA ARG B 849 -57.76 15.37 -8.40
C ARG B 849 -58.24 14.34 -9.41
N ASP B 850 -58.23 14.72 -10.69
CA ASP B 850 -58.81 13.90 -11.74
C ASP B 850 -57.83 12.89 -12.32
N LEU B 851 -56.65 12.77 -11.72
CA LEU B 851 -55.63 11.86 -12.20
C LEU B 851 -55.86 10.43 -11.69
N THR B 852 -55.87 9.47 -12.61
CA THR B 852 -55.98 8.07 -12.25
C THR B 852 -54.59 7.43 -12.18
N LYS B 853 -54.54 6.16 -11.78
CA LYS B 853 -53.29 5.44 -11.65
C LYS B 853 -52.60 5.30 -13.00
N GLU B 854 -53.37 4.91 -14.01
CA GLU B 854 -52.84 4.75 -15.36
C GLU B 854 -52.29 6.07 -15.88
N GLN B 855 -53.05 7.14 -15.68
CA GLN B 855 -52.64 8.46 -16.14
C GLN B 855 -51.37 8.95 -15.45
N CYS B 856 -51.29 8.72 -14.14
CA CYS B 856 -50.11 9.10 -13.37
C CYS B 856 -48.86 8.40 -13.88
N GLU B 857 -49.00 7.12 -14.17
CA GLU B 857 -47.89 6.29 -14.63
C GLU B 857 -47.38 6.76 -15.99
N LEU B 858 -48.30 6.93 -16.93
CA LEU B 858 -47.96 7.37 -18.28
C LEU B 858 -47.37 8.77 -18.30
N PHE B 859 -47.97 9.67 -17.53
CA PHE B 859 -47.51 11.06 -17.48
C PHE B 859 -46.09 11.14 -16.94
N SER B 860 -45.87 10.52 -15.79
CA SER B 860 -44.57 10.53 -15.13
C SER B 860 -43.50 9.87 -15.99
N TYR B 861 -43.83 8.72 -16.56
CA TYR B 861 -42.90 7.96 -17.39
C TYR B 861 -42.44 8.78 -18.59
N ASP B 862 -43.39 9.42 -19.26
CA ASP B 862 -43.10 10.24 -20.43
C ASP B 862 -42.32 11.50 -20.09
N ALA B 863 -42.59 12.04 -18.92
CA ALA B 863 -41.90 13.25 -18.45
C ALA B 863 -40.42 12.98 -18.26
N VAL B 864 -40.11 11.86 -17.60
CA VAL B 864 -38.73 11.46 -17.36
C VAL B 864 -38.07 11.10 -18.69
N GLU B 865 -38.84 10.48 -19.57
CA GLU B 865 -38.38 10.16 -20.92
C GLU B 865 -37.94 11.42 -21.67
N ARG B 866 -38.65 12.52 -21.43
CA ARG B 866 -38.34 13.79 -22.08
C ARG B 866 -37.10 14.47 -21.49
N LEU B 867 -36.85 14.22 -20.21
CA LEU B 867 -35.79 14.92 -19.49
C LEU B 867 -34.48 14.14 -19.46
N ALA B 868 -34.57 12.85 -19.76
CA ALA B 868 -33.42 11.97 -19.71
C ALA B 868 -32.29 12.38 -20.66
N PRO B 869 -32.58 12.65 -21.94
CA PRO B 869 -31.44 12.90 -22.82
C PRO B 869 -30.74 14.23 -22.60
N LYS B 870 -31.06 14.95 -21.52
CA LYS B 870 -30.44 16.24 -21.25
C LYS B 870 -30.02 16.31 -19.78
N LEU B 871 -29.99 15.16 -19.12
CA LEU B 871 -29.59 15.09 -17.71
C LEU B 871 -28.18 14.51 -17.57
N GLN B 872 -27.25 15.36 -17.16
CA GLN B 872 -25.87 14.97 -16.91
C GLN B 872 -25.24 14.26 -18.11
N LYS B 873 -25.00 15.02 -19.18
CA LYS B 873 -24.32 14.52 -20.37
C LYS B 873 -24.85 13.18 -20.87
N GLU B 874 -26.18 13.01 -20.82
CA GLU B 874 -26.84 11.78 -21.27
C GLU B 874 -26.28 10.53 -20.59
N ILE B 875 -26.24 10.55 -19.26
CA ILE B 875 -25.69 9.42 -18.52
C ILE B 875 -26.70 8.29 -18.39
N LEU B 876 -27.98 8.64 -18.34
CA LEU B 876 -29.03 7.65 -18.16
C LEU B 876 -29.22 6.79 -19.41
N LEU B 877 -28.60 7.22 -20.51
CA LEU B 877 -28.68 6.49 -21.77
C LEU B 877 -27.36 5.82 -22.10
N SER B 878 -26.40 5.93 -21.20
CA SER B 878 -25.03 5.47 -21.44
C SER B 878 -24.84 3.98 -21.14
N SER B 879 -25.73 3.41 -20.34
CA SER B 879 -25.59 2.00 -19.95
C SER B 879 -26.92 1.38 -19.56
N ASN B 880 -26.96 0.05 -19.52
CA ASN B 880 -28.15 -0.67 -19.09
C ASN B 880 -28.46 -0.40 -17.63
N ARG B 881 -27.41 -0.28 -16.83
CA ARG B 881 -27.56 -0.05 -15.40
C ARG B 881 -28.23 1.29 -15.15
N HIS B 882 -27.83 2.30 -15.91
CA HIS B 882 -28.42 3.63 -15.78
C HIS B 882 -29.81 3.68 -16.41
N TYR B 883 -30.07 2.77 -17.35
CA TYR B 883 -31.41 2.64 -17.91
C TYR B 883 -32.37 2.20 -16.82
N TYR B 884 -31.92 1.25 -16.00
CA TYR B 884 -32.74 0.76 -14.91
C TYR B 884 -32.87 1.81 -13.82
N VAL B 885 -31.85 2.65 -13.70
CA VAL B 885 -31.90 3.79 -12.79
C VAL B 885 -32.99 4.75 -13.27
N LYS B 886 -33.08 4.91 -14.59
CA LYS B 886 -34.10 5.78 -15.17
C LYS B 886 -35.49 5.26 -14.84
N GLU B 887 -35.65 3.94 -14.89
CA GLU B 887 -36.94 3.33 -14.58
C GLU B 887 -37.28 3.50 -13.11
N LYS B 888 -36.27 3.38 -12.26
CA LYS B 888 -36.42 3.62 -10.83
C LYS B 888 -36.95 5.02 -10.58
N LEU B 889 -36.35 5.99 -11.26
CA LEU B 889 -36.75 7.39 -11.14
C LEU B 889 -38.17 7.60 -11.66
N GLN B 890 -38.53 6.85 -12.71
CA GLN B 890 -39.87 6.94 -13.26
C GLN B 890 -40.91 6.42 -12.28
N LYS B 891 -40.54 5.37 -11.54
CA LYS B 891 -41.42 4.82 -10.52
C LYS B 891 -41.61 5.82 -9.38
N ILE B 892 -40.54 6.51 -9.03
CA ILE B 892 -40.58 7.50 -7.95
C ILE B 892 -41.50 8.65 -8.31
N VAL B 893 -41.29 9.23 -9.49
CA VAL B 893 -42.11 10.33 -9.97
C VAL B 893 -43.56 9.88 -10.09
N THR B 894 -43.76 8.62 -10.45
CA THR B 894 -45.09 8.06 -10.57
C THR B 894 -45.84 8.10 -9.24
N ARG B 895 -45.23 7.50 -8.21
CA ARG B 895 -45.85 7.44 -6.89
C ARG B 895 -46.07 8.82 -6.30
N VAL B 896 -45.10 9.71 -6.52
CA VAL B 896 -45.22 11.09 -6.07
C VAL B 896 -46.43 11.77 -6.71
N SER B 897 -46.64 11.48 -7.98
CA SER B 897 -47.79 12.00 -8.71
C SER B 897 -49.08 11.55 -8.07
N GLY B 898 -49.11 10.28 -7.64
CA GLY B 898 -50.28 9.71 -7.00
C GLY B 898 -50.54 10.33 -5.65
N ILE B 899 -49.46 10.62 -4.91
CA ILE B 899 -49.58 11.22 -3.59
C ILE B 899 -50.05 12.66 -3.70
N LEU B 900 -49.55 13.36 -4.72
CA LEU B 900 -49.96 14.74 -4.97
C LEU B 900 -51.43 14.80 -5.34
N SER B 901 -51.90 13.75 -6.02
CA SER B 901 -53.30 13.64 -6.39
C SER B 901 -54.17 13.53 -5.15
N GLU B 902 -53.84 12.58 -4.29
CA GLU B 902 -54.57 12.34 -3.05
C GLU B 902 -54.54 13.57 -2.14
N HIS B 903 -53.39 14.22 -2.08
CA HIS B 903 -53.25 15.43 -1.28
C HIS B 903 -54.12 16.57 -1.84
N ALA B 904 -54.26 16.61 -3.16
CA ALA B 904 -55.05 17.65 -3.82
C ALA B 904 -56.54 17.51 -3.50
N LYS B 905 -56.95 16.28 -3.24
CA LYS B 905 -58.35 15.92 -3.02
C LYS B 905 -58.73 16.07 -1.55
N ALA B 906 -57.77 16.49 -0.75
CA ALA B 906 -57.97 16.60 0.70
C ALA B 906 -57.37 17.90 1.24
N SER B 907 -57.07 18.83 0.34
CA SER B 907 -56.54 20.13 0.76
C SER B 907 -57.35 21.29 0.18
N GLY B 908 -57.42 22.37 0.93
CA GLY B 908 -58.14 23.57 0.50
C GLY B 908 -57.22 24.55 -0.19
N PHE B 909 -55.94 24.20 -0.27
CA PHE B 909 -54.94 25.07 -0.90
C PHE B 909 -54.74 24.74 -2.37
N VAL B 910 -54.82 25.78 -3.21
CA VAL B 910 -54.63 25.61 -4.64
C VAL B 910 -53.30 26.23 -5.08
N PRO B 911 -52.46 25.43 -5.76
CA PRO B 911 -51.15 25.88 -6.24
C PRO B 911 -51.24 27.06 -7.21
N ILE B 912 -50.56 28.15 -6.88
CA ILE B 912 -50.56 29.34 -7.74
C ILE B 912 -49.55 29.18 -8.87
N GLY B 913 -48.28 29.39 -8.54
CA GLY B 913 -47.21 29.27 -9.51
C GLY B 913 -46.17 28.24 -9.10
N LEU B 914 -45.98 27.23 -9.94
CA LEU B 914 -44.98 26.20 -9.68
C LEU B 914 -43.64 26.61 -10.29
N GLU B 915 -42.57 26.41 -9.53
CA GLU B 915 -41.23 26.87 -9.93
C GLU B 915 -41.24 28.36 -10.24
N LEU B 916 -41.86 29.13 -9.35
CA LEU B 916 -42.00 30.57 -9.54
C LEU B 916 -40.71 31.29 -9.16
N GLY B 917 -40.13 31.98 -10.13
CA GLY B 917 -38.88 32.68 -9.91
C GLY B 917 -39.07 34.15 -9.59
N PHE B 918 -38.28 34.63 -8.63
CA PHE B 918 -38.28 36.05 -8.30
C PHE B 918 -36.93 36.65 -8.67
N GLY B 919 -36.95 37.87 -9.20
CA GLY B 919 -35.75 38.52 -9.67
C GLY B 919 -35.35 38.02 -11.04
N GLY B 920 -34.37 38.69 -11.65
CA GLY B 920 -33.91 38.32 -12.97
C GLY B 920 -35.00 38.43 -14.01
N LYS B 921 -35.41 37.28 -14.56
CA LYS B 921 -36.43 37.24 -15.60
C LYS B 921 -37.79 36.84 -15.04
N GLY B 922 -37.80 36.47 -13.76
CA GLY B 922 -39.02 36.00 -13.12
C GLY B 922 -40.09 37.06 -12.97
N PRO B 923 -41.35 36.63 -12.80
CA PRO B 923 -42.49 37.53 -12.61
C PRO B 923 -42.32 38.43 -11.40
N LEU B 924 -41.89 37.86 -10.28
CA LEU B 924 -41.71 38.64 -9.05
C LEU B 924 -40.41 39.44 -9.06
N PRO B 925 -40.45 40.64 -8.45
CA PRO B 925 -39.26 41.49 -8.34
C PRO B 925 -38.29 40.97 -7.28
N PRO B 926 -36.99 41.23 -7.46
CA PRO B 926 -35.98 40.76 -6.51
C PRO B 926 -36.00 41.55 -5.20
N LEU B 927 -35.80 40.85 -4.09
CA LEU B 927 -35.66 41.53 -2.80
C LEU B 927 -34.34 42.29 -2.80
N THR B 928 -34.38 43.56 -2.37
CA THR B 928 -33.22 44.43 -2.49
C THR B 928 -32.68 44.87 -1.13
N PHE B 929 -31.36 44.95 -1.02
CA PHE B 929 -30.71 45.36 0.21
C PHE B 929 -29.67 46.46 -0.04
N GLN B 930 -29.57 47.41 0.89
CA GLN B 930 -28.58 48.48 0.80
C GLN B 930 -27.48 48.27 1.84
N LEU B 931 -26.25 48.59 1.47
CA LEU B 931 -25.10 48.33 2.33
C LEU B 931 -24.26 49.58 2.60
N LYS B 932 -23.41 49.51 3.61
CA LYS B 932 -22.56 50.64 4.00
C LYS B 932 -21.52 50.94 2.92
N ASN B 933 -21.05 49.89 2.25
CA ASN B 933 -20.04 50.03 1.21
C ASN B 933 -20.60 50.74 -0.03
N GLY B 934 -21.93 50.78 -0.12
CA GLY B 934 -22.60 51.40 -1.24
C GLY B 934 -23.11 50.36 -2.23
N CYS B 935 -22.60 49.15 -2.08
CA CYS B 935 -22.99 48.05 -2.95
C CYS B 935 -24.41 47.59 -2.68
N THR B 936 -25.21 47.49 -3.74
CA THR B 936 -26.56 46.96 -3.64
C THR B 936 -26.53 45.44 -3.69
N MET B 937 -27.39 44.81 -2.91
CA MET B 937 -27.42 43.36 -2.82
C MET B 937 -28.83 42.83 -3.11
N GLU B 938 -28.98 42.22 -4.28
CA GLU B 938 -30.27 41.64 -4.65
C GLU B 938 -30.18 40.12 -4.77
N LEU B 939 -31.23 39.44 -4.32
CA LEU B 939 -31.25 37.97 -4.33
C LEU B 939 -32.31 37.42 -5.27
N VAL B 940 -31.87 36.65 -6.26
CA VAL B 940 -32.78 35.97 -7.15
C VAL B 940 -32.88 34.50 -6.78
N GLY B 941 -34.05 33.91 -6.98
CA GLY B 941 -34.25 32.51 -6.63
C GLY B 941 -35.52 31.96 -7.24
N ARG B 942 -35.78 30.69 -6.98
CA ARG B 942 -36.94 30.02 -7.57
C ARG B 942 -37.76 29.27 -6.53
N ILE B 943 -38.86 29.88 -6.09
CA ILE B 943 -39.75 29.24 -5.13
C ILE B 943 -40.37 28.00 -5.76
N ASP B 944 -40.28 26.88 -5.05
CA ASP B 944 -40.75 25.61 -5.58
C ASP B 944 -42.25 25.61 -5.84
N ARG B 945 -43.03 25.91 -4.81
CA ARG B 945 -44.49 25.96 -4.96
C ARG B 945 -45.14 26.91 -3.95
N VAL B 946 -46.16 27.62 -4.41
CA VAL B 946 -46.95 28.52 -3.57
C VAL B 946 -48.44 28.19 -3.68
N ASP B 947 -49.09 28.02 -2.54
CA ASP B 947 -50.51 27.67 -2.52
C ASP B 947 -51.34 28.77 -1.85
N LYS B 948 -52.50 29.07 -2.45
CA LYS B 948 -53.40 30.06 -1.86
C LYS B 948 -54.66 29.38 -1.35
N ALA B 949 -55.31 29.99 -0.36
CA ALA B 949 -56.53 29.45 0.22
C ALA B 949 -57.33 30.54 0.93
N GLU B 950 -58.64 30.55 0.67
CA GLU B 950 -59.52 31.53 1.28
C GLU B 950 -59.98 31.07 2.67
N SER B 951 -60.13 32.01 3.59
CA SER B 951 -60.52 31.69 4.96
C SER B 951 -61.20 32.87 5.64
N SER B 952 -61.49 32.71 6.93
CA SER B 952 -62.10 33.76 7.71
C SER B 952 -61.07 34.81 8.10
N LYS B 953 -59.81 34.38 8.16
CA LYS B 953 -58.71 35.30 8.45
C LYS B 953 -58.28 36.04 7.20
N GLY B 954 -58.93 35.74 6.07
CA GLY B 954 -58.64 36.37 4.81
C GLY B 954 -57.95 35.44 3.83
N LEU B 955 -56.96 35.97 3.10
CA LEU B 955 -56.20 35.17 2.15
C LEU B 955 -55.02 34.50 2.83
N LEU B 956 -54.81 33.22 2.52
CA LEU B 956 -53.71 32.46 3.12
C LEU B 956 -52.73 31.97 2.06
N LEU B 957 -51.44 32.13 2.36
CA LEU B 957 -50.38 31.67 1.47
C LEU B 957 -49.40 30.74 2.19
N ARG B 958 -49.10 29.62 1.54
CA ARG B 958 -48.12 28.68 2.08
C ARG B 958 -47.11 28.30 0.99
N ILE B 959 -45.90 27.96 1.42
CA ILE B 959 -44.83 27.60 0.50
C ILE B 959 -44.43 26.14 0.67
N VAL B 960 -44.37 25.41 -0.43
CA VAL B 960 -43.99 24.00 -0.40
C VAL B 960 -42.75 23.74 -1.25
N ALA B 961 -41.73 23.12 -0.65
CA ALA B 961 -40.50 22.81 -1.38
C ALA B 961 -40.25 21.32 -1.45
N TYR B 962 -39.91 20.84 -2.63
CA TYR B 962 -39.67 19.41 -2.84
C TYR B 962 -38.26 19.02 -2.41
N LYS B 963 -38.17 18.31 -1.29
CA LYS B 963 -36.88 17.85 -0.79
C LYS B 963 -36.69 16.35 -0.99
N SER B 964 -35.43 15.93 -1.07
CA SER B 964 -35.10 14.51 -1.18
C SER B 964 -34.95 13.91 0.21
N SER B 965 -35.02 14.76 1.23
CA SER B 965 -34.91 14.32 2.61
C SER B 965 -36.20 14.60 3.38
N ASP B 966 -36.39 13.87 4.48
CA ASP B 966 -37.64 13.96 5.23
C ASP B 966 -37.60 15.00 6.35
N LYS B 967 -36.40 15.29 6.83
CA LYS B 967 -36.22 16.16 8.00
C LYS B 967 -36.84 17.54 7.80
N GLY B 968 -37.47 18.05 8.86
CA GLY B 968 -38.15 19.33 8.79
C GLY B 968 -37.27 20.50 9.18
N LEU B 969 -37.86 21.69 9.15
CA LEU B 969 -37.14 22.92 9.47
C LEU B 969 -36.71 22.95 10.93
N ASP B 970 -35.46 23.33 11.17
CA ASP B 970 -34.93 23.48 12.52
C ASP B 970 -34.74 24.96 12.83
N LEU B 971 -35.42 25.44 13.87
CA LEU B 971 -35.35 26.85 14.25
C LEU B 971 -33.94 27.25 14.67
N ALA B 972 -33.16 26.28 15.14
CA ALA B 972 -31.76 26.52 15.46
C ALA B 972 -30.98 26.82 14.18
N GLU B 973 -31.25 26.04 13.14
CA GLU B 973 -30.61 26.22 11.85
C GLU B 973 -31.04 27.54 11.20
N VAL B 974 -32.28 27.94 11.46
CA VAL B 974 -32.77 29.22 10.96
C VAL B 974 -32.09 30.36 11.71
N TYR B 975 -31.92 30.18 13.02
CA TYR B 975 -31.29 31.20 13.86
C TYR B 975 -29.85 31.48 13.44
N TYR B 976 -29.12 30.43 13.09
CA TYR B 976 -27.72 30.57 12.68
C TYR B 976 -27.61 30.81 11.17
N GLY B 977 -28.74 30.99 10.51
CA GLY B 977 -28.77 31.32 9.10
C GLY B 977 -28.37 30.17 8.19
N LEU B 978 -28.60 28.95 8.64
CA LEU B 978 -28.26 27.77 7.85
C LEU B 978 -29.45 27.28 7.03
N ALA B 979 -30.65 27.62 7.47
CA ALA B 979 -31.86 27.26 6.74
C ALA B 979 -32.74 28.49 6.53
N LEU B 980 -32.54 29.17 5.40
CA LEU B 980 -33.20 30.44 5.15
C LEU B 980 -34.05 30.40 3.89
N GLN B 981 -34.16 29.23 3.28
CA GLN B 981 -34.88 29.08 2.01
C GLN B 981 -36.38 29.36 2.16
N MET B 982 -37.04 28.55 2.98
CA MET B 982 -38.49 28.57 3.10
C MET B 982 -39.02 29.91 3.59
N LEU B 983 -38.44 30.42 4.66
CA LEU B 983 -38.89 31.67 5.25
C LEU B 983 -38.66 32.86 4.33
N THR B 984 -37.64 32.77 3.49
CA THR B 984 -37.41 33.79 2.48
C THR B 984 -38.51 33.77 1.44
N TYR B 985 -38.83 32.57 0.97
CA TYR B 985 -39.89 32.37 -0.01
C TYR B 985 -41.23 32.86 0.52
N LEU B 986 -41.49 32.55 1.80
CA LEU B 986 -42.72 32.96 2.44
C LEU B 986 -42.78 34.46 2.60
N ASP B 987 -41.67 35.05 3.00
CA ASP B 987 -41.57 36.50 3.17
C ASP B 987 -41.88 37.25 1.88
N LEU B 988 -41.32 36.77 0.77
CA LEU B 988 -41.53 37.39 -0.53
C LEU B 988 -42.95 37.21 -1.02
N SER B 989 -43.50 36.01 -0.80
CA SER B 989 -44.85 35.70 -1.24
C SER B 989 -45.90 36.54 -0.52
N ILE B 990 -45.65 36.81 0.76
CA ILE B 990 -46.57 37.59 1.58
C ILE B 990 -46.47 39.09 1.27
N THR B 991 -45.23 39.57 1.17
CA THR B 991 -44.97 40.99 0.94
C THR B 991 -45.46 41.44 -0.44
N HIS B 992 -45.50 40.51 -1.38
CA HIS B 992 -45.88 40.83 -2.75
C HIS B 992 -47.23 40.23 -3.13
N SER B 993 -48.01 39.82 -2.12
CA SER B 993 -49.28 39.15 -2.36
C SER B 993 -50.34 40.06 -2.97
N ALA B 994 -50.13 41.36 -2.86
CA ALA B 994 -51.09 42.34 -3.35
C ALA B 994 -50.82 42.73 -4.79
N ASP B 995 -49.58 43.12 -5.08
CA ASP B 995 -49.21 43.62 -6.39
C ASP B 995 -49.07 42.50 -7.42
N TRP B 996 -48.97 41.27 -6.93
CA TRP B 996 -48.78 40.12 -7.80
C TRP B 996 -50.03 39.25 -7.91
N LEU B 997 -50.70 39.05 -6.79
CA LEU B 997 -51.88 38.19 -6.76
C LEU B 997 -53.16 39.00 -6.61
N GLY B 998 -53.48 39.40 -5.38
CA GLY B 998 -54.72 40.11 -5.11
C GLY B 998 -54.62 41.05 -3.93
N MET B 999 -54.72 40.51 -2.72
CA MET B 999 -54.70 41.31 -1.51
C MET B 999 -53.67 40.82 -0.51
N ARG B 1000 -53.46 41.59 0.56
CA ARG B 1000 -52.52 41.22 1.62
C ARG B 1000 -52.91 39.90 2.26
N ALA B 1001 -52.05 38.89 2.10
CA ALA B 1001 -52.34 37.55 2.59
C ALA B 1001 -51.69 37.27 3.95
N THR B 1002 -51.94 36.08 4.47
CA THR B 1002 -51.44 35.67 5.78
C THR B 1002 -50.63 34.39 5.69
N PRO B 1003 -49.43 34.37 6.28
CA PRO B 1003 -48.57 33.18 6.27
C PRO B 1003 -49.24 31.94 6.86
N ALA B 1004 -49.56 30.96 6.02
CA ALA B 1004 -50.20 29.73 6.47
C ALA B 1004 -49.16 28.72 6.98
N GLY B 1005 -47.94 28.82 6.46
CA GLY B 1005 -46.86 27.97 6.90
C GLY B 1005 -45.90 27.56 5.78
N VAL B 1006 -44.84 26.86 6.17
CA VAL B 1006 -43.86 26.35 5.22
C VAL B 1006 -43.79 24.83 5.31
N LEU B 1007 -43.78 24.17 4.15
CA LEU B 1007 -43.88 22.71 4.10
C LEU B 1007 -42.81 22.05 3.24
N TYR B 1008 -42.25 20.95 3.73
CA TYR B 1008 -41.33 20.15 2.96
C TYR B 1008 -42.03 18.90 2.43
N PHE B 1009 -41.80 18.59 1.15
CA PHE B 1009 -42.36 17.39 0.55
C PHE B 1009 -41.24 16.39 0.23
N HIS B 1010 -41.33 15.21 0.83
CA HIS B 1010 -40.32 14.18 0.63
C HIS B 1010 -40.61 13.38 -0.64
N ILE B 1011 -39.83 13.63 -1.69
CA ILE B 1011 -39.97 12.87 -2.93
C ILE B 1011 -39.22 11.55 -2.82
N HIS B 1012 -39.96 10.44 -2.78
CA HIS B 1012 -39.36 9.11 -2.68
C HIS B 1012 -40.37 8.01 -2.94
N ASP B 1013 -39.88 6.77 -2.97
CA ASP B 1013 -40.74 5.60 -3.11
C ASP B 1013 -40.51 4.69 -1.91
N PRO B 1014 -41.30 4.88 -0.85
CA PRO B 1014 -41.05 4.27 0.47
C PRO B 1014 -41.32 2.77 0.53
N MET B 1015 -40.68 2.11 1.49
CA MET B 1015 -40.97 0.72 1.82
C MET B 1015 -41.41 0.64 3.27
N ILE B 1016 -42.70 0.42 3.49
CA ILE B 1016 -43.22 0.35 4.85
C ILE B 1016 -42.74 -0.94 5.53
N GLN B 1017 -42.31 -0.81 6.79
CA GLN B 1017 -41.81 -1.94 7.54
C GLN B 1017 -42.74 -2.27 8.70
N SER B 1018 -43.91 -2.81 8.36
CA SER B 1018 -44.94 -3.10 9.35
C SER B 1018 -44.79 -4.50 9.94
N ASN B 1019 -45.02 -4.60 11.25
CA ASN B 1019 -44.94 -5.88 11.93
C ASN B 1019 -46.30 -6.57 11.99
N LEU B 1020 -47.20 -6.17 11.09
CA LEU B 1020 -48.56 -6.69 11.08
C LEU B 1020 -49.00 -7.09 9.67
N PRO B 1021 -49.68 -8.24 9.55
CA PRO B 1021 -50.23 -8.64 8.25
C PRO B 1021 -51.26 -7.64 7.76
N LEU B 1022 -50.85 -6.75 6.86
CA LEU B 1022 -51.72 -5.69 6.39
C LEU B 1022 -52.47 -6.08 5.12
N GLY B 1023 -53.66 -5.49 4.93
CA GLY B 1023 -54.39 -5.64 3.70
C GLY B 1023 -53.94 -4.58 2.71
N LEU B 1024 -54.34 -4.73 1.45
CA LEU B 1024 -53.92 -3.81 0.40
C LEU B 1024 -54.27 -2.36 0.71
N ASP B 1025 -55.45 -2.16 1.30
CA ASP B 1025 -55.90 -0.82 1.68
C ASP B 1025 -55.07 -0.27 2.83
N GLU B 1026 -54.77 -1.12 3.80
CA GLU B 1026 -53.96 -0.74 4.94
C GLU B 1026 -52.53 -0.43 4.51
N ILE B 1027 -52.04 -1.19 3.54
CA ILE B 1027 -50.71 -0.96 2.99
C ILE B 1027 -50.67 0.38 2.27
N GLU B 1028 -51.70 0.65 1.47
CA GLU B 1028 -51.79 1.90 0.74
C GLU B 1028 -51.80 3.10 1.68
N GLN B 1029 -52.47 2.94 2.82
CA GLN B 1029 -52.54 3.98 3.82
C GLN B 1029 -51.21 4.18 4.52
N GLU B 1030 -50.50 3.09 4.75
CA GLU B 1030 -49.19 3.14 5.41
C GLU B 1030 -48.14 3.78 4.50
N ILE B 1031 -48.33 3.62 3.19
CA ILE B 1031 -47.48 4.28 2.21
C ILE B 1031 -47.79 5.77 2.19
N PHE B 1032 -49.08 6.09 2.18
CA PHE B 1032 -49.56 7.47 2.16
C PHE B 1032 -49.11 8.26 3.39
N LYS B 1033 -48.94 7.57 4.50
CA LYS B 1033 -48.55 8.20 5.75
C LYS B 1033 -47.08 8.61 5.76
N LYS B 1034 -46.31 8.02 4.86
CA LYS B 1034 -44.89 8.32 4.77
C LYS B 1034 -44.62 9.65 4.07
N PHE B 1035 -45.66 10.22 3.47
CA PHE B 1035 -45.54 11.48 2.76
C PHE B 1035 -46.08 12.65 3.57
N LYS B 1036 -46.29 12.41 4.86
CA LYS B 1036 -46.78 13.45 5.77
C LYS B 1036 -45.76 14.58 5.86
N MET B 1037 -46.12 15.74 5.29
CA MET B 1037 -45.20 16.87 5.17
C MET B 1037 -44.72 17.41 6.51
N LYS B 1038 -43.41 17.68 6.60
CA LYS B 1038 -42.86 18.34 7.78
C LYS B 1038 -42.72 19.84 7.50
N GLY B 1039 -42.36 20.60 8.54
CA GLY B 1039 -42.17 22.03 8.38
C GLY B 1039 -42.74 22.83 9.54
N LEU B 1040 -43.48 23.89 9.22
CA LEU B 1040 -44.05 24.76 10.24
C LEU B 1040 -45.44 25.24 9.81
N LEU B 1041 -46.34 25.42 10.78
CA LEU B 1041 -47.72 25.79 10.49
C LEU B 1041 -48.17 27.01 11.29
N LEU B 1042 -49.37 27.50 10.98
CA LEU B 1042 -49.95 28.60 11.73
C LEU B 1042 -50.83 28.07 12.86
N GLY B 1043 -50.59 28.54 14.07
CA GLY B 1043 -51.26 28.02 15.24
C GLY B 1043 -52.74 28.37 15.36
N ASP B 1044 -53.56 27.70 14.56
CA ASP B 1044 -55.01 27.84 14.65
C ASP B 1044 -55.72 26.68 13.94
N GLN B 1045 -56.96 26.44 14.34
CA GLN B 1045 -57.74 25.31 13.85
C GLN B 1045 -58.11 25.42 12.37
N GLU B 1046 -58.45 26.63 11.93
CA GLU B 1046 -58.95 26.84 10.58
C GLU B 1046 -57.92 26.47 9.52
N VAL B 1047 -56.68 26.88 9.74
CA VAL B 1047 -55.60 26.59 8.79
C VAL B 1047 -55.36 25.09 8.70
N VAL B 1048 -55.34 24.43 9.85
CA VAL B 1048 -55.13 22.98 9.90
C VAL B 1048 -56.24 22.25 9.14
N ARG B 1049 -57.47 22.75 9.27
CA ARG B 1049 -58.61 22.16 8.57
C ARG B 1049 -58.58 22.47 7.08
N LEU B 1050 -57.86 23.52 6.71
CA LEU B 1050 -57.73 23.90 5.31
C LEU B 1050 -56.65 23.10 4.61
N MET B 1051 -55.69 22.61 5.38
CA MET B 1051 -54.60 21.79 4.84
C MET B 1051 -54.97 20.31 4.82
N ASP B 1052 -55.96 19.95 5.65
CA ASP B 1052 -56.45 18.58 5.68
C ASP B 1052 -57.95 18.57 5.98
N THR B 1053 -58.75 18.58 4.91
CA THR B 1053 -60.20 18.63 5.05
C THR B 1053 -60.80 17.31 5.50
N THR B 1054 -59.98 16.25 5.50
CA THR B 1054 -60.43 14.94 5.95
C THR B 1054 -60.37 14.85 7.47
N LEU B 1055 -59.39 15.51 8.06
CA LEU B 1055 -59.19 15.48 9.51
C LEU B 1055 -60.39 16.04 10.28
N GLN B 1056 -61.08 15.17 11.00
CA GLN B 1056 -62.17 15.59 11.88
C GLN B 1056 -61.68 15.64 13.31
N GLU B 1057 -61.12 14.53 13.77
CA GLU B 1057 -60.57 14.43 15.12
C GLU B 1057 -59.37 13.47 15.12
N GLY B 1058 -58.32 13.85 15.84
CA GLY B 1058 -57.12 13.03 15.90
C GLY B 1058 -55.97 13.66 15.14
N ARG B 1059 -55.05 12.82 14.69
CA ARG B 1059 -53.88 13.29 13.95
C ARG B 1059 -54.14 13.32 12.45
N SER B 1060 -53.30 14.07 11.72
CA SER B 1060 -53.44 14.19 10.29
C SER B 1060 -52.36 13.39 9.56
N ASN B 1061 -52.72 12.81 8.41
CA ASN B 1061 -51.78 12.03 7.63
C ASN B 1061 -51.13 12.84 6.52
N ILE B 1062 -51.44 14.13 6.47
CA ILE B 1062 -50.90 15.01 5.44
C ILE B 1062 -50.00 16.07 6.05
N ILE B 1063 -50.42 16.61 7.19
CA ILE B 1063 -49.68 17.68 7.84
C ILE B 1063 -49.33 17.30 9.27
N ASN B 1064 -48.23 17.85 9.79
CA ASN B 1064 -47.79 17.54 11.14
C ASN B 1064 -48.58 18.29 12.20
N ALA B 1065 -49.87 17.97 12.30
CA ALA B 1065 -50.74 18.58 13.29
C ALA B 1065 -51.92 17.67 13.62
N GLY B 1066 -52.60 17.97 14.72
CA GLY B 1066 -53.74 17.17 15.15
C GLY B 1066 -54.86 18.02 15.74
N LEU B 1067 -55.97 17.36 16.08
CA LEU B 1067 -57.12 18.06 16.65
C LEU B 1067 -57.68 17.33 17.87
N LYS B 1068 -58.16 18.11 18.84
CA LYS B 1068 -58.78 17.56 20.04
C LYS B 1068 -60.29 17.52 19.85
N LYS B 1069 -61.01 17.14 20.90
CA LYS B 1069 -62.47 17.13 20.86
C LYS B 1069 -63.01 18.56 20.77
N ASP B 1070 -62.29 19.49 21.37
CA ASP B 1070 -62.68 20.90 21.38
C ASP B 1070 -62.65 21.47 19.96
N GLY B 1071 -61.52 21.28 19.29
CA GLY B 1071 -61.29 21.88 17.99
C GLY B 1071 -59.92 22.52 17.97
N SER B 1072 -59.33 22.67 19.17
CA SER B 1072 -57.99 23.21 19.30
C SER B 1072 -56.95 22.16 18.94
N LEU B 1073 -55.85 22.60 18.35
CA LEU B 1073 -54.78 21.70 17.97
C LEU B 1073 -54.00 21.20 19.18
N ARG B 1074 -53.46 19.99 19.08
CA ARG B 1074 -52.69 19.41 20.16
C ARG B 1074 -51.26 19.94 20.17
N SER B 1075 -50.55 19.71 21.27
CA SER B 1075 -49.20 20.25 21.45
C SER B 1075 -48.18 19.61 20.50
N ASP B 1076 -48.55 18.46 19.94
CA ASP B 1076 -47.68 17.75 19.00
C ASP B 1076 -47.59 18.49 17.67
N SER B 1077 -48.54 19.39 17.43
CA SER B 1077 -48.59 20.13 16.18
C SER B 1077 -47.41 21.07 16.01
N ALA B 1078 -46.74 20.98 14.87
CA ALA B 1078 -45.62 21.87 14.56
C ALA B 1078 -46.14 23.19 14.02
N ALA B 1079 -46.90 23.91 14.86
CA ALA B 1079 -47.49 25.18 14.46
C ALA B 1079 -47.09 26.30 15.41
N VAL B 1080 -47.07 27.52 14.90
CA VAL B 1080 -46.77 28.70 15.70
C VAL B 1080 -47.69 29.86 15.34
N GLY B 1081 -47.76 30.85 16.23
CA GLY B 1081 -48.61 32.01 16.00
C GLY B 1081 -48.05 32.90 14.91
N GLU B 1082 -48.84 33.88 14.49
CA GLU B 1082 -48.41 34.82 13.47
C GLU B 1082 -47.24 35.67 13.97
N LYS B 1083 -47.19 35.87 15.28
CA LYS B 1083 -46.10 36.61 15.90
C LYS B 1083 -44.76 35.94 15.63
N GLU B 1084 -44.73 34.62 15.78
CA GLU B 1084 -43.50 33.85 15.57
C GLU B 1084 -43.08 33.87 14.11
N PHE B 1085 -44.05 33.82 13.21
CA PHE B 1085 -43.77 33.84 11.78
C PHE B 1085 -43.15 35.15 11.34
N ASP B 1086 -43.77 36.26 11.75
CA ASP B 1086 -43.26 37.59 11.41
C ASP B 1086 -41.90 37.80 12.04
N LEU B 1087 -41.74 37.29 13.26
CA LEU B 1087 -40.47 37.38 13.98
C LEU B 1087 -39.37 36.62 13.25
N LEU B 1088 -39.71 35.44 12.72
CA LEU B 1088 -38.75 34.62 11.99
C LEU B 1088 -38.32 35.27 10.69
N THR B 1089 -39.29 35.84 9.97
CA THR B 1089 -39.01 36.51 8.70
C THR B 1089 -38.10 37.71 8.90
N LYS B 1090 -38.34 38.48 9.96
CA LYS B 1090 -37.50 39.62 10.30
C LYS B 1090 -36.10 39.17 10.64
N HIS B 1091 -36.00 38.00 11.29
CA HIS B 1091 -34.72 37.44 11.65
C HIS B 1091 -33.95 37.03 10.39
N VAL B 1092 -34.68 36.50 9.42
CA VAL B 1092 -34.09 36.11 8.14
C VAL B 1092 -33.54 37.33 7.42
N ARG B 1093 -34.32 38.40 7.39
CA ARG B 1093 -33.90 39.65 6.75
C ARG B 1093 -32.65 40.20 7.40
N ARG B 1094 -32.61 40.16 8.73
CA ARG B 1094 -31.47 40.66 9.48
C ARG B 1094 -30.22 39.82 9.21
N THR B 1095 -30.42 38.52 8.99
CA THR B 1095 -29.32 37.62 8.68
C THR B 1095 -28.73 37.97 7.33
N PHE B 1096 -29.62 38.20 6.35
CA PHE B 1096 -29.20 38.58 5.00
C PHE B 1096 -28.45 39.90 4.98
N GLN B 1097 -28.97 40.88 5.72
CA GLN B 1097 -28.35 42.19 5.83
C GLN B 1097 -26.94 42.09 6.41
N GLU B 1098 -26.82 41.42 7.54
CA GLU B 1098 -25.54 41.27 8.22
C GLU B 1098 -24.55 40.47 7.41
N ALA B 1099 -25.04 39.42 6.74
CA ALA B 1099 -24.19 38.56 5.93
C ALA B 1099 -23.63 39.34 4.74
N GLY B 1100 -24.51 40.03 4.03
CA GLY B 1100 -24.11 40.85 2.91
C GLY B 1100 -23.14 41.94 3.31
N GLU B 1101 -23.34 42.49 4.50
CA GLU B 1101 -22.46 43.51 5.05
C GLU B 1101 -21.04 42.97 5.23
N GLN B 1102 -20.95 41.81 5.88
CA GLN B 1102 -19.66 41.17 6.14
C GLN B 1102 -19.00 40.68 4.85
N ILE B 1103 -19.81 40.41 3.84
CA ILE B 1103 -19.29 39.98 2.55
C ILE B 1103 -18.60 41.14 1.83
N THR B 1104 -19.26 42.30 1.81
CA THR B 1104 -18.70 43.49 1.17
C THR B 1104 -17.50 44.03 1.94
N ASP B 1105 -17.48 43.79 3.25
CA ASP B 1105 -16.37 44.23 4.09
C ASP B 1105 -15.13 43.41 3.80
N GLY B 1106 -15.32 42.25 3.18
CA GLY B 1106 -14.21 41.41 2.76
C GLY B 1106 -13.89 40.29 3.73
N ARG B 1107 -14.81 40.01 4.65
CA ARG B 1107 -14.60 38.95 5.62
C ARG B 1107 -14.57 37.58 4.94
N VAL B 1108 -13.42 36.94 5.01
CA VAL B 1108 -13.23 35.65 4.35
C VAL B 1108 -12.52 34.66 5.28
N SER B 1109 -12.69 34.85 6.58
CA SER B 1109 -12.02 34.00 7.57
C SER B 1109 -12.55 32.57 7.54
N ILE B 1110 -11.73 31.63 8.03
CA ILE B 1110 -12.13 30.24 8.09
C ILE B 1110 -12.83 29.96 9.43
N GLU B 1111 -14.16 29.99 9.41
CA GLU B 1111 -14.93 29.78 10.63
C GLU B 1111 -16.07 28.79 10.42
N PRO B 1112 -15.75 27.49 10.53
CA PRO B 1112 -16.76 26.43 10.40
C PRO B 1112 -17.49 26.21 11.72
N TYR B 1113 -18.70 25.64 11.67
CA TYR B 1113 -19.46 25.36 12.87
C TYR B 1113 -19.43 23.88 13.22
N LYS B 1114 -19.86 23.56 14.43
CA LYS B 1114 -19.99 22.17 14.85
C LYS B 1114 -21.20 22.00 15.74
N MET B 1115 -22.34 21.72 15.13
CA MET B 1115 -23.58 21.54 15.85
C MET B 1115 -24.10 20.12 15.68
N LYS B 1116 -24.48 19.48 16.79
CA LYS B 1116 -25.02 18.12 16.79
C LYS B 1116 -24.02 17.14 16.19
N ASN B 1117 -22.74 17.32 16.50
CA ASN B 1117 -21.67 16.50 15.94
C ASN B 1117 -21.65 16.51 14.42
N LYS B 1118 -22.13 17.59 13.82
CA LYS B 1118 -22.13 17.72 12.38
C LYS B 1118 -21.29 18.91 11.93
N THR B 1119 -20.49 18.70 10.90
CA THR B 1119 -19.67 19.77 10.34
C THR B 1119 -19.96 19.95 8.85
N PRO B 1120 -19.98 21.21 8.40
CA PRO B 1120 -20.17 21.49 6.97
C PRO B 1120 -18.96 21.09 6.16
N CYS B 1121 -17.84 20.87 6.84
CA CYS B 1121 -16.59 20.47 6.20
C CYS B 1121 -16.69 19.13 5.47
N THR B 1122 -17.64 18.30 5.90
CA THR B 1122 -17.82 16.98 5.30
C THR B 1122 -18.43 17.05 3.90
N TYR B 1123 -19.25 18.07 3.67
CA TYR B 1123 -19.89 18.27 2.36
C TYR B 1123 -19.12 19.27 1.51
N CYS B 1124 -17.99 19.77 2.01
CA CYS B 1124 -17.24 20.81 1.32
C CYS B 1124 -16.04 20.25 0.55
N ALA B 1125 -15.74 20.85 -0.59
CA ALA B 1125 -14.66 20.38 -1.46
C ALA B 1125 -13.41 21.26 -1.35
N PHE B 1126 -13.47 22.26 -0.49
CA PHE B 1126 -12.39 23.22 -0.33
C PHE B 1126 -11.52 22.87 0.88
N LYS B 1127 -11.54 21.61 1.26
CA LYS B 1127 -10.81 21.16 2.44
C LYS B 1127 -9.30 21.27 2.23
N SER B 1128 -8.86 21.11 1.00
CA SER B 1128 -7.44 21.20 0.68
C SER B 1128 -7.03 22.65 0.44
N VAL B 1129 -8.01 23.52 0.24
CA VAL B 1129 -7.75 24.93 -0.01
C VAL B 1129 -7.65 25.71 1.30
N CYS B 1130 -8.63 25.50 2.18
CA CYS B 1130 -8.64 26.14 3.48
C CYS B 1130 -7.48 25.66 4.35
N GLN B 1131 -7.13 24.39 4.19
CA GLN B 1131 -6.05 23.77 4.96
C GLN B 1131 -6.31 23.89 6.46
N PHE B 1132 -7.56 23.67 6.85
CA PHE B 1132 -7.97 23.77 8.25
C PHE B 1132 -7.24 22.76 9.12
N ASP B 1133 -6.69 23.23 10.24
CA ASP B 1133 -6.00 22.36 11.18
C ASP B 1133 -6.40 22.74 12.61
N GLU B 1134 -7.16 21.86 13.25
CA GLU B 1134 -7.69 22.14 14.58
C GLU B 1134 -6.60 22.15 15.64
N SER B 1135 -5.59 21.29 15.47
CA SER B 1135 -4.46 21.23 16.38
C SER B 1135 -3.72 22.56 16.35
N LEU B 1136 -3.58 23.11 15.15
CA LEU B 1136 -2.99 24.43 14.97
C LEU B 1136 -3.91 25.49 15.60
N GLU B 1137 -3.37 26.28 16.51
CA GLU B 1137 -4.14 27.27 17.25
C GLU B 1137 -4.67 28.36 16.32
N GLU B 1138 -5.63 29.14 16.82
CA GLU B 1138 -6.35 30.17 16.06
C GLU B 1138 -7.31 29.53 15.06
N ASN B 1139 -7.27 28.20 14.97
CA ASN B 1139 -8.15 27.45 14.07
C ASN B 1139 -9.06 26.50 14.83
N GLU B 1140 -10.28 26.95 15.12
CA GLU B 1140 -11.24 26.15 15.89
C GLU B 1140 -12.64 26.25 15.30
N TYR B 1141 -13.45 25.23 15.55
CA TYR B 1141 -14.85 25.22 15.11
C TYR B 1141 -15.68 26.23 15.88
N ARG B 1142 -16.89 26.49 15.40
CA ARG B 1142 -17.82 27.35 16.12
C ARG B 1142 -18.93 26.52 16.75
N PRO B 1143 -18.81 26.26 18.07
CA PRO B 1143 -19.78 25.44 18.80
C PRO B 1143 -21.15 26.10 18.88
N LEU B 1144 -22.13 25.54 18.17
CA LEU B 1144 -23.48 26.08 18.17
C LEU B 1144 -24.40 25.24 19.06
N LYS B 1145 -24.93 25.87 20.11
CA LYS B 1145 -25.83 25.18 21.02
C LYS B 1145 -27.17 24.88 20.36
N ALA B 1146 -27.49 23.59 20.22
CA ALA B 1146 -28.74 23.18 19.62
C ALA B 1146 -29.88 23.30 20.62
N GLU B 1147 -30.41 24.51 20.78
CA GLU B 1147 -31.49 24.77 21.71
C GLU B 1147 -32.86 24.45 21.12
N LYS B 1148 -33.87 24.38 21.98
CA LYS B 1148 -35.24 24.11 21.57
C LYS B 1148 -35.85 25.33 20.90
N ASP B 1149 -36.94 25.11 20.17
CA ASP B 1149 -37.56 26.16 19.36
C ASP B 1149 -37.93 27.38 20.20
N LYS B 1150 -38.51 27.15 21.36
CA LYS B 1150 -38.94 28.23 22.24
C LYS B 1150 -37.76 29.08 22.70
N THR B 1151 -36.62 28.43 22.91
CA THR B 1151 -35.42 29.15 23.31
C THR B 1151 -34.92 30.02 22.17
N ILE B 1152 -35.02 29.50 20.95
CA ILE B 1152 -34.62 30.24 19.77
C ILE B 1152 -35.52 31.47 19.59
N LEU B 1153 -36.82 31.25 19.63
CA LEU B 1153 -37.78 32.34 19.44
C LEU B 1153 -37.62 33.40 20.53
N GLU B 1154 -37.21 32.96 21.71
CA GLU B 1154 -36.98 33.87 22.83
C GLU B 1154 -35.74 34.72 22.57
N TRP B 1155 -34.75 34.11 21.92
CA TRP B 1155 -33.55 34.82 21.53
C TRP B 1155 -33.84 35.85 20.45
N ILE B 1156 -34.70 35.50 19.50
CA ILE B 1156 -35.07 36.40 18.43
C ILE B 1156 -35.90 37.55 18.98
N LYS B 1157 -36.65 37.27 20.04
CA LYS B 1157 -37.46 38.29 20.70
C LYS B 1157 -36.59 39.25 21.51
N LYS B 1158 -35.54 38.73 22.13
CA LYS B 1158 -34.67 39.56 22.95
C LYS B 1158 -33.75 40.41 22.07
N GLU B 1159 -33.52 39.94 20.85
CA GLU B 1159 -32.75 40.70 19.87
C GLU B 1159 -33.58 41.83 19.31
N ALA B 1160 -34.90 41.63 19.30
CA ALA B 1160 -35.83 42.65 18.84
C ALA B 1160 -35.97 43.76 19.87
FE1 SF4 D . -15.18 24.08 3.62
FE2 SF4 D . -14.70 26.18 5.86
FE3 SF4 D . -12.43 24.27 4.97
FE4 SF4 D . -14.84 23.17 6.54
S1 SF4 D . -13.39 24.77 6.88
S2 SF4 D . -13.88 22.66 4.65
S3 SF4 D . -16.16 24.59 5.51
S4 SF4 D . -13.75 25.69 3.96
#